data_4UMG
# 
_entry.id   4UMG 
# 
_audit_conform.dict_name       mmcif_pdbx.dic 
_audit_conform.dict_version    5.391 
_audit_conform.dict_location   http://mmcif.pdb.org/dictionaries/ascii/mmcif_pdbx.dic 
# 
loop_
_database_2.database_id 
_database_2.database_code 
_database_2.pdbx_database_accession 
_database_2.pdbx_DOI 
PDB   4UMG         pdb_00004umg 10.2210/pdb4umg/pdb 
PDBE  EBI-60664    ?            ?                   
WWPDB D_1290060664 ?            ?                   
# 
loop_
_pdbx_audit_revision_history.ordinal 
_pdbx_audit_revision_history.data_content_type 
_pdbx_audit_revision_history.major_revision 
_pdbx_audit_revision_history.minor_revision 
_pdbx_audit_revision_history.revision_date 
1 'Structure model' 1 0 2014-10-01 
2 'Structure model' 1 1 2024-05-08 
# 
_pdbx_audit_revision_details.ordinal             1 
_pdbx_audit_revision_details.revision_ordinal    1 
_pdbx_audit_revision_details.data_content_type   'Structure model' 
_pdbx_audit_revision_details.provider            repository 
_pdbx_audit_revision_details.type                'Initial release' 
_pdbx_audit_revision_details.description         ? 
_pdbx_audit_revision_details.details             ? 
# 
loop_
_pdbx_audit_revision_group.ordinal 
_pdbx_audit_revision_group.revision_ordinal 
_pdbx_audit_revision_group.data_content_type 
_pdbx_audit_revision_group.group 
1 2 'Structure model' 'Data collection'     
2 2 'Structure model' 'Database references' 
3 2 'Structure model' Other                 
# 
loop_
_pdbx_audit_revision_category.ordinal 
_pdbx_audit_revision_category.revision_ordinal 
_pdbx_audit_revision_category.data_content_type 
_pdbx_audit_revision_category.category 
1 2 'Structure model' chem_comp_atom       
2 2 'Structure model' chem_comp_bond       
3 2 'Structure model' database_2           
4 2 'Structure model' pdbx_database_status 
# 
loop_
_pdbx_audit_revision_item.ordinal 
_pdbx_audit_revision_item.revision_ordinal 
_pdbx_audit_revision_item.data_content_type 
_pdbx_audit_revision_item.item 
1 2 'Structure model' '_database_2.pdbx_DOI'                 
2 2 'Structure model' '_database_2.pdbx_database_accession'  
3 2 'Structure model' '_pdbx_database_status.status_code_sf' 
# 
_pdbx_database_status.status_code                     REL 
_pdbx_database_status.entry_id                        4UMG 
_pdbx_database_status.deposit_site                    PDBE 
_pdbx_database_status.process_site                    PDBE 
_pdbx_database_status.SG_entry                        . 
_pdbx_database_status.recvd_initial_deposition_date   2014-05-16 
_pdbx_database_status.pdb_format_compatible           Y 
_pdbx_database_status.status_code_sf                  REL 
_pdbx_database_status.status_code_mr                  ? 
_pdbx_database_status.status_code_cs                  ? 
_pdbx_database_status.methods_development_category    ? 
_pdbx_database_status.status_code_nmr_data            ? 
# 
loop_
_audit_author.name 
_audit_author.pdbx_ordinal 
'Tocchini, C.' 1 
'Keusch, J.J.' 2 
'Miller, S.B.' 3 
'Finger, S.'   4 
'Gut, H.'      5 
'Stadler, M.'  6 
'Ciosk, R.'    7 
# 
_citation.id                        primary 
_citation.title                     
'The Trim-Nhl Protein Lin-41 Controls the Onset of Developmental Plasticity in Caenorhabditis Elegans.' 
_citation.journal_abbrev            'Plos Genet.' 
_citation.journal_volume            10 
_citation.page_first                4533 
_citation.page_last                 ? 
_citation.year                      2014 
_citation.journal_id_ASTM           ? 
_citation.country                   US 
_citation.journal_id_ISSN           1553-7390 
_citation.journal_id_CSD            ? 
_citation.book_publisher            ? 
_citation.pdbx_database_id_PubMed   25167051 
_citation.pdbx_database_id_DOI      10.1371/JOURNAL.PGEN.1004533 
# 
loop_
_citation_author.citation_id 
_citation_author.name 
_citation_author.ordinal 
_citation_author.identifier_ORCID 
primary 'Tocchini, C.'  1 ? 
primary 'Keusch, J.J.'  2 ? 
primary 'Miller, S.B.'  3 ? 
primary 'Finger, S.'    4 ? 
primary 'Gut, H.'       5 ? 
primary 'Stadler, M.B.' 6 ? 
primary 'Ciosk, R.'     7 ? 
# 
loop_
_entity.id 
_entity.type 
_entity.src_method 
_entity.pdbx_description 
_entity.formula_weight 
_entity.pdbx_number_of_molecules 
_entity.pdbx_ec 
_entity.pdbx_mutation 
_entity.pdbx_fragment 
_entity.details 
1 polymer man 'PROTEIN LIN-41' 14230.052 1  ? ? 'FILAMIN DOMAIN, RESIDUES 691-821' 'LIN-41 ISOFORM B OF UNIPROT ENTRY Q9U489' 
2 water   nat water            18.015    81 ? ? ?                                  ?                                          
# 
_entity_name_com.entity_id   1 
_entity_name_com.name        'ABNORMAL CELL LINEAGE PROTEIN 41, LIN-41' 
# 
_entity_poly.entity_id                      1 
_entity_poly.type                           'polypeptide(L)' 
_entity_poly.nstd_linkage                   no 
_entity_poly.nstd_monomer                   no 
_entity_poly.pdbx_seq_one_letter_code       
;GPSGPCAKNSSIVGDSFKKAIRERQTVIYVQLRDACGDLLSSSIAATQPTSQALLPHQEPHSHLEQAMPTSDVQAFVISP
DGSTVEVTMTPRENGIVALSYYPSIEGSYTLNILVKGTPISGCPTTMDIRRGR
;
_entity_poly.pdbx_seq_one_letter_code_can   
;GPSGPCAKNSSIVGDSFKKAIRERQTVIYVQLRDACGDLLSSSIAATQPTSQALLPHQEPHSHLEQAMPTSDVQAFVISP
DGSTVEVTMTPRENGIVALSYYPSIEGSYTLNILVKGTPISGCPTTMDIRRGR
;
_entity_poly.pdbx_strand_id                 A 
_entity_poly.pdbx_target_identifier         ? 
# 
_pdbx_entity_nonpoly.entity_id   2 
_pdbx_entity_nonpoly.name        water 
_pdbx_entity_nonpoly.comp_id     HOH 
# 
loop_
_entity_poly_seq.entity_id 
_entity_poly_seq.num 
_entity_poly_seq.mon_id 
_entity_poly_seq.hetero 
1 1   GLY n 
1 2   PRO n 
1 3   SER n 
1 4   GLY n 
1 5   PRO n 
1 6   CYS n 
1 7   ALA n 
1 8   LYS n 
1 9   ASN n 
1 10  SER n 
1 11  SER n 
1 12  ILE n 
1 13  VAL n 
1 14  GLY n 
1 15  ASP n 
1 16  SER n 
1 17  PHE n 
1 18  LYS n 
1 19  LYS n 
1 20  ALA n 
1 21  ILE n 
1 22  ARG n 
1 23  GLU n 
1 24  ARG n 
1 25  GLN n 
1 26  THR n 
1 27  VAL n 
1 28  ILE n 
1 29  TYR n 
1 30  VAL n 
1 31  GLN n 
1 32  LEU n 
1 33  ARG n 
1 34  ASP n 
1 35  ALA n 
1 36  CYS n 
1 37  GLY n 
1 38  ASP n 
1 39  LEU n 
1 40  LEU n 
1 41  SER n 
1 42  SER n 
1 43  SER n 
1 44  ILE n 
1 45  ALA n 
1 46  ALA n 
1 47  THR n 
1 48  GLN n 
1 49  PRO n 
1 50  THR n 
1 51  SER n 
1 52  GLN n 
1 53  ALA n 
1 54  LEU n 
1 55  LEU n 
1 56  PRO n 
1 57  HIS n 
1 58  GLN n 
1 59  GLU n 
1 60  PRO n 
1 61  HIS n 
1 62  SER n 
1 63  HIS n 
1 64  LEU n 
1 65  GLU n 
1 66  GLN n 
1 67  ALA n 
1 68  MET n 
1 69  PRO n 
1 70  THR n 
1 71  SER n 
1 72  ASP n 
1 73  VAL n 
1 74  GLN n 
1 75  ALA n 
1 76  PHE n 
1 77  VAL n 
1 78  ILE n 
1 79  SER n 
1 80  PRO n 
1 81  ASP n 
1 82  GLY n 
1 83  SER n 
1 84  THR n 
1 85  VAL n 
1 86  GLU n 
1 87  VAL n 
1 88  THR n 
1 89  MET n 
1 90  THR n 
1 91  PRO n 
1 92  ARG n 
1 93  GLU n 
1 94  ASN n 
1 95  GLY n 
1 96  ILE n 
1 97  VAL n 
1 98  ALA n 
1 99  LEU n 
1 100 SER n 
1 101 TYR n 
1 102 TYR n 
1 103 PRO n 
1 104 SER n 
1 105 ILE n 
1 106 GLU n 
1 107 GLY n 
1 108 SER n 
1 109 TYR n 
1 110 THR n 
1 111 LEU n 
1 112 ASN n 
1 113 ILE n 
1 114 LEU n 
1 115 VAL n 
1 116 LYS n 
1 117 GLY n 
1 118 THR n 
1 119 PRO n 
1 120 ILE n 
1 121 SER n 
1 122 GLY n 
1 123 CYS n 
1 124 PRO n 
1 125 THR n 
1 126 THR n 
1 127 MET n 
1 128 ASP n 
1 129 ILE n 
1 130 ARG n 
1 131 ARG n 
1 132 GLY n 
1 133 ARG n 
# 
_entity_src_gen.entity_id                          1 
_entity_src_gen.pdbx_src_id                        1 
_entity_src_gen.pdbx_alt_source_flag               sample 
_entity_src_gen.pdbx_seq_type                      ? 
_entity_src_gen.pdbx_beg_seq_num                   ? 
_entity_src_gen.pdbx_end_seq_num                   ? 
_entity_src_gen.gene_src_common_name               ? 
_entity_src_gen.gene_src_genus                     ? 
_entity_src_gen.pdbx_gene_src_gene                 ? 
_entity_src_gen.gene_src_species                   ? 
_entity_src_gen.gene_src_strain                    ? 
_entity_src_gen.gene_src_tissue                    ? 
_entity_src_gen.gene_src_tissue_fraction           ? 
_entity_src_gen.gene_src_details                   ? 
_entity_src_gen.pdbx_gene_src_fragment             ? 
_entity_src_gen.pdbx_gene_src_scientific_name      'CAENORHABDITIS ELEGANS' 
_entity_src_gen.pdbx_gene_src_ncbi_taxonomy_id     6239 
_entity_src_gen.pdbx_gene_src_variant              ? 
_entity_src_gen.pdbx_gene_src_cell_line            ? 
_entity_src_gen.pdbx_gene_src_atcc                 ? 
_entity_src_gen.pdbx_gene_src_organ                ? 
_entity_src_gen.pdbx_gene_src_organelle            ? 
_entity_src_gen.pdbx_gene_src_cell                 ? 
_entity_src_gen.pdbx_gene_src_cellular_location    ? 
_entity_src_gen.host_org_common_name               ? 
_entity_src_gen.pdbx_host_org_scientific_name      'ESCHERICHIA COLI' 
_entity_src_gen.pdbx_host_org_ncbi_taxonomy_id     469008 
_entity_src_gen.host_org_genus                     ? 
_entity_src_gen.pdbx_host_org_gene                 ? 
_entity_src_gen.pdbx_host_org_organ                ? 
_entity_src_gen.host_org_species                   ? 
_entity_src_gen.pdbx_host_org_tissue               ? 
_entity_src_gen.pdbx_host_org_tissue_fraction      ? 
_entity_src_gen.pdbx_host_org_strain               'BL21(DE3)' 
_entity_src_gen.pdbx_host_org_variant              ? 
_entity_src_gen.pdbx_host_org_cell_line            ? 
_entity_src_gen.pdbx_host_org_atcc                 ? 
_entity_src_gen.pdbx_host_org_culture_collection   ? 
_entity_src_gen.pdbx_host_org_cell                 ? 
_entity_src_gen.pdbx_host_org_organelle            ? 
_entity_src_gen.pdbx_host_org_cellular_location    ? 
_entity_src_gen.pdbx_host_org_vector_type          PLASMID 
_entity_src_gen.pdbx_host_org_vector               POPINF 
_entity_src_gen.host_org_details                   ? 
_entity_src_gen.expression_system_id               ? 
_entity_src_gen.plasmid_name                       ? 
_entity_src_gen.plasmid_details                    ? 
_entity_src_gen.pdbx_description                   ? 
# 
loop_
_chem_comp.id 
_chem_comp.type 
_chem_comp.mon_nstd_flag 
_chem_comp.name 
_chem_comp.pdbx_synonyms 
_chem_comp.formula 
_chem_comp.formula_weight 
ALA 'L-peptide linking' y ALANINE         ? 'C3 H7 N O2'     89.093  
ARG 'L-peptide linking' y ARGININE        ? 'C6 H15 N4 O2 1' 175.209 
ASN 'L-peptide linking' y ASPARAGINE      ? 'C4 H8 N2 O3'    132.118 
ASP 'L-peptide linking' y 'ASPARTIC ACID' ? 'C4 H7 N O4'     133.103 
CYS 'L-peptide linking' y CYSTEINE        ? 'C3 H7 N O2 S'   121.158 
GLN 'L-peptide linking' y GLUTAMINE       ? 'C5 H10 N2 O3'   146.144 
GLU 'L-peptide linking' y 'GLUTAMIC ACID' ? 'C5 H9 N O4'     147.129 
GLY 'peptide linking'   y GLYCINE         ? 'C2 H5 N O2'     75.067  
HIS 'L-peptide linking' y HISTIDINE       ? 'C6 H10 N3 O2 1' 156.162 
HOH non-polymer         . WATER           ? 'H2 O'           18.015  
ILE 'L-peptide linking' y ISOLEUCINE      ? 'C6 H13 N O2'    131.173 
LEU 'L-peptide linking' y LEUCINE         ? 'C6 H13 N O2'    131.173 
LYS 'L-peptide linking' y LYSINE          ? 'C6 H15 N2 O2 1' 147.195 
MET 'L-peptide linking' y METHIONINE      ? 'C5 H11 N O2 S'  149.211 
PHE 'L-peptide linking' y PHENYLALANINE   ? 'C9 H11 N O2'    165.189 
PRO 'L-peptide linking' y PROLINE         ? 'C5 H9 N O2'     115.130 
SER 'L-peptide linking' y SERINE          ? 'C3 H7 N O3'     105.093 
THR 'L-peptide linking' y THREONINE       ? 'C4 H9 N O3'     119.119 
TYR 'L-peptide linking' y TYROSINE        ? 'C9 H11 N O3'    181.189 
VAL 'L-peptide linking' y VALINE          ? 'C5 H11 N O2'    117.146 
# 
loop_
_pdbx_poly_seq_scheme.asym_id 
_pdbx_poly_seq_scheme.entity_id 
_pdbx_poly_seq_scheme.seq_id 
_pdbx_poly_seq_scheme.mon_id 
_pdbx_poly_seq_scheme.ndb_seq_num 
_pdbx_poly_seq_scheme.pdb_seq_num 
_pdbx_poly_seq_scheme.auth_seq_num 
_pdbx_poly_seq_scheme.pdb_mon_id 
_pdbx_poly_seq_scheme.auth_mon_id 
_pdbx_poly_seq_scheme.pdb_strand_id 
_pdbx_poly_seq_scheme.pdb_ins_code 
_pdbx_poly_seq_scheme.hetero 
A 1 1   GLY 1   689 ?   ?   ?   A . n 
A 1 2   PRO 2   690 ?   ?   ?   A . n 
A 1 3   SER 3   691 691 SER SER A . n 
A 1 4   GLY 4   692 692 GLY GLY A . n 
A 1 5   PRO 5   693 693 PRO PRO A . n 
A 1 6   CYS 6   694 694 CYS CYS A . n 
A 1 7   ALA 7   695 695 ALA ALA A . n 
A 1 8   LYS 8   696 696 LYS LYS A . n 
A 1 9   ASN 9   697 697 ASN ASN A . n 
A 1 10  SER 10  698 698 SER SER A . n 
A 1 11  SER 11  699 699 SER SER A . n 
A 1 12  ILE 12  700 700 ILE ILE A . n 
A 1 13  VAL 13  701 701 VAL VAL A . n 
A 1 14  GLY 14  702 702 GLY GLY A . n 
A 1 15  ASP 15  703 703 ASP ASP A . n 
A 1 16  SER 16  704 704 SER SER A . n 
A 1 17  PHE 17  705 705 PHE PHE A . n 
A 1 18  LYS 18  706 706 LYS LYS A . n 
A 1 19  LYS 19  707 707 LYS LYS A . n 
A 1 20  ALA 20  708 708 ALA ALA A . n 
A 1 21  ILE 21  709 709 ILE ILE A . n 
A 1 22  ARG 22  710 710 ARG ARG A . n 
A 1 23  GLU 23  711 711 GLU GLU A . n 
A 1 24  ARG 24  712 712 ARG ARG A . n 
A 1 25  GLN 25  713 713 GLN GLN A . n 
A 1 26  THR 26  714 714 THR THR A . n 
A 1 27  VAL 27  715 715 VAL VAL A . n 
A 1 28  ILE 28  716 716 ILE ILE A . n 
A 1 29  TYR 29  717 717 TYR TYR A . n 
A 1 30  VAL 30  718 718 VAL VAL A . n 
A 1 31  GLN 31  719 719 GLN GLN A . n 
A 1 32  LEU 32  720 720 LEU LEU A . n 
A 1 33  ARG 33  721 721 ARG ARG A . n 
A 1 34  ASP 34  722 722 ASP ASP A . n 
A 1 35  ALA 35  723 723 ALA ALA A . n 
A 1 36  CYS 36  724 724 CYS CYS A . n 
A 1 37  GLY 37  725 725 GLY GLY A . n 
A 1 38  ASP 38  726 726 ASP ASP A . n 
A 1 39  LEU 39  727 727 LEU LEU A . n 
A 1 40  LEU 40  728 728 LEU LEU A . n 
A 1 41  SER 41  729 729 SER SER A . n 
A 1 42  SER 42  730 ?   ?   ?   A . n 
A 1 43  SER 43  731 ?   ?   ?   A . n 
A 1 44  ILE 44  732 ?   ?   ?   A . n 
A 1 45  ALA 45  733 ?   ?   ?   A . n 
A 1 46  ALA 46  734 ?   ?   ?   A . n 
A 1 47  THR 47  735 ?   ?   ?   A . n 
A 1 48  GLN 48  736 ?   ?   ?   A . n 
A 1 49  PRO 49  737 ?   ?   ?   A . n 
A 1 50  THR 50  738 ?   ?   ?   A . n 
A 1 51  SER 51  739 ?   ?   ?   A . n 
A 1 52  GLN 52  740 ?   ?   ?   A . n 
A 1 53  ALA 53  741 ?   ?   ?   A . n 
A 1 54  LEU 54  742 ?   ?   ?   A . n 
A 1 55  LEU 55  743 ?   ?   ?   A . n 
A 1 56  PRO 56  744 ?   ?   ?   A . n 
A 1 57  HIS 57  745 ?   ?   ?   A . n 
A 1 58  GLN 58  746 ?   ?   ?   A . n 
A 1 59  GLU 59  747 ?   ?   ?   A . n 
A 1 60  PRO 60  748 ?   ?   ?   A . n 
A 1 61  HIS 61  749 ?   ?   ?   A . n 
A 1 62  SER 62  750 ?   ?   ?   A . n 
A 1 63  HIS 63  751 ?   ?   ?   A . n 
A 1 64  LEU 64  752 ?   ?   ?   A . n 
A 1 65  GLU 65  753 ?   ?   ?   A . n 
A 1 66  GLN 66  754 ?   ?   ?   A . n 
A 1 67  ALA 67  755 ?   ?   ?   A . n 
A 1 68  MET 68  756 ?   ?   ?   A . n 
A 1 69  PRO 69  757 ?   ?   ?   A . n 
A 1 70  THR 70  758 758 THR THR A . n 
A 1 71  SER 71  759 759 SER SER A . n 
A 1 72  ASP 72  760 760 ASP ASP A . n 
A 1 73  VAL 73  761 761 VAL VAL A . n 
A 1 74  GLN 74  762 762 GLN GLN A . n 
A 1 75  ALA 75  763 763 ALA ALA A . n 
A 1 76  PHE 76  764 764 PHE PHE A . n 
A 1 77  VAL 77  765 765 VAL VAL A . n 
A 1 78  ILE 78  766 766 ILE ILE A . n 
A 1 79  SER 79  767 767 SER SER A . n 
A 1 80  PRO 80  768 768 PRO PRO A . n 
A 1 81  ASP 81  769 769 ASP ASP A . n 
A 1 82  GLY 82  770 770 GLY GLY A . n 
A 1 83  SER 83  771 771 SER SER A . n 
A 1 84  THR 84  772 772 THR THR A . n 
A 1 85  VAL 85  773 773 VAL VAL A . n 
A 1 86  GLU 86  774 774 GLU GLU A . n 
A 1 87  VAL 87  775 775 VAL VAL A . n 
A 1 88  THR 88  776 776 THR THR A . n 
A 1 89  MET 89  777 777 MET MET A . n 
A 1 90  THR 90  778 778 THR THR A . n 
A 1 91  PRO 91  779 779 PRO PRO A . n 
A 1 92  ARG 92  780 780 ARG ARG A . n 
A 1 93  GLU 93  781 781 GLU GLU A . n 
A 1 94  ASN 94  782 782 ASN ASN A . n 
A 1 95  GLY 95  783 783 GLY GLY A . n 
A 1 96  ILE 96  784 784 ILE ILE A . n 
A 1 97  VAL 97  785 785 VAL VAL A . n 
A 1 98  ALA 98  786 786 ALA ALA A . n 
A 1 99  LEU 99  787 787 LEU LEU A . n 
A 1 100 SER 100 788 788 SER SER A . n 
A 1 101 TYR 101 789 789 TYR TYR A . n 
A 1 102 TYR 102 790 790 TYR TYR A . n 
A 1 103 PRO 103 791 791 PRO PRO A . n 
A 1 104 SER 104 792 792 SER SER A . n 
A 1 105 ILE 105 793 793 ILE ILE A . n 
A 1 106 GLU 106 794 794 GLU GLU A . n 
A 1 107 GLY 107 795 795 GLY GLY A . n 
A 1 108 SER 108 796 796 SER SER A . n 
A 1 109 TYR 109 797 797 TYR TYR A . n 
A 1 110 THR 110 798 798 THR THR A . n 
A 1 111 LEU 111 799 799 LEU LEU A . n 
A 1 112 ASN 112 800 800 ASN ASN A . n 
A 1 113 ILE 113 801 801 ILE ILE A . n 
A 1 114 LEU 114 802 802 LEU LEU A . n 
A 1 115 VAL 115 803 803 VAL VAL A . n 
A 1 116 LYS 116 804 804 LYS LYS A . n 
A 1 117 GLY 117 805 805 GLY GLY A . n 
A 1 118 THR 118 806 806 THR THR A . n 
A 1 119 PRO 119 807 807 PRO PRO A . n 
A 1 120 ILE 120 808 808 ILE ILE A . n 
A 1 121 SER 121 809 809 SER SER A . n 
A 1 122 GLY 122 810 810 GLY GLY A . n 
A 1 123 CYS 123 811 811 CYS CYS A . n 
A 1 124 PRO 124 812 812 PRO PRO A . n 
A 1 125 THR 125 813 813 THR THR A . n 
A 1 126 THR 126 814 814 THR THR A . n 
A 1 127 MET 127 815 815 MET MET A . n 
A 1 128 ASP 128 816 816 ASP ASP A . n 
A 1 129 ILE 129 817 817 ILE ILE A . n 
A 1 130 ARG 130 818 818 ARG ARG A . n 
A 1 131 ARG 131 819 819 ARG ARG A . n 
A 1 132 GLY 132 820 820 GLY GLY A . n 
A 1 133 ARG 133 821 ?   ?   ?   A . n 
# 
loop_
_pdbx_nonpoly_scheme.asym_id 
_pdbx_nonpoly_scheme.entity_id 
_pdbx_nonpoly_scheme.mon_id 
_pdbx_nonpoly_scheme.ndb_seq_num 
_pdbx_nonpoly_scheme.pdb_seq_num 
_pdbx_nonpoly_scheme.auth_seq_num 
_pdbx_nonpoly_scheme.pdb_mon_id 
_pdbx_nonpoly_scheme.auth_mon_id 
_pdbx_nonpoly_scheme.pdb_strand_id 
_pdbx_nonpoly_scheme.pdb_ins_code 
B 2 HOH 1  2001 2001 HOH HOH A . 
B 2 HOH 2  2002 2002 HOH HOH A . 
B 2 HOH 3  2003 2003 HOH HOH A . 
B 2 HOH 4  2004 2004 HOH HOH A . 
B 2 HOH 5  2005 2005 HOH HOH A . 
B 2 HOH 6  2006 2006 HOH HOH A . 
B 2 HOH 7  2007 2007 HOH HOH A . 
B 2 HOH 8  2008 2008 HOH HOH A . 
B 2 HOH 9  2009 2009 HOH HOH A . 
B 2 HOH 10 2010 2010 HOH HOH A . 
B 2 HOH 11 2011 2011 HOH HOH A . 
B 2 HOH 12 2012 2012 HOH HOH A . 
B 2 HOH 13 2013 2013 HOH HOH A . 
B 2 HOH 14 2014 2014 HOH HOH A . 
B 2 HOH 15 2015 2015 HOH HOH A . 
B 2 HOH 16 2016 2016 HOH HOH A . 
B 2 HOH 17 2017 2017 HOH HOH A . 
B 2 HOH 18 2018 2018 HOH HOH A . 
B 2 HOH 19 2019 2019 HOH HOH A . 
B 2 HOH 20 2020 2020 HOH HOH A . 
B 2 HOH 21 2021 2021 HOH HOH A . 
B 2 HOH 22 2022 2022 HOH HOH A . 
B 2 HOH 23 2023 2023 HOH HOH A . 
B 2 HOH 24 2024 2024 HOH HOH A . 
B 2 HOH 25 2025 2025 HOH HOH A . 
B 2 HOH 26 2026 2026 HOH HOH A . 
B 2 HOH 27 2027 2027 HOH HOH A . 
B 2 HOH 28 2028 2028 HOH HOH A . 
B 2 HOH 29 2029 2029 HOH HOH A . 
B 2 HOH 30 2030 2030 HOH HOH A . 
B 2 HOH 31 2031 2031 HOH HOH A . 
B 2 HOH 32 2032 2032 HOH HOH A . 
B 2 HOH 33 2033 2033 HOH HOH A . 
B 2 HOH 34 2034 2034 HOH HOH A . 
B 2 HOH 35 2035 2035 HOH HOH A . 
B 2 HOH 36 2036 2036 HOH HOH A . 
B 2 HOH 37 2037 2037 HOH HOH A . 
B 2 HOH 38 2038 2038 HOH HOH A . 
B 2 HOH 39 2039 2039 HOH HOH A . 
B 2 HOH 40 2040 2040 HOH HOH A . 
B 2 HOH 41 2041 2041 HOH HOH A . 
B 2 HOH 42 2042 2042 HOH HOH A . 
B 2 HOH 43 2043 2043 HOH HOH A . 
B 2 HOH 44 2044 2044 HOH HOH A . 
B 2 HOH 45 2045 2045 HOH HOH A . 
B 2 HOH 46 2046 2046 HOH HOH A . 
B 2 HOH 47 2047 2047 HOH HOH A . 
B 2 HOH 48 2048 2048 HOH HOH A . 
B 2 HOH 49 2049 2049 HOH HOH A . 
B 2 HOH 50 2050 2050 HOH HOH A . 
B 2 HOH 51 2051 2051 HOH HOH A . 
B 2 HOH 52 2052 2052 HOH HOH A . 
B 2 HOH 53 2053 2053 HOH HOH A . 
B 2 HOH 54 2054 2054 HOH HOH A . 
B 2 HOH 55 2055 2055 HOH HOH A . 
B 2 HOH 56 2056 2056 HOH HOH A . 
B 2 HOH 57 2057 2057 HOH HOH A . 
B 2 HOH 58 2058 2058 HOH HOH A . 
B 2 HOH 59 2059 2059 HOH HOH A . 
B 2 HOH 60 2060 2060 HOH HOH A . 
B 2 HOH 61 2061 2061 HOH HOH A . 
B 2 HOH 62 2062 2062 HOH HOH A . 
B 2 HOH 63 2063 2063 HOH HOH A . 
B 2 HOH 64 2064 2064 HOH HOH A . 
B 2 HOH 65 2065 2065 HOH HOH A . 
B 2 HOH 66 2066 2066 HOH HOH A . 
B 2 HOH 67 2067 2067 HOH HOH A . 
B 2 HOH 68 2068 2068 HOH HOH A . 
B 2 HOH 69 2069 2069 HOH HOH A . 
B 2 HOH 70 2070 2070 HOH HOH A . 
B 2 HOH 71 2071 2071 HOH HOH A . 
B 2 HOH 72 2072 2072 HOH HOH A . 
B 2 HOH 73 2073 2073 HOH HOH A . 
B 2 HOH 74 2074 2074 HOH HOH A . 
B 2 HOH 75 2075 2075 HOH HOH A . 
B 2 HOH 76 2076 2076 HOH HOH A . 
B 2 HOH 77 2077 2077 HOH HOH A . 
B 2 HOH 78 2078 2078 HOH HOH A . 
B 2 HOH 79 2079 2079 HOH HOH A . 
B 2 HOH 80 2080 2080 HOH HOH A . 
B 2 HOH 81 2081 2081 HOH HOH A . 
# 
loop_
_software.name 
_software.classification 
_software.version 
_software.citation_id 
_software.pdbx_ordinal 
BUSTER refinement       2.11.4 ? 1 
XDS    'data reduction' .      ? 2 
XSCALE 'data scaling'   .      ? 3 
PHASER phasing          .      ? 4 
# 
_cell.entry_id           4UMG 
_cell.length_a           44.780 
_cell.length_b           52.110 
_cell.length_c           101.310 
_cell.angle_alpha        90.00 
_cell.angle_beta         90.00 
_cell.angle_gamma        90.00 
_cell.Z_PDB              8 
_cell.pdbx_unique_axis   ? 
# 
_symmetry.entry_id                         4UMG 
_symmetry.space_group_name_H-M             'C 2 2 21' 
_symmetry.pdbx_full_space_group_name_H-M   ? 
_symmetry.cell_setting                     ? 
_symmetry.Int_Tables_number                20 
# 
_exptl.entry_id          4UMG 
_exptl.method            'X-RAY DIFFRACTION' 
_exptl.crystals_number   1 
# 
_exptl_crystal.id                    1 
_exptl_crystal.density_meas          ? 
_exptl_crystal.density_Matthews      2.13 
_exptl_crystal.density_percent_sol   47 
_exptl_crystal.description           NONE 
# 
_exptl_crystal_grow.crystal_id      1 
_exptl_crystal_grow.method          ? 
_exptl_crystal_grow.temp            ? 
_exptl_crystal_grow.temp_details    ? 
_exptl_crystal_grow.pH              ? 
_exptl_crystal_grow.pdbx_pH_range   ? 
_exptl_crystal_grow.pdbx_details    '1.1 M SODIUM MALONATE, 0.1 M HEPES PH 7.0, 0.5% JEFFAMINE ED-2001' 
# 
_diffrn.id                     1 
_diffrn.ambient_temp           100 
_diffrn.ambient_temp_details   ? 
_diffrn.crystal_id             1 
# 
_diffrn_detector.diffrn_id              1 
_diffrn_detector.detector               PIXEL 
_diffrn_detector.type                   'DECTRIS PILATUS 2M' 
_diffrn_detector.pdbx_collection_date   ? 
_diffrn_detector.details                MIRRORS 
# 
_diffrn_radiation.diffrn_id                        1 
_diffrn_radiation.wavelength_id                    1 
_diffrn_radiation.pdbx_monochromatic_or_laue_m_l   M 
_diffrn_radiation.monochromator                    ? 
_diffrn_radiation.pdbx_diffrn_protocol             'SINGLE WAVELENGTH' 
_diffrn_radiation.pdbx_scattering_type             x-ray 
# 
_diffrn_radiation_wavelength.id           1 
_diffrn_radiation_wavelength.wavelength   1.00 
_diffrn_radiation_wavelength.wt           1.0 
# 
_diffrn_source.diffrn_id                   1 
_diffrn_source.source                      SYNCHROTRON 
_diffrn_source.type                        'SLS BEAMLINE X06DA' 
_diffrn_source.pdbx_synchrotron_site       SLS 
_diffrn_source.pdbx_synchrotron_beamline   X06DA 
_diffrn_source.pdbx_wavelength             1.00 
_diffrn_source.pdbx_wavelength_list        ? 
# 
_reflns.pdbx_diffrn_id               1 
_reflns.pdbx_ordinal                 1 
_reflns.entry_id                     4UMG 
_reflns.observed_criterion_sigma_I   -3.0 
_reflns.observed_criterion_sigma_F   ? 
_reflns.d_resolution_low             50.00 
_reflns.d_resolution_high            1.68 
_reflns.number_obs                   13883 
_reflns.number_all                   ? 
_reflns.percent_possible_obs         100.0 
_reflns.pdbx_Rmerge_I_obs            0.04 
_reflns.pdbx_Rsym_value              ? 
_reflns.pdbx_netI_over_sigmaI        20.80 
_reflns.B_iso_Wilson_estimate        31.86 
_reflns.pdbx_redundancy              7.0 
# 
_reflns_shell.pdbx_diffrn_id         1 
_reflns_shell.pdbx_ordinal           1 
_reflns_shell.d_res_high             1.68 
_reflns_shell.d_res_low              1.72 
_reflns_shell.percent_possible_all   100.0 
_reflns_shell.Rmerge_I_obs           0.88 
_reflns_shell.pdbx_Rsym_value        ? 
_reflns_shell.meanI_over_sigI_obs    1.90 
_reflns_shell.pdbx_redundancy        5.9 
# 
_refine.pdbx_refine_id                           'X-RAY DIFFRACTION' 
_refine.entry_id                                 4UMG 
_refine.pdbx_diffrn_id                           1 
_refine.pdbx_TLS_residual_ADP_flag               ? 
_refine.ls_number_reflns_obs                     13854 
_refine.ls_number_reflns_all                     ? 
_refine.pdbx_ls_sigma_I                          ? 
_refine.pdbx_ls_sigma_F                          0.0 
_refine.pdbx_data_cutoff_high_absF               ? 
_refine.pdbx_data_cutoff_low_absF                ? 
_refine.pdbx_data_cutoff_high_rms_absF           ? 
_refine.ls_d_res_low                             14.45 
_refine.ls_d_res_high                            1.68 
_refine.ls_percent_reflns_obs                    99.94 
_refine.ls_R_factor_obs                          0.2199 
_refine.ls_R_factor_all                          ? 
_refine.ls_R_factor_R_work                       0.2187 
_refine.ls_R_factor_R_free                       0.2437 
_refine.ls_R_factor_R_free_error                 ? 
_refine.ls_R_factor_R_free_error_details         ? 
_refine.ls_percent_reflns_R_free                 5.00 
_refine.ls_number_reflns_R_free                  693 
_refine.ls_number_parameters                     ? 
_refine.ls_number_restraints                     ? 
_refine.occupancy_min                            ? 
_refine.occupancy_max                            ? 
_refine.correlation_coeff_Fo_to_Fc               0.9277 
_refine.correlation_coeff_Fo_to_Fc_free          0.8982 
_refine.B_iso_mean                               38.65 
_refine.aniso_B[1][1]                            1.2355 
_refine.aniso_B[2][2]                            1.0422 
_refine.aniso_B[3][3]                            -2.2776 
_refine.aniso_B[1][2]                            0.0000 
_refine.aniso_B[1][3]                            0.0000 
_refine.aniso_B[2][3]                            0.0000 
_refine.solvent_model_details                    ? 
_refine.solvent_model_param_ksol                 ? 
_refine.solvent_model_param_bsol                 ? 
_refine.pdbx_solvent_vdw_probe_radii             ? 
_refine.pdbx_solvent_ion_probe_radii             ? 
_refine.pdbx_solvent_shrinkage_radii             ? 
_refine.pdbx_ls_cross_valid_method               THROUGHOUT 
_refine.details                                  ? 
_refine.pdbx_starting_model                      ? 
_refine.pdbx_method_to_determine_struct          'MOLECULAR REPLACEMENT' 
_refine.pdbx_isotropic_thermal_model             ? 
_refine.pdbx_stereochemistry_target_values       ? 
_refine.pdbx_stereochem_target_val_spec_case     ? 
_refine.pdbx_R_Free_selection_details            RANDOM 
_refine.pdbx_overall_ESU_R                       ? 
_refine.pdbx_overall_ESU_R_Free                  ? 
_refine.overall_SU_ML                            ? 
_refine.pdbx_overall_phase_error                 ? 
_refine.overall_SU_B                             ? 
_refine.overall_SU_R_Cruickshank_DPI             0.104 
_refine.pdbx_overall_SU_R_free_Cruickshank_DPI   0.101 
_refine.pdbx_overall_SU_R_Blow_DPI               0.110 
_refine.pdbx_overall_SU_R_free_Blow_DPI          0.104 
# 
_refine_analyze.pdbx_refine_id                  'X-RAY DIFFRACTION' 
_refine_analyze.entry_id                        4UMG 
_refine_analyze.Luzzati_coordinate_error_obs    0.299 
_refine_analyze.Luzzati_sigma_a_obs             ? 
_refine_analyze.Luzzati_d_res_low_obs           ? 
_refine_analyze.Luzzati_coordinate_error_free   ? 
_refine_analyze.Luzzati_sigma_a_free            ? 
_refine_analyze.Luzzati_d_res_low_free          ? 
_refine_analyze.number_disordered_residues      ? 
_refine_analyze.occupancy_sum_hydrogen          ? 
_refine_analyze.occupancy_sum_non_hydrogen      ? 
# 
_refine_hist.pdbx_refine_id                   'X-RAY DIFFRACTION' 
_refine_hist.cycle_id                         LAST 
_refine_hist.pdbx_number_atoms_protein        762 
_refine_hist.pdbx_number_atoms_nucleic_acid   0 
_refine_hist.pdbx_number_atoms_ligand         0 
_refine_hist.number_atoms_solvent             81 
_refine_hist.number_atoms_total               843 
_refine_hist.d_res_high                       1.68 
_refine_hist.d_res_low                        14.45 
# 
loop_
_refine_ls_restr.type 
_refine_ls_restr.dev_ideal 
_refine_ls_restr.dev_ideal_target 
_refine_ls_restr.weight 
_refine_ls_restr.number 
_refine_ls_restr.pdbx_refine_id 
_refine_ls_restr.pdbx_restraint_function 
t_bond_d                  0.010 ? 2.00  772  'X-RAY DIFFRACTION' HARMONIC     
t_angle_deg               1.11  ? 2.00  1046 'X-RAY DIFFRACTION' HARMONIC     
t_dihedral_angle_d        ?     ? 2.00  266  'X-RAY DIFFRACTION' SINUSOIDAL   
t_incorr_chiral_ct        ?     ? ?     ?    'X-RAY DIFFRACTION' ?            
t_pseud_angle             ?     ? ?     ?    'X-RAY DIFFRACTION' ?            
t_trig_c_planes           ?     ? 2.00  16   'X-RAY DIFFRACTION' HARMONIC     
t_gen_planes              ?     ? 5.00  112  'X-RAY DIFFRACTION' HARMONIC     
t_it                      ?     ? 20.00 772  'X-RAY DIFFRACTION' HARMONIC     
t_nbd                     ?     ? ?     ?    'X-RAY DIFFRACTION' ?            
t_omega_torsion           3.04  ? ?     ?    'X-RAY DIFFRACTION' ?            
t_other_torsion           15.06 ? ?     ?    'X-RAY DIFFRACTION' ?            
t_improper_torsion        ?     ? ?     ?    'X-RAY DIFFRACTION' ?            
t_chiral_improper_torsion ?     ? 5.00  110  'X-RAY DIFFRACTION' SEMIHARMONIC 
t_sum_occupancies         ?     ? ?     ?    'X-RAY DIFFRACTION' ?            
t_utility_distance        ?     ? ?     ?    'X-RAY DIFFRACTION' ?            
t_utility_angle           ?     ? ?     ?    'X-RAY DIFFRACTION' ?            
t_utility_torsion         ?     ? ?     ?    'X-RAY DIFFRACTION' ?            
t_ideal_dist_contact      ?     ? 4.00  981  'X-RAY DIFFRACTION' SEMIHARMONIC 
# 
_refine_ls_shell.pdbx_refine_id                   'X-RAY DIFFRACTION' 
_refine_ls_shell.pdbx_total_number_of_bins_used   7 
_refine_ls_shell.d_res_high                       1.68 
_refine_ls_shell.d_res_low                        1.81 
_refine_ls_shell.number_reflns_R_work             2676 
_refine_ls_shell.R_factor_R_work                  0.2429 
_refine_ls_shell.percent_reflns_obs               99.94 
_refine_ls_shell.R_factor_R_free                  0.2387 
_refine_ls_shell.R_factor_R_free_error            ? 
_refine_ls_shell.percent_reflns_R_free            5.01 
_refine_ls_shell.number_reflns_R_free             141 
_refine_ls_shell.number_reflns_all                2817 
_refine_ls_shell.R_factor_all                     0.2427 
# 
_struct.entry_id                  4UMG 
_struct.title                     'Crystal structure of the Lin-41 filamin domain' 
_struct.pdbx_model_details        ? 
_struct.pdbx_CASP_flag            ? 
_struct.pdbx_model_type_details   ? 
# 
_struct_keywords.entry_id        4UMG 
_struct_keywords.pdbx_keywords   'STRUCTURAL PROTEIN' 
_struct_keywords.text            'STRUCTURAL PROTEIN' 
# 
loop_
_struct_asym.id 
_struct_asym.pdbx_blank_PDB_chainid_flag 
_struct_asym.pdbx_modified 
_struct_asym.entity_id 
_struct_asym.details 
A N N 1 ? 
B N N 2 ? 
# 
_struct_ref.id                         1 
_struct_ref.db_name                    UNP 
_struct_ref.db_code                    LIN41_CAEEL 
_struct_ref.entity_id                  1 
_struct_ref.pdbx_seq_one_letter_code   ? 
_struct_ref.pdbx_align_begin           ? 
_struct_ref.pdbx_db_accession          Q9U489 
_struct_ref.pdbx_db_isoform            ? 
# 
_struct_ref_seq.align_id                      1 
_struct_ref_seq.ref_id                        1 
_struct_ref_seq.pdbx_PDB_id_code              4UMG 
_struct_ref_seq.pdbx_strand_id                A 
_struct_ref_seq.seq_align_beg                 3 
_struct_ref_seq.pdbx_seq_align_beg_ins_code   ? 
_struct_ref_seq.seq_align_end                 133 
_struct_ref_seq.pdbx_seq_align_end_ins_code   ? 
_struct_ref_seq.pdbx_db_accession             Q9U489 
_struct_ref_seq.db_align_beg                  691 
_struct_ref_seq.pdbx_db_align_beg_ins_code    ? 
_struct_ref_seq.db_align_end                  821 
_struct_ref_seq.pdbx_db_align_end_ins_code    ? 
_struct_ref_seq.pdbx_auth_seq_align_beg       691 
_struct_ref_seq.pdbx_auth_seq_align_end       821 
# 
loop_
_struct_ref_seq_dif.align_id 
_struct_ref_seq_dif.pdbx_pdb_id_code 
_struct_ref_seq_dif.mon_id 
_struct_ref_seq_dif.pdbx_pdb_strand_id 
_struct_ref_seq_dif.seq_num 
_struct_ref_seq_dif.pdbx_pdb_ins_code 
_struct_ref_seq_dif.pdbx_seq_db_name 
_struct_ref_seq_dif.pdbx_seq_db_accession_code 
_struct_ref_seq_dif.db_mon_id 
_struct_ref_seq_dif.pdbx_seq_db_seq_num 
_struct_ref_seq_dif.details 
_struct_ref_seq_dif.pdbx_auth_seq_num 
_struct_ref_seq_dif.pdbx_ordinal 
1 4UMG GLY A 1 ? UNP Q9U489 ? ? 'expression tag' 689 1 
1 4UMG PRO A 2 ? UNP Q9U489 ? ? 'expression tag' 690 2 
# 
_pdbx_struct_assembly.id                   1 
_pdbx_struct_assembly.details              author_and_software_defined_assembly 
_pdbx_struct_assembly.method_details       PISA 
_pdbx_struct_assembly.oligomeric_details   monomeric 
_pdbx_struct_assembly.oligomeric_count     1 
# 
_pdbx_struct_assembly_gen.assembly_id       1 
_pdbx_struct_assembly_gen.oper_expression   1 
_pdbx_struct_assembly_gen.asym_id_list      A,B 
# 
_pdbx_struct_oper_list.id                   1 
_pdbx_struct_oper_list.type                 'identity operation' 
_pdbx_struct_oper_list.name                 1_555 
_pdbx_struct_oper_list.symmetry_operation   x,y,z 
_pdbx_struct_oper_list.matrix[1][1]         1.0000000000 
_pdbx_struct_oper_list.matrix[1][2]         0.0000000000 
_pdbx_struct_oper_list.matrix[1][3]         0.0000000000 
_pdbx_struct_oper_list.vector[1]            0.0000000000 
_pdbx_struct_oper_list.matrix[2][1]         0.0000000000 
_pdbx_struct_oper_list.matrix[2][2]         1.0000000000 
_pdbx_struct_oper_list.matrix[2][3]         0.0000000000 
_pdbx_struct_oper_list.vector[2]            0.0000000000 
_pdbx_struct_oper_list.matrix[3][1]         0.0000000000 
_pdbx_struct_oper_list.matrix[3][2]         0.0000000000 
_pdbx_struct_oper_list.matrix[3][3]         1.0000000000 
_pdbx_struct_oper_list.vector[3]            0.0000000000 
# 
_struct_biol.id   1 
# 
loop_
_struct_conf.conf_type_id 
_struct_conf.id 
_struct_conf.pdbx_PDB_helix_id 
_struct_conf.beg_label_comp_id 
_struct_conf.beg_label_asym_id 
_struct_conf.beg_label_seq_id 
_struct_conf.pdbx_beg_PDB_ins_code 
_struct_conf.end_label_comp_id 
_struct_conf.end_label_asym_id 
_struct_conf.end_label_seq_id 
_struct_conf.pdbx_end_PDB_ins_code 
_struct_conf.beg_auth_comp_id 
_struct_conf.beg_auth_asym_id 
_struct_conf.beg_auth_seq_id 
_struct_conf.end_auth_comp_id 
_struct_conf.end_auth_asym_id 
_struct_conf.end_auth_seq_id 
_struct_conf.pdbx_PDB_helix_class 
_struct_conf.details 
_struct_conf.pdbx_PDB_helix_length 
HELX_P HELX_P1 1 CYS A 6  ? SER A 10 ? CYS A 694 SER A 698 5 ? 5 
HELX_P HELX_P2 2 ASP A 15 ? PHE A 17 ? ASP A 703 PHE A 705 5 ? 3 
# 
_struct_conf_type.id          HELX_P 
_struct_conf_type.criteria    ? 
_struct_conf_type.reference   ? 
# 
_struct_mon_prot_cis.pdbx_id                1 
_struct_mon_prot_cis.label_comp_id          CYS 
_struct_mon_prot_cis.label_seq_id           123 
_struct_mon_prot_cis.label_asym_id          A 
_struct_mon_prot_cis.label_alt_id           . 
_struct_mon_prot_cis.pdbx_PDB_ins_code      ? 
_struct_mon_prot_cis.auth_comp_id           CYS 
_struct_mon_prot_cis.auth_seq_id            811 
_struct_mon_prot_cis.auth_asym_id           A 
_struct_mon_prot_cis.pdbx_label_comp_id_2   PRO 
_struct_mon_prot_cis.pdbx_label_seq_id_2    124 
_struct_mon_prot_cis.pdbx_label_asym_id_2   A 
_struct_mon_prot_cis.pdbx_PDB_ins_code_2    ? 
_struct_mon_prot_cis.pdbx_auth_comp_id_2    PRO 
_struct_mon_prot_cis.pdbx_auth_seq_id_2     812 
_struct_mon_prot_cis.pdbx_auth_asym_id_2    A 
_struct_mon_prot_cis.pdbx_PDB_model_num     1 
_struct_mon_prot_cis.pdbx_omega_angle       0.36 
# 
loop_
_struct_sheet.id 
_struct_sheet.type 
_struct_sheet.number_strands 
_struct_sheet.details 
AA ? 4 ? 
AB ? 4 ? 
AC ? 5 ? 
AD ? 2 ? 
# 
loop_
_struct_sheet_order.sheet_id 
_struct_sheet_order.range_id_1 
_struct_sheet_order.range_id_2 
_struct_sheet_order.offset 
_struct_sheet_order.sense 
AA 1 2 ? anti-parallel 
AA 2 3 ? anti-parallel 
AA 3 4 ? anti-parallel 
AB 1 2 ? parallel      
AB 2 3 ? anti-parallel 
AB 3 4 ? parallel      
AC 1 2 ? parallel      
AC 2 3 ? anti-parallel 
AC 3 4 ? anti-parallel 
AC 4 5 ? anti-parallel 
AD 1 2 ? parallel      
# 
loop_
_struct_sheet_range.sheet_id 
_struct_sheet_range.id 
_struct_sheet_range.beg_label_comp_id 
_struct_sheet_range.beg_label_asym_id 
_struct_sheet_range.beg_label_seq_id 
_struct_sheet_range.pdbx_beg_PDB_ins_code 
_struct_sheet_range.end_label_comp_id 
_struct_sheet_range.end_label_asym_id 
_struct_sheet_range.end_label_seq_id 
_struct_sheet_range.pdbx_end_PDB_ins_code 
_struct_sheet_range.beg_auth_comp_id 
_struct_sheet_range.beg_auth_asym_id 
_struct_sheet_range.beg_auth_seq_id 
_struct_sheet_range.end_auth_comp_id 
_struct_sheet_range.end_auth_asym_id 
_struct_sheet_range.end_auth_seq_id 
AA 1 SER A 11  ? ILE A 12  ? SER A 699 ILE A 700 
AA 2 THR A 26  ? GLN A 31  ? THR A 714 GLN A 719 
AA 3 ILE A 96  ? TYR A 101 ? ILE A 784 TYR A 789 
AA 4 THR A 88  ? PRO A 91  ? THR A 776 PRO A 779 
AB 1 LYS A 19  ? ILE A 21  ? LYS A 707 ILE A 709 
AB 2 THR A 125 ? ARG A 130 ? THR A 813 ARG A 818 
AB 3 GLY A 107 ? VAL A 115 ? GLY A 795 VAL A 803 
AB 4 THR A 118 ? PRO A 119 ? THR A 806 PRO A 807 
AC 1 LYS A 19  ? ILE A 21  ? LYS A 707 ILE A 709 
AC 2 THR A 125 ? ARG A 130 ? THR A 813 ARG A 818 
AC 3 GLY A 107 ? VAL A 115 ? GLY A 795 VAL A 803 
AC 4 VAL A 73  ? ILE A 78  ? VAL A 761 ILE A 766 
AC 5 THR A 84  ? VAL A 85  ? THR A 772 VAL A 773 
AD 1 THR A 118 ? PRO A 119 ? THR A 806 PRO A 807 
AD 2 GLY A 107 ? VAL A 115 ? GLY A 795 VAL A 803 
# 
loop_
_pdbx_struct_sheet_hbond.sheet_id 
_pdbx_struct_sheet_hbond.range_id_1 
_pdbx_struct_sheet_hbond.range_id_2 
_pdbx_struct_sheet_hbond.range_1_label_atom_id 
_pdbx_struct_sheet_hbond.range_1_label_comp_id 
_pdbx_struct_sheet_hbond.range_1_label_asym_id 
_pdbx_struct_sheet_hbond.range_1_label_seq_id 
_pdbx_struct_sheet_hbond.range_1_PDB_ins_code 
_pdbx_struct_sheet_hbond.range_1_auth_atom_id 
_pdbx_struct_sheet_hbond.range_1_auth_comp_id 
_pdbx_struct_sheet_hbond.range_1_auth_asym_id 
_pdbx_struct_sheet_hbond.range_1_auth_seq_id 
_pdbx_struct_sheet_hbond.range_2_label_atom_id 
_pdbx_struct_sheet_hbond.range_2_label_comp_id 
_pdbx_struct_sheet_hbond.range_2_label_asym_id 
_pdbx_struct_sheet_hbond.range_2_label_seq_id 
_pdbx_struct_sheet_hbond.range_2_PDB_ins_code 
_pdbx_struct_sheet_hbond.range_2_auth_atom_id 
_pdbx_struct_sheet_hbond.range_2_auth_comp_id 
_pdbx_struct_sheet_hbond.range_2_auth_asym_id 
_pdbx_struct_sheet_hbond.range_2_auth_seq_id 
AA 1 2 N SER A 11  ? N SER A 699 O GLN A 31  ? O GLN A 719 
AA 2 3 N VAL A 30  ? N VAL A 718 O VAL A 97  ? O VAL A 785 
AA 3 4 N SER A 100 ? N SER A 788 O THR A 88  ? O THR A 776 
AB 1 2 N ALA A 20  ? N ALA A 708 O ASP A 128 ? O ASP A 816 
AB 2 3 N ILE A 129 ? N ILE A 817 O GLY A 107 ? O GLY A 795 
AB 3 4 N VAL A 115 ? N VAL A 803 O THR A 118 ? O THR A 806 
AC 1 2 N ALA A 20  ? N ALA A 708 O ASP A 128 ? O ASP A 816 
AC 2 3 N ILE A 129 ? N ILE A 817 O GLY A 107 ? O GLY A 795 
AC 3 4 N LEU A 114 ? N LEU A 802 O GLN A 74  ? O GLN A 762 
AC 4 5 N VAL A 77  ? N VAL A 765 O VAL A 85  ? O VAL A 773 
AD 1 2 N THR A 118 ? N THR A 806 O VAL A 115 ? O VAL A 803 
# 
_pdbx_refine_tls.pdbx_refine_id   'X-RAY DIFFRACTION' 
_pdbx_refine_tls.id               1 
_pdbx_refine_tls.details          ? 
_pdbx_refine_tls.method           refined 
_pdbx_refine_tls.origin_x         0.7361 
_pdbx_refine_tls.origin_y         0.0432 
_pdbx_refine_tls.origin_z         -0.3524 
_pdbx_refine_tls.T[1][1]          0.0226 
_pdbx_refine_tls.T[2][2]          0.0031 
_pdbx_refine_tls.T[3][3]          -0.0877 
_pdbx_refine_tls.T[1][2]          -0.0848 
_pdbx_refine_tls.T[1][3]          0.0612 
_pdbx_refine_tls.T[2][3]          -0.0597 
_pdbx_refine_tls.L[1][1]          1.8035 
_pdbx_refine_tls.L[2][2]          1.2766 
_pdbx_refine_tls.L[3][3]          1.3703 
_pdbx_refine_tls.L[1][2]          1.1383 
_pdbx_refine_tls.L[1][3]          -0.2863 
_pdbx_refine_tls.L[2][3]          -0.7776 
_pdbx_refine_tls.S[1][1]          -0.3156 
_pdbx_refine_tls.S[1][2]          0.2561 
_pdbx_refine_tls.S[1][3]          -0.0629 
_pdbx_refine_tls.S[2][1]          -0.1855 
_pdbx_refine_tls.S[2][2]          0.1628 
_pdbx_refine_tls.S[2][3]          -0.0041 
_pdbx_refine_tls.S[3][1]          0.2989 
_pdbx_refine_tls.S[3][2]          -0.0306 
_pdbx_refine_tls.S[3][3]          0.1527 
# 
_pdbx_refine_tls_group.pdbx_refine_id      'X-RAY DIFFRACTION' 
_pdbx_refine_tls_group.id                  1 
_pdbx_refine_tls_group.refine_tls_id       1 
_pdbx_refine_tls_group.beg_auth_asym_id    ? 
_pdbx_refine_tls_group.beg_auth_seq_id     ? 
_pdbx_refine_tls_group.beg_label_asym_id   ? 
_pdbx_refine_tls_group.beg_label_seq_id    ? 
_pdbx_refine_tls_group.end_auth_asym_id    ? 
_pdbx_refine_tls_group.end_auth_seq_id     ? 
_pdbx_refine_tls_group.end_label_asym_id   ? 
_pdbx_refine_tls_group.end_label_seq_id    ? 
_pdbx_refine_tls_group.selection           ? 
_pdbx_refine_tls_group.selection_details   'CHAIN A' 
# 
loop_
_pdbx_unobs_or_zero_occ_residues.id 
_pdbx_unobs_or_zero_occ_residues.PDB_model_num 
_pdbx_unobs_or_zero_occ_residues.polymer_flag 
_pdbx_unobs_or_zero_occ_residues.occupancy_flag 
_pdbx_unobs_or_zero_occ_residues.auth_asym_id 
_pdbx_unobs_or_zero_occ_residues.auth_comp_id 
_pdbx_unobs_or_zero_occ_residues.auth_seq_id 
_pdbx_unobs_or_zero_occ_residues.PDB_ins_code 
_pdbx_unobs_or_zero_occ_residues.label_asym_id 
_pdbx_unobs_or_zero_occ_residues.label_comp_id 
_pdbx_unobs_or_zero_occ_residues.label_seq_id 
1  1 Y 1 A GLY 689 ? A GLY 1   
2  1 Y 1 A PRO 690 ? A PRO 2   
3  1 Y 1 A SER 730 ? A SER 42  
4  1 Y 1 A SER 731 ? A SER 43  
5  1 Y 1 A ILE 732 ? A ILE 44  
6  1 Y 1 A ALA 733 ? A ALA 45  
7  1 Y 1 A ALA 734 ? A ALA 46  
8  1 Y 1 A THR 735 ? A THR 47  
9  1 Y 1 A GLN 736 ? A GLN 48  
10 1 Y 1 A PRO 737 ? A PRO 49  
11 1 Y 1 A THR 738 ? A THR 50  
12 1 Y 1 A SER 739 ? A SER 51  
13 1 Y 1 A GLN 740 ? A GLN 52  
14 1 Y 1 A ALA 741 ? A ALA 53  
15 1 Y 1 A LEU 742 ? A LEU 54  
16 1 Y 1 A LEU 743 ? A LEU 55  
17 1 Y 1 A PRO 744 ? A PRO 56  
18 1 Y 1 A HIS 745 ? A HIS 57  
19 1 Y 1 A GLN 746 ? A GLN 58  
20 1 Y 1 A GLU 747 ? A GLU 59  
21 1 Y 1 A PRO 748 ? A PRO 60  
22 1 Y 1 A HIS 749 ? A HIS 61  
23 1 Y 1 A SER 750 ? A SER 62  
24 1 Y 1 A HIS 751 ? A HIS 63  
25 1 Y 1 A LEU 752 ? A LEU 64  
26 1 Y 1 A GLU 753 ? A GLU 65  
27 1 Y 1 A GLN 754 ? A GLN 66  
28 1 Y 1 A ALA 755 ? A ALA 67  
29 1 Y 1 A MET 756 ? A MET 68  
30 1 Y 1 A PRO 757 ? A PRO 69  
31 1 Y 1 A ARG 821 ? A ARG 133 
# 
loop_
_chem_comp_atom.comp_id 
_chem_comp_atom.atom_id 
_chem_comp_atom.type_symbol 
_chem_comp_atom.pdbx_aromatic_flag 
_chem_comp_atom.pdbx_stereo_config 
_chem_comp_atom.pdbx_ordinal 
ALA N    N N N 1   
ALA CA   C N S 2   
ALA C    C N N 3   
ALA O    O N N 4   
ALA CB   C N N 5   
ALA OXT  O N N 6   
ALA H    H N N 7   
ALA H2   H N N 8   
ALA HA   H N N 9   
ALA HB1  H N N 10  
ALA HB2  H N N 11  
ALA HB3  H N N 12  
ALA HXT  H N N 13  
ARG N    N N N 14  
ARG CA   C N S 15  
ARG C    C N N 16  
ARG O    O N N 17  
ARG CB   C N N 18  
ARG CG   C N N 19  
ARG CD   C N N 20  
ARG NE   N N N 21  
ARG CZ   C N N 22  
ARG NH1  N N N 23  
ARG NH2  N N N 24  
ARG OXT  O N N 25  
ARG H    H N N 26  
ARG H2   H N N 27  
ARG HA   H N N 28  
ARG HB2  H N N 29  
ARG HB3  H N N 30  
ARG HG2  H N N 31  
ARG HG3  H N N 32  
ARG HD2  H N N 33  
ARG HD3  H N N 34  
ARG HE   H N N 35  
ARG HH11 H N N 36  
ARG HH12 H N N 37  
ARG HH21 H N N 38  
ARG HH22 H N N 39  
ARG HXT  H N N 40  
ASN N    N N N 41  
ASN CA   C N S 42  
ASN C    C N N 43  
ASN O    O N N 44  
ASN CB   C N N 45  
ASN CG   C N N 46  
ASN OD1  O N N 47  
ASN ND2  N N N 48  
ASN OXT  O N N 49  
ASN H    H N N 50  
ASN H2   H N N 51  
ASN HA   H N N 52  
ASN HB2  H N N 53  
ASN HB3  H N N 54  
ASN HD21 H N N 55  
ASN HD22 H N N 56  
ASN HXT  H N N 57  
ASP N    N N N 58  
ASP CA   C N S 59  
ASP C    C N N 60  
ASP O    O N N 61  
ASP CB   C N N 62  
ASP CG   C N N 63  
ASP OD1  O N N 64  
ASP OD2  O N N 65  
ASP OXT  O N N 66  
ASP H    H N N 67  
ASP H2   H N N 68  
ASP HA   H N N 69  
ASP HB2  H N N 70  
ASP HB3  H N N 71  
ASP HD2  H N N 72  
ASP HXT  H N N 73  
CYS N    N N N 74  
CYS CA   C N R 75  
CYS C    C N N 76  
CYS O    O N N 77  
CYS CB   C N N 78  
CYS SG   S N N 79  
CYS OXT  O N N 80  
CYS H    H N N 81  
CYS H2   H N N 82  
CYS HA   H N N 83  
CYS HB2  H N N 84  
CYS HB3  H N N 85  
CYS HG   H N N 86  
CYS HXT  H N N 87  
GLN N    N N N 88  
GLN CA   C N S 89  
GLN C    C N N 90  
GLN O    O N N 91  
GLN CB   C N N 92  
GLN CG   C N N 93  
GLN CD   C N N 94  
GLN OE1  O N N 95  
GLN NE2  N N N 96  
GLN OXT  O N N 97  
GLN H    H N N 98  
GLN H2   H N N 99  
GLN HA   H N N 100 
GLN HB2  H N N 101 
GLN HB3  H N N 102 
GLN HG2  H N N 103 
GLN HG3  H N N 104 
GLN HE21 H N N 105 
GLN HE22 H N N 106 
GLN HXT  H N N 107 
GLU N    N N N 108 
GLU CA   C N S 109 
GLU C    C N N 110 
GLU O    O N N 111 
GLU CB   C N N 112 
GLU CG   C N N 113 
GLU CD   C N N 114 
GLU OE1  O N N 115 
GLU OE2  O N N 116 
GLU OXT  O N N 117 
GLU H    H N N 118 
GLU H2   H N N 119 
GLU HA   H N N 120 
GLU HB2  H N N 121 
GLU HB3  H N N 122 
GLU HG2  H N N 123 
GLU HG3  H N N 124 
GLU HE2  H N N 125 
GLU HXT  H N N 126 
GLY N    N N N 127 
GLY CA   C N N 128 
GLY C    C N N 129 
GLY O    O N N 130 
GLY OXT  O N N 131 
GLY H    H N N 132 
GLY H2   H N N 133 
GLY HA2  H N N 134 
GLY HA3  H N N 135 
GLY HXT  H N N 136 
HIS N    N N N 137 
HIS CA   C N S 138 
HIS C    C N N 139 
HIS O    O N N 140 
HIS CB   C N N 141 
HIS CG   C Y N 142 
HIS ND1  N Y N 143 
HIS CD2  C Y N 144 
HIS CE1  C Y N 145 
HIS NE2  N Y N 146 
HIS OXT  O N N 147 
HIS H    H N N 148 
HIS H2   H N N 149 
HIS HA   H N N 150 
HIS HB2  H N N 151 
HIS HB3  H N N 152 
HIS HD1  H N N 153 
HIS HD2  H N N 154 
HIS HE1  H N N 155 
HIS HE2  H N N 156 
HIS HXT  H N N 157 
HOH O    O N N 158 
HOH H1   H N N 159 
HOH H2   H N N 160 
ILE N    N N N 161 
ILE CA   C N S 162 
ILE C    C N N 163 
ILE O    O N N 164 
ILE CB   C N S 165 
ILE CG1  C N N 166 
ILE CG2  C N N 167 
ILE CD1  C N N 168 
ILE OXT  O N N 169 
ILE H    H N N 170 
ILE H2   H N N 171 
ILE HA   H N N 172 
ILE HB   H N N 173 
ILE HG12 H N N 174 
ILE HG13 H N N 175 
ILE HG21 H N N 176 
ILE HG22 H N N 177 
ILE HG23 H N N 178 
ILE HD11 H N N 179 
ILE HD12 H N N 180 
ILE HD13 H N N 181 
ILE HXT  H N N 182 
LEU N    N N N 183 
LEU CA   C N S 184 
LEU C    C N N 185 
LEU O    O N N 186 
LEU CB   C N N 187 
LEU CG   C N N 188 
LEU CD1  C N N 189 
LEU CD2  C N N 190 
LEU OXT  O N N 191 
LEU H    H N N 192 
LEU H2   H N N 193 
LEU HA   H N N 194 
LEU HB2  H N N 195 
LEU HB3  H N N 196 
LEU HG   H N N 197 
LEU HD11 H N N 198 
LEU HD12 H N N 199 
LEU HD13 H N N 200 
LEU HD21 H N N 201 
LEU HD22 H N N 202 
LEU HD23 H N N 203 
LEU HXT  H N N 204 
LYS N    N N N 205 
LYS CA   C N S 206 
LYS C    C N N 207 
LYS O    O N N 208 
LYS CB   C N N 209 
LYS CG   C N N 210 
LYS CD   C N N 211 
LYS CE   C N N 212 
LYS NZ   N N N 213 
LYS OXT  O N N 214 
LYS H    H N N 215 
LYS H2   H N N 216 
LYS HA   H N N 217 
LYS HB2  H N N 218 
LYS HB3  H N N 219 
LYS HG2  H N N 220 
LYS HG3  H N N 221 
LYS HD2  H N N 222 
LYS HD3  H N N 223 
LYS HE2  H N N 224 
LYS HE3  H N N 225 
LYS HZ1  H N N 226 
LYS HZ2  H N N 227 
LYS HZ3  H N N 228 
LYS HXT  H N N 229 
MET N    N N N 230 
MET CA   C N S 231 
MET C    C N N 232 
MET O    O N N 233 
MET CB   C N N 234 
MET CG   C N N 235 
MET SD   S N N 236 
MET CE   C N N 237 
MET OXT  O N N 238 
MET H    H N N 239 
MET H2   H N N 240 
MET HA   H N N 241 
MET HB2  H N N 242 
MET HB3  H N N 243 
MET HG2  H N N 244 
MET HG3  H N N 245 
MET HE1  H N N 246 
MET HE2  H N N 247 
MET HE3  H N N 248 
MET HXT  H N N 249 
PHE N    N N N 250 
PHE CA   C N S 251 
PHE C    C N N 252 
PHE O    O N N 253 
PHE CB   C N N 254 
PHE CG   C Y N 255 
PHE CD1  C Y N 256 
PHE CD2  C Y N 257 
PHE CE1  C Y N 258 
PHE CE2  C Y N 259 
PHE CZ   C Y N 260 
PHE OXT  O N N 261 
PHE H    H N N 262 
PHE H2   H N N 263 
PHE HA   H N N 264 
PHE HB2  H N N 265 
PHE HB3  H N N 266 
PHE HD1  H N N 267 
PHE HD2  H N N 268 
PHE HE1  H N N 269 
PHE HE2  H N N 270 
PHE HZ   H N N 271 
PHE HXT  H N N 272 
PRO N    N N N 273 
PRO CA   C N S 274 
PRO C    C N N 275 
PRO O    O N N 276 
PRO CB   C N N 277 
PRO CG   C N N 278 
PRO CD   C N N 279 
PRO OXT  O N N 280 
PRO H    H N N 281 
PRO HA   H N N 282 
PRO HB2  H N N 283 
PRO HB3  H N N 284 
PRO HG2  H N N 285 
PRO HG3  H N N 286 
PRO HD2  H N N 287 
PRO HD3  H N N 288 
PRO HXT  H N N 289 
SER N    N N N 290 
SER CA   C N S 291 
SER C    C N N 292 
SER O    O N N 293 
SER CB   C N N 294 
SER OG   O N N 295 
SER OXT  O N N 296 
SER H    H N N 297 
SER H2   H N N 298 
SER HA   H N N 299 
SER HB2  H N N 300 
SER HB3  H N N 301 
SER HG   H N N 302 
SER HXT  H N N 303 
THR N    N N N 304 
THR CA   C N S 305 
THR C    C N N 306 
THR O    O N N 307 
THR CB   C N R 308 
THR OG1  O N N 309 
THR CG2  C N N 310 
THR OXT  O N N 311 
THR H    H N N 312 
THR H2   H N N 313 
THR HA   H N N 314 
THR HB   H N N 315 
THR HG1  H N N 316 
THR HG21 H N N 317 
THR HG22 H N N 318 
THR HG23 H N N 319 
THR HXT  H N N 320 
TYR N    N N N 321 
TYR CA   C N S 322 
TYR C    C N N 323 
TYR O    O N N 324 
TYR CB   C N N 325 
TYR CG   C Y N 326 
TYR CD1  C Y N 327 
TYR CD2  C Y N 328 
TYR CE1  C Y N 329 
TYR CE2  C Y N 330 
TYR CZ   C Y N 331 
TYR OH   O N N 332 
TYR OXT  O N N 333 
TYR H    H N N 334 
TYR H2   H N N 335 
TYR HA   H N N 336 
TYR HB2  H N N 337 
TYR HB3  H N N 338 
TYR HD1  H N N 339 
TYR HD2  H N N 340 
TYR HE1  H N N 341 
TYR HE2  H N N 342 
TYR HH   H N N 343 
TYR HXT  H N N 344 
VAL N    N N N 345 
VAL CA   C N S 346 
VAL C    C N N 347 
VAL O    O N N 348 
VAL CB   C N N 349 
VAL CG1  C N N 350 
VAL CG2  C N N 351 
VAL OXT  O N N 352 
VAL H    H N N 353 
VAL H2   H N N 354 
VAL HA   H N N 355 
VAL HB   H N N 356 
VAL HG11 H N N 357 
VAL HG12 H N N 358 
VAL HG13 H N N 359 
VAL HG21 H N N 360 
VAL HG22 H N N 361 
VAL HG23 H N N 362 
VAL HXT  H N N 363 
# 
loop_
_chem_comp_bond.comp_id 
_chem_comp_bond.atom_id_1 
_chem_comp_bond.atom_id_2 
_chem_comp_bond.value_order 
_chem_comp_bond.pdbx_aromatic_flag 
_chem_comp_bond.pdbx_stereo_config 
_chem_comp_bond.pdbx_ordinal 
ALA N   CA   sing N N 1   
ALA N   H    sing N N 2   
ALA N   H2   sing N N 3   
ALA CA  C    sing N N 4   
ALA CA  CB   sing N N 5   
ALA CA  HA   sing N N 6   
ALA C   O    doub N N 7   
ALA C   OXT  sing N N 8   
ALA CB  HB1  sing N N 9   
ALA CB  HB2  sing N N 10  
ALA CB  HB3  sing N N 11  
ALA OXT HXT  sing N N 12  
ARG N   CA   sing N N 13  
ARG N   H    sing N N 14  
ARG N   H2   sing N N 15  
ARG CA  C    sing N N 16  
ARG CA  CB   sing N N 17  
ARG CA  HA   sing N N 18  
ARG C   O    doub N N 19  
ARG C   OXT  sing N N 20  
ARG CB  CG   sing N N 21  
ARG CB  HB2  sing N N 22  
ARG CB  HB3  sing N N 23  
ARG CG  CD   sing N N 24  
ARG CG  HG2  sing N N 25  
ARG CG  HG3  sing N N 26  
ARG CD  NE   sing N N 27  
ARG CD  HD2  sing N N 28  
ARG CD  HD3  sing N N 29  
ARG NE  CZ   sing N N 30  
ARG NE  HE   sing N N 31  
ARG CZ  NH1  sing N N 32  
ARG CZ  NH2  doub N N 33  
ARG NH1 HH11 sing N N 34  
ARG NH1 HH12 sing N N 35  
ARG NH2 HH21 sing N N 36  
ARG NH2 HH22 sing N N 37  
ARG OXT HXT  sing N N 38  
ASN N   CA   sing N N 39  
ASN N   H    sing N N 40  
ASN N   H2   sing N N 41  
ASN CA  C    sing N N 42  
ASN CA  CB   sing N N 43  
ASN CA  HA   sing N N 44  
ASN C   O    doub N N 45  
ASN C   OXT  sing N N 46  
ASN CB  CG   sing N N 47  
ASN CB  HB2  sing N N 48  
ASN CB  HB3  sing N N 49  
ASN CG  OD1  doub N N 50  
ASN CG  ND2  sing N N 51  
ASN ND2 HD21 sing N N 52  
ASN ND2 HD22 sing N N 53  
ASN OXT HXT  sing N N 54  
ASP N   CA   sing N N 55  
ASP N   H    sing N N 56  
ASP N   H2   sing N N 57  
ASP CA  C    sing N N 58  
ASP CA  CB   sing N N 59  
ASP CA  HA   sing N N 60  
ASP C   O    doub N N 61  
ASP C   OXT  sing N N 62  
ASP CB  CG   sing N N 63  
ASP CB  HB2  sing N N 64  
ASP CB  HB3  sing N N 65  
ASP CG  OD1  doub N N 66  
ASP CG  OD2  sing N N 67  
ASP OD2 HD2  sing N N 68  
ASP OXT HXT  sing N N 69  
CYS N   CA   sing N N 70  
CYS N   H    sing N N 71  
CYS N   H2   sing N N 72  
CYS CA  C    sing N N 73  
CYS CA  CB   sing N N 74  
CYS CA  HA   sing N N 75  
CYS C   O    doub N N 76  
CYS C   OXT  sing N N 77  
CYS CB  SG   sing N N 78  
CYS CB  HB2  sing N N 79  
CYS CB  HB3  sing N N 80  
CYS SG  HG   sing N N 81  
CYS OXT HXT  sing N N 82  
GLN N   CA   sing N N 83  
GLN N   H    sing N N 84  
GLN N   H2   sing N N 85  
GLN CA  C    sing N N 86  
GLN CA  CB   sing N N 87  
GLN CA  HA   sing N N 88  
GLN C   O    doub N N 89  
GLN C   OXT  sing N N 90  
GLN CB  CG   sing N N 91  
GLN CB  HB2  sing N N 92  
GLN CB  HB3  sing N N 93  
GLN CG  CD   sing N N 94  
GLN CG  HG2  sing N N 95  
GLN CG  HG3  sing N N 96  
GLN CD  OE1  doub N N 97  
GLN CD  NE2  sing N N 98  
GLN NE2 HE21 sing N N 99  
GLN NE2 HE22 sing N N 100 
GLN OXT HXT  sing N N 101 
GLU N   CA   sing N N 102 
GLU N   H    sing N N 103 
GLU N   H2   sing N N 104 
GLU CA  C    sing N N 105 
GLU CA  CB   sing N N 106 
GLU CA  HA   sing N N 107 
GLU C   O    doub N N 108 
GLU C   OXT  sing N N 109 
GLU CB  CG   sing N N 110 
GLU CB  HB2  sing N N 111 
GLU CB  HB3  sing N N 112 
GLU CG  CD   sing N N 113 
GLU CG  HG2  sing N N 114 
GLU CG  HG3  sing N N 115 
GLU CD  OE1  doub N N 116 
GLU CD  OE2  sing N N 117 
GLU OE2 HE2  sing N N 118 
GLU OXT HXT  sing N N 119 
GLY N   CA   sing N N 120 
GLY N   H    sing N N 121 
GLY N   H2   sing N N 122 
GLY CA  C    sing N N 123 
GLY CA  HA2  sing N N 124 
GLY CA  HA3  sing N N 125 
GLY C   O    doub N N 126 
GLY C   OXT  sing N N 127 
GLY OXT HXT  sing N N 128 
HIS N   CA   sing N N 129 
HIS N   H    sing N N 130 
HIS N   H2   sing N N 131 
HIS CA  C    sing N N 132 
HIS CA  CB   sing N N 133 
HIS CA  HA   sing N N 134 
HIS C   O    doub N N 135 
HIS C   OXT  sing N N 136 
HIS CB  CG   sing N N 137 
HIS CB  HB2  sing N N 138 
HIS CB  HB3  sing N N 139 
HIS CG  ND1  sing Y N 140 
HIS CG  CD2  doub Y N 141 
HIS ND1 CE1  doub Y N 142 
HIS ND1 HD1  sing N N 143 
HIS CD2 NE2  sing Y N 144 
HIS CD2 HD2  sing N N 145 
HIS CE1 NE2  sing Y N 146 
HIS CE1 HE1  sing N N 147 
HIS NE2 HE2  sing N N 148 
HIS OXT HXT  sing N N 149 
HOH O   H1   sing N N 150 
HOH O   H2   sing N N 151 
ILE N   CA   sing N N 152 
ILE N   H    sing N N 153 
ILE N   H2   sing N N 154 
ILE CA  C    sing N N 155 
ILE CA  CB   sing N N 156 
ILE CA  HA   sing N N 157 
ILE C   O    doub N N 158 
ILE C   OXT  sing N N 159 
ILE CB  CG1  sing N N 160 
ILE CB  CG2  sing N N 161 
ILE CB  HB   sing N N 162 
ILE CG1 CD1  sing N N 163 
ILE CG1 HG12 sing N N 164 
ILE CG1 HG13 sing N N 165 
ILE CG2 HG21 sing N N 166 
ILE CG2 HG22 sing N N 167 
ILE CG2 HG23 sing N N 168 
ILE CD1 HD11 sing N N 169 
ILE CD1 HD12 sing N N 170 
ILE CD1 HD13 sing N N 171 
ILE OXT HXT  sing N N 172 
LEU N   CA   sing N N 173 
LEU N   H    sing N N 174 
LEU N   H2   sing N N 175 
LEU CA  C    sing N N 176 
LEU CA  CB   sing N N 177 
LEU CA  HA   sing N N 178 
LEU C   O    doub N N 179 
LEU C   OXT  sing N N 180 
LEU CB  CG   sing N N 181 
LEU CB  HB2  sing N N 182 
LEU CB  HB3  sing N N 183 
LEU CG  CD1  sing N N 184 
LEU CG  CD2  sing N N 185 
LEU CG  HG   sing N N 186 
LEU CD1 HD11 sing N N 187 
LEU CD1 HD12 sing N N 188 
LEU CD1 HD13 sing N N 189 
LEU CD2 HD21 sing N N 190 
LEU CD2 HD22 sing N N 191 
LEU CD2 HD23 sing N N 192 
LEU OXT HXT  sing N N 193 
LYS N   CA   sing N N 194 
LYS N   H    sing N N 195 
LYS N   H2   sing N N 196 
LYS CA  C    sing N N 197 
LYS CA  CB   sing N N 198 
LYS CA  HA   sing N N 199 
LYS C   O    doub N N 200 
LYS C   OXT  sing N N 201 
LYS CB  CG   sing N N 202 
LYS CB  HB2  sing N N 203 
LYS CB  HB3  sing N N 204 
LYS CG  CD   sing N N 205 
LYS CG  HG2  sing N N 206 
LYS CG  HG3  sing N N 207 
LYS CD  CE   sing N N 208 
LYS CD  HD2  sing N N 209 
LYS CD  HD3  sing N N 210 
LYS CE  NZ   sing N N 211 
LYS CE  HE2  sing N N 212 
LYS CE  HE3  sing N N 213 
LYS NZ  HZ1  sing N N 214 
LYS NZ  HZ2  sing N N 215 
LYS NZ  HZ3  sing N N 216 
LYS OXT HXT  sing N N 217 
MET N   CA   sing N N 218 
MET N   H    sing N N 219 
MET N   H2   sing N N 220 
MET CA  C    sing N N 221 
MET CA  CB   sing N N 222 
MET CA  HA   sing N N 223 
MET C   O    doub N N 224 
MET C   OXT  sing N N 225 
MET CB  CG   sing N N 226 
MET CB  HB2  sing N N 227 
MET CB  HB3  sing N N 228 
MET CG  SD   sing N N 229 
MET CG  HG2  sing N N 230 
MET CG  HG3  sing N N 231 
MET SD  CE   sing N N 232 
MET CE  HE1  sing N N 233 
MET CE  HE2  sing N N 234 
MET CE  HE3  sing N N 235 
MET OXT HXT  sing N N 236 
PHE N   CA   sing N N 237 
PHE N   H    sing N N 238 
PHE N   H2   sing N N 239 
PHE CA  C    sing N N 240 
PHE CA  CB   sing N N 241 
PHE CA  HA   sing N N 242 
PHE C   O    doub N N 243 
PHE C   OXT  sing N N 244 
PHE CB  CG   sing N N 245 
PHE CB  HB2  sing N N 246 
PHE CB  HB3  sing N N 247 
PHE CG  CD1  doub Y N 248 
PHE CG  CD2  sing Y N 249 
PHE CD1 CE1  sing Y N 250 
PHE CD1 HD1  sing N N 251 
PHE CD2 CE2  doub Y N 252 
PHE CD2 HD2  sing N N 253 
PHE CE1 CZ   doub Y N 254 
PHE CE1 HE1  sing N N 255 
PHE CE2 CZ   sing Y N 256 
PHE CE2 HE2  sing N N 257 
PHE CZ  HZ   sing N N 258 
PHE OXT HXT  sing N N 259 
PRO N   CA   sing N N 260 
PRO N   CD   sing N N 261 
PRO N   H    sing N N 262 
PRO CA  C    sing N N 263 
PRO CA  CB   sing N N 264 
PRO CA  HA   sing N N 265 
PRO C   O    doub N N 266 
PRO C   OXT  sing N N 267 
PRO CB  CG   sing N N 268 
PRO CB  HB2  sing N N 269 
PRO CB  HB3  sing N N 270 
PRO CG  CD   sing N N 271 
PRO CG  HG2  sing N N 272 
PRO CG  HG3  sing N N 273 
PRO CD  HD2  sing N N 274 
PRO CD  HD3  sing N N 275 
PRO OXT HXT  sing N N 276 
SER N   CA   sing N N 277 
SER N   H    sing N N 278 
SER N   H2   sing N N 279 
SER CA  C    sing N N 280 
SER CA  CB   sing N N 281 
SER CA  HA   sing N N 282 
SER C   O    doub N N 283 
SER C   OXT  sing N N 284 
SER CB  OG   sing N N 285 
SER CB  HB2  sing N N 286 
SER CB  HB3  sing N N 287 
SER OG  HG   sing N N 288 
SER OXT HXT  sing N N 289 
THR N   CA   sing N N 290 
THR N   H    sing N N 291 
THR N   H2   sing N N 292 
THR CA  C    sing N N 293 
THR CA  CB   sing N N 294 
THR CA  HA   sing N N 295 
THR C   O    doub N N 296 
THR C   OXT  sing N N 297 
THR CB  OG1  sing N N 298 
THR CB  CG2  sing N N 299 
THR CB  HB   sing N N 300 
THR OG1 HG1  sing N N 301 
THR CG2 HG21 sing N N 302 
THR CG2 HG22 sing N N 303 
THR CG2 HG23 sing N N 304 
THR OXT HXT  sing N N 305 
TYR N   CA   sing N N 306 
TYR N   H    sing N N 307 
TYR N   H2   sing N N 308 
TYR CA  C    sing N N 309 
TYR CA  CB   sing N N 310 
TYR CA  HA   sing N N 311 
TYR C   O    doub N N 312 
TYR C   OXT  sing N N 313 
TYR CB  CG   sing N N 314 
TYR CB  HB2  sing N N 315 
TYR CB  HB3  sing N N 316 
TYR CG  CD1  doub Y N 317 
TYR CG  CD2  sing Y N 318 
TYR CD1 CE1  sing Y N 319 
TYR CD1 HD1  sing N N 320 
TYR CD2 CE2  doub Y N 321 
TYR CD2 HD2  sing N N 322 
TYR CE1 CZ   doub Y N 323 
TYR CE1 HE1  sing N N 324 
TYR CE2 CZ   sing Y N 325 
TYR CE2 HE2  sing N N 326 
TYR CZ  OH   sing N N 327 
TYR OH  HH   sing N N 328 
TYR OXT HXT  sing N N 329 
VAL N   CA   sing N N 330 
VAL N   H    sing N N 331 
VAL N   H2   sing N N 332 
VAL CA  C    sing N N 333 
VAL CA  CB   sing N N 334 
VAL CA  HA   sing N N 335 
VAL C   O    doub N N 336 
VAL C   OXT  sing N N 337 
VAL CB  CG1  sing N N 338 
VAL CB  CG2  sing N N 339 
VAL CB  HB   sing N N 340 
VAL CG1 HG11 sing N N 341 
VAL CG1 HG12 sing N N 342 
VAL CG1 HG13 sing N N 343 
VAL CG2 HG21 sing N N 344 
VAL CG2 HG22 sing N N 345 
VAL CG2 HG23 sing N N 346 
VAL OXT HXT  sing N N 347 
# 
_atom_sites.entry_id                    4UMG 
_atom_sites.fract_transf_matrix[1][1]   0.02221787 
_atom_sites.fract_transf_matrix[1][2]   -0.00208020 
_atom_sites.fract_transf_matrix[1][3]   -0.00084413 
_atom_sites.fract_transf_matrix[2][1]   -0.00135548 
_atom_sites.fract_transf_matrix[2][2]   -0.01756494 
_atom_sites.fract_transf_matrix[2][3]   0.00760866 
_atom_sites.fract_transf_matrix[3][1]   -0.00070611 
_atom_sites.fract_transf_matrix[3][2]   -0.00386758 
_atom_sites.fract_transf_matrix[3][3]   -0.00905427 
_atom_sites.fract_transf_vector[1]      -0.051189 
_atom_sites.fract_transf_vector[2]      -0.140578 
_atom_sites.fract_transf_vector[3]      -0.140951 
# 
loop_
_atom_type.symbol 
C 
N 
O 
S 
# 
loop_
_atom_site.group_PDB 
_atom_site.id 
_atom_site.type_symbol 
_atom_site.label_atom_id 
_atom_site.label_alt_id 
_atom_site.label_comp_id 
_atom_site.label_asym_id 
_atom_site.label_entity_id 
_atom_site.label_seq_id 
_atom_site.pdbx_PDB_ins_code 
_atom_site.Cartn_x 
_atom_site.Cartn_y 
_atom_site.Cartn_z 
_atom_site.occupancy 
_atom_site.B_iso_or_equiv 
_atom_site.pdbx_formal_charge 
_atom_site.auth_seq_id 
_atom_site.auth_comp_id 
_atom_site.auth_asym_id 
_atom_site.auth_atom_id 
_atom_site.pdbx_PDB_model_num 
ATOM   1   N N   . SER A 1 3   ? -21.274 -3.586  -1.434  1.00 58.45  ? 691  SER A N   1 
ATOM   2   C CA  . SER A 1 3   ? -21.134 -3.091  -0.062  1.00 56.79  ? 691  SER A CA  1 
ATOM   3   C C   . SER A 1 3   ? -19.812 -2.339  0.165   1.00 55.71  ? 691  SER A C   1 
ATOM   4   O O   . SER A 1 3   ? -19.594 -1.770  1.240   1.00 53.73  ? 691  SER A O   1 
ATOM   5   C CB  . SER A 1 3   ? -21.291 -4.234  0.939   1.00 60.58  ? 691  SER A CB  1 
ATOM   6   O OG  . SER A 1 3   ? -21.230 -3.757  2.275   1.00 68.34  ? 691  SER A OG  1 
ATOM   7   N N   . GLY A 1 4   ? -18.957 -2.323  -0.855  1.00 50.09  ? 692  GLY A N   1 
ATOM   8   C CA  . GLY A 1 4   ? -17.675 -1.637  -0.802  1.00 47.36  ? 692  GLY A CA  1 
ATOM   9   C C   . GLY A 1 4   ? -16.583 -2.425  -0.108  1.00 44.93  ? 692  GLY A C   1 
ATOM   10  O O   . GLY A 1 4   ? -16.857 -3.498  0.439   1.00 43.11  ? 692  GLY A O   1 
ATOM   11  N N   . PRO A 1 5   ? -15.329 -1.920  -0.102  1.00 39.00  ? 693  PRO A N   1 
ATOM   12  C CA  . PRO A 1 5   ? -14.240 -2.676  0.531   1.00 36.57  ? 693  PRO A CA  1 
ATOM   13  C C   . PRO A 1 5   ? -14.341 -2.722  2.052   1.00 36.61  ? 693  PRO A C   1 
ATOM   14  O O   . PRO A 1 5   ? -14.988 -1.869  2.665   1.00 35.94  ? 693  PRO A O   1 
ATOM   15  C CB  . PRO A 1 5   ? -12.983 -1.950  0.046   1.00 38.29  ? 693  PRO A CB  1 
ATOM   16  C CG  . PRO A 1 5   ? -13.432 -0.532  -0.150  1.00 43.75  ? 693  PRO A CG  1 
ATOM   17  C CD  . PRO A 1 5   ? -14.830 -0.655  -0.692  1.00 40.32  ? 693  PRO A CD  1 
ATOM   18  N N   . CYS A 1 6   ? -13.739 -3.756  2.644   1.00 30.40  ? 694  CYS A N   1 
ATOM   19  C CA  . CYS A 1 6   ? -13.739 -4.010  4.077   1.00 29.46  ? 694  CYS A CA  1 
ATOM   20  C C   . CYS A 1 6   ? -12.283 -4.013  4.491   1.00 31.67  ? 694  CYS A C   1 
ATOM   21  O O   . CYS A 1 6   ? -11.495 -4.795  3.972   1.00 29.73  ? 694  CYS A O   1 
ATOM   22  C CB  . CYS A 1 6   ? -14.415 -5.349  4.365   1.00 30.87  ? 694  CYS A CB  1 
ATOM   23  S SG  . CYS A 1 6   ? -14.191 -5.953  6.050   1.00 34.95  ? 694  CYS A SG  1 
ATOM   24  N N   . ALA A 1 7   ? -11.911 -3.145  5.437   1.00 27.55  ? 695  ALA A N   1 
ATOM   25  C CA  . ALA A 1 7   ? -10.524 -3.067  5.839   1.00 26.53  ? 695  ALA A CA  1 
ATOM   26  C C   . ALA A 1 7   ? -9.915  -4.396  6.327   1.00 29.54  ? 695  ALA A C   1 
ATOM   27  O O   . ALA A 1 7   ? -8.835  -4.777  5.869   1.00 29.82  ? 695  ALA A O   1 
ATOM   28  C CB  . ALA A 1 7   ? -10.349 -1.982  6.902   1.00 27.52  ? 695  ALA A CB  1 
ATOM   29  N N   . LYS A 1 8   ? -10.584 -5.093  7.239   1.00 27.10  ? 696  LYS A N   1 
ATOM   30  C CA  . LYS A 1 8   ? -10.051 -6.339  7.799   1.00 26.43  ? 696  LYS A CA  1 
ATOM   31  C C   . LYS A 1 8   ? -9.869  -7.446  6.793   1.00 28.18  ? 696  LYS A C   1 
ATOM   32  O O   . LYS A 1 8   ? -9.033  -8.329  7.013   1.00 29.05  ? 696  LYS A O   1 
ATOM   33  C CB  . LYS A 1 8   ? -10.880 -6.829  9.000   1.00 30.39  ? 696  LYS A CB  1 
ATOM   34  C CG  . LYS A 1 8   ? -12.296 -7.266  8.734   1.00 38.36  ? 696  LYS A CG  1 
ATOM   35  C CD  . LYS A 1 8   ? -12.999 -7.424  10.077  1.00 44.19  ? 696  LYS A CD  1 
ATOM   36  C CE  . LYS A 1 8   ? -14.445 -7.822  9.948   1.00 38.48  ? 696  LYS A CE  1 
ATOM   37  N NZ  . LYS A 1 8   ? -15.003 -8.077  11.309  1.00 36.78  ? 696  LYS A NZ  1 
ATOM   38  N N   . ASN A 1 9   ? -10.654 -7.427  5.688   1.00 24.35  ? 697  ASN A N   1 
ATOM   39  C CA  . ASN A 1 9   ? -10.552 -8.468  4.677   1.00 24.32  ? 697  ASN A CA  1 
ATOM   40  C C   . ASN A 1 9   ? -9.626  -8.107  3.524   1.00 28.42  ? 697  ASN A C   1 
ATOM   41  O O   . ASN A 1 9   ? -9.357  -8.960  2.669   1.00 28.17  ? 697  ASN A O   1 
ATOM   42  C CB  . ASN A 1 9   ? -11.942 -8.858  4.106   1.00 29.87  ? 697  ASN A CB  1 
ATOM   43  C CG  . ASN A 1 9   ? -12.850 -9.539  5.130   1.00 30.85  ? 697  ASN A CG  1 
ATOM   44  O OD1 . ASN A 1 9   ? -12.440 -9.909  6.248   1.00 28.92  ? 697  ASN A OD1 1 
ATOM   45  N ND2 . ASN A 1 9   ? -14.116 -9.694  4.794   1.00 28.55  ? 697  ASN A ND2 1 
ATOM   46  N N   . SER A 1 10  ? -9.213  -6.837  3.453   1.00 26.51  ? 698  SER A N   1 
ATOM   47  C CA  . SER A 1 10  ? -8.311  -6.312  2.414   1.00 26.35  ? 698  SER A CA  1 
ATOM   48  C C   . SER A 1 10  ? -6.858  -6.492  2.853   1.00 28.86  ? 698  SER A C   1 
ATOM   49  O O   . SER A 1 10  ? -6.555  -6.397  4.045   1.00 27.64  ? 698  SER A O   1 
ATOM   50  C CB  . SER A 1 10  ? -8.632  -4.855  2.096   1.00 28.35  ? 698  SER A CB  1 
ATOM   51  O OG  . SER A 1 10  ? -9.970  -4.819  1.619   1.00 27.46  ? 698  SER A OG  1 
ATOM   52  N N   . SER A 1 11  ? -5.957  -6.792  1.911   1.00 28.58  ? 699  SER A N   1 
ATOM   53  C CA  . SER A 1 11  ? -4.570  -7.044  2.283   1.00 28.41  ? 699  SER A CA  1 
ATOM   54  C C   . SER A 1 11  ? -3.599  -6.741  1.170   1.00 33.20  ? 699  SER A C   1 
ATOM   55  O O   . SER A 1 11  ? -3.978  -6.739  0.001   1.00 33.84  ? 699  SER A O   1 
ATOM   56  C CB  . SER A 1 11  ? -4.398  -8.520  2.651   1.00 33.01  ? 699  SER A CB  1 
ATOM   57  O OG  . SER A 1 11  ? -4.798  -9.341  1.566   1.00 42.51  ? 699  SER A OG  1 
ATOM   58  N N   . ILE A 1 12  ? -2.321  -6.626  1.525   1.00 30.78  ? 700  ILE A N   1 
ATOM   59  C CA  . ILE A 1 12  ? -1.250  -6.458  0.533   1.00 30.55  ? 700  ILE A CA  1 
ATOM   60  C C   . ILE A 1 12  ? -0.971  -7.850  -0.045  1.00 36.56  ? 700  ILE A C   1 
ATOM   61  O O   . ILE A 1 12  ? -0.959  -8.840  0.701   1.00 36.93  ? 700  ILE A O   1 
ATOM   62  C CB  . ILE A 1 12  ? 0.015   -5.834  1.180   1.00 32.96  ? 700  ILE A CB  1 
ATOM   63  C CG1 . ILE A 1 12  ? -0.269  -4.431  1.777   1.00 32.12  ? 700  ILE A CG1 1 
ATOM   64  C CG2 . ILE A 1 12  ? 1.201   -5.825  0.193   1.00 35.09  ? 700  ILE A CG2 1 
ATOM   65  C CD1 . ILE A 1 12  ? 0.749   -3.954  2.861   1.00 33.80  ? 700  ILE A CD1 1 
ATOM   66  N N   . VAL A 1 13  ? -0.758  -7.920  -1.363  1.00 34.46  ? 701  VAL A N   1 
ATOM   67  C CA  . VAL A 1 13  ? -0.459  -9.163  -2.086  1.00 37.04  ? 701  VAL A CA  1 
ATOM   68  C C   . VAL A 1 13  ? 1.044   -9.468  -1.943  1.00 42.68  ? 701  VAL A C   1 
ATOM   69  O O   . VAL A 1 13  ? 1.880   -8.731  -2.469  1.00 42.07  ? 701  VAL A O   1 
ATOM   70  C CB  . VAL A 1 13  ? -0.903  -9.072  -3.571  1.00 42.34  ? 701  VAL A CB  1 
ATOM   71  C CG1 . VAL A 1 13  ? -0.555  -10.349 -4.349  1.00 43.86  ? 701  VAL A CG1 1 
ATOM   72  C CG2 . VAL A 1 13  ? -2.392  -8.772  -3.682  1.00 42.53  ? 701  VAL A CG2 1 
ATOM   73  N N   . GLY A 1 14  ? 1.362   -10.532 -1.211  1.00 41.18  ? 702  GLY A N   1 
ATOM   74  C CA  . GLY A 1 14  ? 2.735   -10.988 -0.996  1.00 42.47  ? 702  GLY A CA  1 
ATOM   75  C C   . GLY A 1 14  ? 3.523   -10.167 0.007   1.00 45.98  ? 702  GLY A C   1 
ATOM   76  O O   . GLY A 1 14  ? 2.985   -9.246  0.637   1.00 42.92  ? 702  GLY A O   1 
ATOM   77  N N   . ASP A 1 15  ? 4.803   -10.523 0.186   1.00 44.94  ? 703  ASP A N   1 
ATOM   78  C CA  . ASP A 1 15  ? 5.693   -9.811  1.107   1.00 44.24  ? 703  ASP A CA  1 
ATOM   79  C C   . ASP A 1 15  ? 6.827   -9.072  0.381   1.00 46.04  ? 703  ASP A C   1 
ATOM   80  O O   . ASP A 1 15  ? 7.745   -8.579  1.038   1.00 44.61  ? 703  ASP A O   1 
ATOM   81  C CB  . ASP A 1 15  ? 6.231   -10.748 2.209   1.00 47.49  ? 703  ASP A CB  1 
ATOM   82  C CG  . ASP A 1 15  ? 5.182   -11.230 3.187   1.00 62.97  ? 703  ASP A CG  1 
ATOM   83  O OD1 . ASP A 1 15  ? 4.856   -10.473 4.128   1.00 64.25  ? 703  ASP A OD1 1 
ATOM   84  O OD2 . ASP A 1 15  ? 4.721   -12.383 3.040   1.00 70.79  ? 703  ASP A OD2 1 
ATOM   85  N N   . SER A 1 16  ? 6.757   -8.964  -0.971  1.00 43.14  ? 704  SER A N   1 
ATOM   86  C CA  . SER A 1 16  ? 7.762   -8.239  -1.766  1.00 43.16  ? 704  SER A CA  1 
ATOM   87  C C   . SER A 1 16  ? 7.908   -6.774  -1.309  1.00 45.20  ? 704  SER A C   1 
ATOM   88  O O   . SER A 1 16  ? 9.014   -6.227  -1.329  1.00 45.74  ? 704  SER A O   1 
ATOM   89  C CB  . SER A 1 16  ? 7.431   -8.302  -3.258  1.00 47.95  ? 704  SER A CB  1 
ATOM   90  O OG  . SER A 1 16  ? 6.413   -7.376  -3.605  1.00 54.13  ? 704  SER A OG  1 
ATOM   91  N N   . PHE A 1 17  ? 6.796   -6.167  -0.863  1.00 40.08  ? 705  PHE A N   1 
ATOM   92  C CA  . PHE A 1 17  ? 6.704   -4.775  -0.378  1.00 38.24  ? 705  PHE A CA  1 
ATOM   93  C C   . PHE A 1 17  ? 7.670   -4.430  0.765   1.00 39.37  ? 705  PHE A C   1 
ATOM   94  O O   . PHE A 1 17  ? 8.010   -3.254  0.951   1.00 37.97  ? 705  PHE A O   1 
ATOM   95  C CB  . PHE A 1 17  ? 5.256   -4.461  0.044   1.00 39.92  ? 705  PHE A CB  1 
ATOM   96  C CG  . PHE A 1 17  ? 4.808   -5.007  1.382   1.00 41.18  ? 705  PHE A CG  1 
ATOM   97  C CD1 . PHE A 1 17  ? 4.373   -6.321  1.506   1.00 43.85  ? 705  PHE A CD1 1 
ATOM   98  C CD2 . PHE A 1 17  ? 4.814   -4.204  2.518   1.00 43.07  ? 705  PHE A CD2 1 
ATOM   99  C CE1 . PHE A 1 17  ? 3.966   -6.827  2.745   1.00 47.19  ? 705  PHE A CE1 1 
ATOM   100 C CE2 . PHE A 1 17  ? 4.420   -4.713  3.756   1.00 44.35  ? 705  PHE A CE2 1 
ATOM   101 C CZ  . PHE A 1 17  ? 3.993   -6.018  3.863   1.00 44.69  ? 705  PHE A CZ  1 
ATOM   102 N N   . LYS A 1 18  ? 8.067   -5.439  1.565   1.00 34.06  ? 706  LYS A N   1 
ATOM   103 C CA  . LYS A 1 18  ? 8.952   -5.235  2.725   1.00 34.07  ? 706  LYS A CA  1 
ATOM   104 C C   . LYS A 1 18  ? 10.348  -4.731  2.364   1.00 34.99  ? 706  LYS A C   1 
ATOM   105 O O   . LYS A 1 18  ? 11.057  -4.176  3.208   1.00 33.67  ? 706  LYS A O   1 
ATOM   106 C CB  . LYS A 1 18  ? 9.066   -6.538  3.546   1.00 39.01  ? 706  LYS A CB  1 
ATOM   107 C CG  . LYS A 1 18  ? 7.766   -6.974  4.236   1.00 46.88  ? 706  LYS A CG  1 
ATOM   108 C CD  . LYS A 1 18  ? 7.393   -6.102  5.456   1.00 53.75  ? 706  LYS A CD  1 
ATOM   109 C CE  . LYS A 1 18  ? 8.413   -6.113  6.578   1.00 53.79  ? 706  LYS A CE  1 
ATOM   110 N NZ  . LYS A 1 18  ? 8.211   -4.970  7.502   1.00 46.99  ? 706  LYS A NZ  1 
ATOM   111 N N   . LYS A 1 19  ? 10.762  -4.951  1.120   1.00 31.99  ? 707  LYS A N   1 
ATOM   112 C CA  . LYS A 1 19  ? 12.086  -4.600  0.657   1.00 33.33  ? 707  LYS A CA  1 
ATOM   113 C C   . LYS A 1 19  ? 12.005  -3.907  -0.684  1.00 37.96  ? 707  LYS A C   1 
ATOM   114 O O   . LYS A 1 19  ? 11.295  -4.362  -1.583  1.00 39.59  ? 707  LYS A O   1 
ATOM   115 C CB  . LYS A 1 19  ? 12.970  -5.864  0.551   1.00 38.33  ? 707  LYS A CB  1 
ATOM   116 C CG  . LYS A 1 19  ? 13.316  -6.468  1.908   1.00 42.71  ? 707  LYS A CG  1 
ATOM   117 C CD  . LYS A 1 19  ? 14.227  -7.689  1.791   1.00 50.74  ? 707  LYS A CD  1 
ATOM   118 C CE  . LYS A 1 19  ? 14.498  -8.323  3.142   1.00 64.31  ? 707  LYS A CE  1 
ATOM   119 N NZ  . LYS A 1 19  ? 15.151  -7.383  4.101   1.00 73.20  ? 707  LYS A NZ  1 
ATOM   120 N N   . ALA A 1 20  ? 12.755  -2.817  -0.830  1.00 33.19  ? 708  ALA A N   1 
ATOM   121 C CA  . ALA A 1 20  ? 12.779  -2.072  -2.072  1.00 32.74  ? 708  ALA A CA  1 
ATOM   122 C C   . ALA A 1 20  ? 14.105  -1.361  -2.313  1.00 35.21  ? 708  ALA A C   1 
ATOM   123 O O   . ALA A 1 20  ? 14.997  -1.342  -1.456  1.00 32.53  ? 708  ALA A O   1 
ATOM   124 C CB  . ALA A 1 20  ? 11.593  -1.109  -2.149  1.00 32.53  ? 708  ALA A CB  1 
ATOM   125 N N   . ILE A 1 21  ? 14.286  -0.903  -3.540  1.00 32.33  ? 709  ILE A N   1 
ATOM   126 C CA  . ILE A 1 21  ? 15.531  -0.273  -3.950  1.00 33.30  ? 709  ILE A CA  1 
ATOM   127 C C   . ILE A 1 21  ? 15.360  1.223   -4.108  1.00 34.29  ? 709  ILE A C   1 
ATOM   128 O O   . ILE A 1 21  ? 14.403  1.692   -4.742  1.00 32.34  ? 709  ILE A O   1 
ATOM   129 C CB  . ILE A 1 21  ? 16.105  -0.967  -5.220  1.00 37.77  ? 709  ILE A CB  1 
ATOM   130 C CG1 . ILE A 1 21  ? 16.339  -2.488  -4.964  1.00 38.54  ? 709  ILE A CG1 1 
ATOM   131 C CG2 . ILE A 1 21  ? 17.387  -0.279  -5.715  1.00 40.76  ? 709  ILE A CG2 1 
ATOM   132 C CD1 . ILE A 1 21  ? 16.652  -3.352  -6.225  1.00 46.81  ? 709  ILE A CD1 1 
ATOM   133 N N   . ARG A 1 22  ? 16.318  1.969   -3.560  1.00 30.99  ? 710  ARG A N   1 
ATOM   134 C CA  . ARG A 1 22  ? 16.362  3.419   -3.635  1.00 31.39  ? 710  ARG A CA  1 
ATOM   135 C C   . ARG A 1 22  ? 16.340  3.877   -5.083  1.00 33.76  ? 710  ARG A C   1 
ATOM   136 O O   . ARG A 1 22  ? 16.963  3.250   -5.968  1.00 33.77  ? 710  ARG A O   1 
ATOM   137 C CB  . ARG A 1 22  ? 17.633  3.941   -2.941  1.00 35.87  ? 710  ARG A CB  1 
ATOM   138 C CG  . ARG A 1 22  ? 17.692  5.450   -2.733  1.00 41.29  ? 710  ARG A CG  1 
ATOM   139 C CD  . ARG A 1 22  ? 19.023  5.873   -2.116  1.00 42.02  ? 710  ARG A CD  1 
ATOM   140 N NE  . ARG A 1 22  ? 20.169  5.573   -2.977  1.00 49.84  ? 710  ARG A NE  1 
ATOM   141 C CZ  . ARG A 1 22  ? 21.431  5.860   -2.670  1.00 67.59  ? 710  ARG A CZ  1 
ATOM   142 N NH1 . ARG A 1 22  ? 21.723  6.457   -1.521  1.00 53.44  ? 710  ARG A NH1 1 
ATOM   143 N NH2 . ARG A 1 22  ? 22.411  5.556   -3.511  1.00 60.49  ? 710  ARG A NH2 1 
ATOM   144 N N   . GLU A 1 23  ? 15.614  4.980   -5.325  1.00 29.47  ? 711  GLU A N   1 
ATOM   145 C CA  . GLU A 1 23  ? 15.542  5.666   -6.622  1.00 29.10  ? 711  GLU A CA  1 
ATOM   146 C C   . GLU A 1 23  ? 15.013  4.789   -7.765  1.00 35.51  ? 711  GLU A C   1 
ATOM   147 O O   . GLU A 1 23  ? 15.416  4.937   -8.928  1.00 35.06  ? 711  GLU A O   1 
ATOM   148 C CB  . GLU A 1 23  ? 16.924  6.292   -6.981  1.00 30.87  ? 711  GLU A CB  1 
ATOM   149 C CG  . GLU A 1 23  ? 17.350  7.374   -6.006  1.00 34.39  ? 711  GLU A CG  1 
ATOM   150 C CD  . GLU A 1 23  ? 18.724  7.963   -6.255  1.00 57.68  ? 711  GLU A CD  1 
ATOM   151 O OE1 . GLU A 1 23  ? 18.951  8.507   -7.359  1.00 53.83  ? 711  GLU A OE1 1 
ATOM   152 O OE2 . GLU A 1 23  ? 19.561  7.921   -5.326  1.00 57.16  ? 711  GLU A OE2 1 
ATOM   153 N N   . ARG A 1 24  ? 14.105  3.864   -7.430  1.00 32.60  ? 712  ARG A N   1 
ATOM   154 C CA  . ARG A 1 24  ? 13.469  3.024   -8.438  1.00 33.40  ? 712  ARG A CA  1 
ATOM   155 C C   . ARG A 1 24  ? 11.984  3.151   -8.134  1.00 35.09  ? 712  ARG A C   1 
ATOM   156 O O   . ARG A 1 24  ? 11.617  3.100   -6.966  1.00 31.15  ? 712  ARG A O   1 
ATOM   157 C CB  . ARG A 1 24  ? 13.896  1.547   -8.292  1.00 36.10  ? 712  ARG A CB  1 
ATOM   158 C CG  . ARG A 1 24  ? 15.402  1.306   -8.435  1.00 41.87  ? 712  ARG A CG  1 
ATOM   159 C CD  . ARG A 1 24  ? 15.800  0.753   -9.777  1.00 52.76  ? 712  ARG A CD  1 
ATOM   160 N NE  . ARG A 1 24  ? 17.218  0.396   -9.787  1.00 66.85  ? 712  ARG A NE  1 
ATOM   161 C CZ  . ARG A 1 24  ? 17.686  -0.841  -9.647  1.00 78.93  ? 712  ARG A CZ  1 
ATOM   162 N NH1 . ARG A 1 24  ? 16.851  -1.863  -9.512  1.00 61.49  ? 712  ARG A NH1 1 
ATOM   163 N NH2 . ARG A 1 24  ? 18.992  -1.067  -9.657  1.00 67.86  ? 712  ARG A NH2 1 
ATOM   164 N N   . GLN A 1 25  ? 11.147  3.395   -9.155  1.00 32.33  ? 713  GLN A N   1 
ATOM   165 C CA  . GLN A 1 25  ? 9.692   3.459   -8.969  1.00 32.14  ? 713  GLN A CA  1 
ATOM   166 C C   . GLN A 1 25  ? 9.266   2.061   -8.499  1.00 34.31  ? 713  GLN A C   1 
ATOM   167 O O   . GLN A 1 25  ? 9.632   1.061   -9.126  1.00 36.07  ? 713  GLN A O   1 
ATOM   168 C CB  . GLN A 1 25  ? 9.008   3.829   -10.301 1.00 35.88  ? 713  GLN A CB  1 
ATOM   169 C CG  . GLN A 1 25  ? 8.991   5.342   -10.521 1.00 38.00  ? 713  GLN A CG  1 
ATOM   170 C CD  . GLN A 1 25  ? 8.123   5.761   -11.683 1.00 64.19  ? 713  GLN A CD  1 
ATOM   171 O OE1 . GLN A 1 25  ? 8.103   5.129   -12.748 1.00 61.75  ? 713  GLN A OE1 1 
ATOM   172 N NE2 . GLN A 1 25  ? 7.409   6.868   -11.514 1.00 53.42  ? 713  GLN A NE2 1 
ATOM   173 N N   . THR A 1 26  ? 8.577   2.005   -7.358  1.00 29.09  ? 714  THR A N   1 
ATOM   174 C CA  . THR A 1 26  ? 8.239   0.772   -6.658  1.00 28.20  ? 714  THR A CA  1 
ATOM   175 C C   . THR A 1 26  ? 6.732   0.585   -6.645  1.00 32.27  ? 714  THR A C   1 
ATOM   176 O O   . THR A 1 26  ? 6.015   1.553   -6.405  1.00 31.33  ? 714  THR A O   1 
ATOM   177 C CB  . THR A 1 26  ? 8.813   0.884   -5.220  1.00 30.96  ? 714  THR A CB  1 
ATOM   178 O OG1 . THR A 1 26  ? 10.224  1.137   -5.327  1.00 34.02  ? 714  THR A OG1 1 
ATOM   179 C CG2 . THR A 1 26  ? 8.568   -0.363  -4.377  1.00 34.75  ? 714  THR A CG2 1 
ATOM   180 N N   . VAL A 1 27  ? 6.260   -0.647  -6.894  1.00 30.73  ? 715  VAL A N   1 
ATOM   181 C CA  . VAL A 1 27  ? 4.832   -0.961  -6.927  1.00 30.52  ? 715  VAL A CA  1 
ATOM   182 C C   . VAL A 1 27  ? 4.432   -1.982  -5.842  1.00 34.43  ? 715  VAL A C   1 
ATOM   183 O O   . VAL A 1 27  ? 5.112   -2.999  -5.668  1.00 34.70  ? 715  VAL A O   1 
ATOM   184 C CB  . VAL A 1 27  ? 4.417   -1.467  -8.348  1.00 35.89  ? 715  VAL A CB  1 
ATOM   185 C CG1 . VAL A 1 27  ? 2.914   -1.721  -8.422  1.00 36.43  ? 715  VAL A CG1 1 
ATOM   186 C CG2 . VAL A 1 27  ? 4.833   -0.481  -9.441  1.00 36.15  ? 715  VAL A CG2 1 
ATOM   187 N N   . ILE A 1 28  ? 3.312   -1.725  -5.137  1.00 29.88  ? 716  ILE A N   1 
ATOM   188 C CA  . ILE A 1 28  ? 2.774   -2.651  -4.138  1.00 30.19  ? 716  ILE A CA  1 
ATOM   189 C C   . ILE A 1 28  ? 1.345   -2.928  -4.580  1.00 34.33  ? 716  ILE A C   1 
ATOM   190 O O   . ILE A 1 28  ? 0.631   -1.988  -4.936  1.00 33.67  ? 716  ILE A O   1 
ATOM   191 C CB  . ILE A 1 28  ? 2.823   -2.059  -2.705  1.00 32.32  ? 716  ILE A CB  1 
ATOM   192 C CG1 . ILE A 1 28  ? 4.264   -1.649  -2.301  1.00 32.83  ? 716  ILE A CG1 1 
ATOM   193 C CG2 . ILE A 1 28  ? 2.205   -3.039  -1.674  1.00 32.71  ? 716  ILE A CG2 1 
ATOM   194 C CD1 . ILE A 1 28  ? 4.253   -0.701  -1.049  1.00 35.63  ? 716  ILE A CD1 1 
ATOM   195 N N   . TYR A 1 29  ? 0.921   -4.202  -4.560  1.00 31.81  ? 717  TYR A N   1 
ATOM   196 C CA  . TYR A 1 29  ? -0.436  -4.551  -4.970  1.00 31.66  ? 717  TYR A CA  1 
ATOM   197 C C   . TYR A 1 29  ? -1.270  -4.869  -3.755  1.00 33.66  ? 717  TYR A C   1 
ATOM   198 O O   . TYR A 1 29  ? -0.786  -5.548  -2.856  1.00 33.76  ? 717  TYR A O   1 
ATOM   199 C CB  . TYR A 1 29  ? -0.429  -5.738  -5.937  1.00 34.20  ? 717  TYR A CB  1 
ATOM   200 C CG  . TYR A 1 29  ? 0.179   -5.383  -7.269  1.00 37.03  ? 717  TYR A CG  1 
ATOM   201 C CD1 . TYR A 1 29  ? -0.549  -4.678  -8.221  1.00 38.55  ? 717  TYR A CD1 1 
ATOM   202 C CD2 . TYR A 1 29  ? 1.504   -5.695  -7.558  1.00 39.65  ? 717  TYR A CD2 1 
ATOM   203 C CE1 . TYR A 1 29  ? -0.005  -4.371  -9.464  1.00 39.69  ? 717  TYR A CE1 1 
ATOM   204 C CE2 . TYR A 1 29  ? 2.073   -5.357  -8.785  1.00 41.33  ? 717  TYR A CE2 1 
ATOM   205 C CZ  . TYR A 1 29  ? 1.317   -4.686  -9.730  1.00 51.00  ? 717  TYR A CZ  1 
ATOM   206 O OH  . TYR A 1 29  ? 1.854   -4.364  -10.954 1.00 51.26  ? 717  TYR A OH  1 
ATOM   207 N N   . VAL A 1 30  ? -2.491  -4.305  -3.695  1.00 31.32  ? 718  VAL A N   1 
ATOM   208 C CA  . VAL A 1 30  ? -3.445  -4.473  -2.587  1.00 29.69  ? 718  VAL A CA  1 
ATOM   209 C C   . VAL A 1 30  ? -4.734  -5.132  -3.099  1.00 35.10  ? 718  VAL A C   1 
ATOM   210 O O   . VAL A 1 30  ? -5.277  -4.732  -4.128  1.00 34.94  ? 718  VAL A O   1 
ATOM   211 C CB  . VAL A 1 30  ? -3.710  -3.124  -1.867  1.00 32.92  ? 718  VAL A CB  1 
ATOM   212 C CG1 . VAL A 1 30  ? -4.720  -3.275  -0.731  1.00 32.50  ? 718  VAL A CG1 1 
ATOM   213 C CG2 . VAL A 1 30  ? -2.409  -2.518  -1.343  1.00 32.33  ? 718  VAL A CG2 1 
ATOM   214 N N   . GLN A 1 31  ? -5.176  -6.188  -2.417  1.00 29.82  ? 719  GLN A N   1 
ATOM   215 C CA  . GLN A 1 31  ? -6.370  -6.905  -2.816  1.00 30.35  ? 719  GLN A CA  1 
ATOM   216 C C   . GLN A 1 31  ? -7.499  -6.404  -1.939  1.00 34.91  ? 719  GLN A C   1 
ATOM   217 O O   . GLN A 1 31  ? -7.428  -6.569  -0.724  1.00 35.03  ? 719  GLN A O   1 
ATOM   218 C CB  . GLN A 1 31  ? -6.133  -8.405  -2.582  1.00 32.31  ? 719  GLN A CB  1 
ATOM   219 C CG  . GLN A 1 31  ? -7.230  -9.314  -3.087  1.00 45.70  ? 719  GLN A CG  1 
ATOM   220 C CD  . GLN A 1 31  ? -7.367  -9.295  -4.578  1.00 74.85  ? 719  GLN A CD  1 
ATOM   221 O OE1 . GLN A 1 31  ? -8.142  -8.507  -5.136  1.00 71.26  ? 719  GLN A OE1 1 
ATOM   222 N NE2 . GLN A 1 31  ? -6.709  -10.237 -5.244  1.00 69.00  ? 719  GLN A NE2 1 
ATOM   223 N N   . LEU A 1 32  ? -8.499  -5.748  -2.540  1.00 29.90  ? 720  LEU A N   1 
ATOM   224 C CA  . LEU A 1 32  ? -9.652  -5.244  -1.800  1.00 29.31  ? 720  LEU A CA  1 
ATOM   225 C C   . LEU A 1 32  ? -10.752 -6.292  -1.836  1.00 31.59  ? 720  LEU A C   1 
ATOM   226 O O   . LEU A 1 32  ? -11.069 -6.856  -2.895  1.00 30.75  ? 720  LEU A O   1 
ATOM   227 C CB  . LEU A 1 32  ? -10.174 -3.935  -2.395  1.00 30.09  ? 720  LEU A CB  1 
ATOM   228 C CG  . LEU A 1 32  ? -9.185  -2.741  -2.457  1.00 33.06  ? 720  LEU A CG  1 
ATOM   229 C CD1 . LEU A 1 32  ? -9.794  -1.586  -3.191  1.00 35.44  ? 720  LEU A CD1 1 
ATOM   230 C CD2 . LEU A 1 32  ? -8.764  -2.260  -1.054  1.00 31.62  ? 720  LEU A CD2 1 
ATOM   231 N N   . ARG A 1 33  ? -11.297 -6.581  -0.679  1.00 27.58  ? 721  ARG A N   1 
ATOM   232 C CA  . ARG A 1 33  ? -12.386 -7.543  -0.528  1.00 26.31  ? 721  ARG A CA  1 
ATOM   233 C C   . ARG A 1 33  ? -13.479 -6.903  0.287   1.00 29.65  ? 721  ARG A C   1 
ATOM   234 O O   . ARG A 1 33  ? -13.160 -6.080  1.166   1.00 29.25  ? 721  ARG A O   1 
ATOM   235 C CB  . ARG A 1 33  ? -11.916 -8.822  0.218   1.00 27.41  ? 721  ARG A CB  1 
ATOM   236 C CG  . ARG A 1 33  ? -10.878 -9.640  -0.607  1.00 33.57  ? 721  ARG A CG  1 
ATOM   237 C CD  . ARG A 1 33  ? -10.498 -10.931 0.111   1.00 34.37  ? 721  ARG A CD  1 
ATOM   238 N NE  . ARG A 1 33  ? -9.413  -11.651 -0.567  1.00 37.98  ? 721  ARG A NE  1 
ATOM   239 C CZ  . ARG A 1 33  ? -9.598  -12.675 -1.398  1.00 53.63  ? 721  ARG A CZ  1 
ATOM   240 N NH1 . ARG A 1 33  ? -10.822 -13.102 -1.674  1.00 42.25  ? 721  ARG A NH1 1 
ATOM   241 N NH2 . ARG A 1 33  ? -8.560  -13.261 -1.982  1.00 49.67  ? 721  ARG A NH2 1 
ATOM   242 N N   . ASP A 1 34  ? -14.742 -7.277  0.031   1.00 29.30  ? 722  ASP A N   1 
ATOM   243 C CA  . ASP A 1 34  ? -15.868 -6.760  0.823   1.00 29.82  ? 722  ASP A CA  1 
ATOM   244 C C   . ASP A 1 34  ? -15.996 -7.543  2.146   1.00 33.22  ? 722  ASP A C   1 
ATOM   245 O O   . ASP A 1 34  ? -15.156 -8.396  2.423   1.00 31.86  ? 722  ASP A O   1 
ATOM   246 C CB  . ASP A 1 34  ? -17.173 -6.845  0.041   1.00 33.37  ? 722  ASP A CB  1 
ATOM   247 C CG  . ASP A 1 34  ? -17.557 -8.241  -0.444  1.00 38.45  ? 722  ASP A CG  1 
ATOM   248 O OD1 . ASP A 1 34  ? -17.169 -9.237  0.215   1.00 33.93  ? 722  ASP A OD1 1 
ATOM   249 O OD2 . ASP A 1 34  ? -18.237 -8.341  -1.484  1.00 45.63  ? 722  ASP A OD2 1 
ATOM   250 N N   . ALA A 1 35  ? -17.041 -7.234  2.957   1.00 31.02  ? 723  ALA A N   1 
ATOM   251 C CA  . ALA A 1 35  ? -17.301 -7.877  4.258   1.00 31.06  ? 723  ALA A CA  1 
ATOM   252 C C   . ALA A 1 35  ? -17.457 -9.405  4.147   1.00 31.97  ? 723  ALA A C   1 
ATOM   253 O O   . ALA A 1 35  ? -17.225 -10.121 5.115   1.00 30.65  ? 723  ALA A O   1 
ATOM   254 C CB  . ALA A 1 35  ? -18.544 -7.272  4.903   1.00 33.13  ? 723  ALA A CB  1 
ATOM   255 N N   . CYS A 1 36  ? -17.897 -9.903  2.974   1.00 31.11  ? 724  CYS A N   1 
ATOM   256 C CA  . CYS A 1 36  ? -18.098 -11.329 2.728   1.00 33.01  ? 724  CYS A CA  1 
ATOM   257 C C   . CYS A 1 36  ? -16.810 -12.038 2.279   1.00 33.74  ? 724  CYS A C   1 
ATOM   258 O O   . CYS A 1 36  ? -16.789 -13.268 2.156   1.00 35.38  ? 724  CYS A O   1 
ATOM   259 C CB  . CYS A 1 36  ? -19.224 -11.523 1.713   1.00 37.20  ? 724  CYS A CB  1 
ATOM   260 S SG  . CYS A 1 36  ? -20.792 -10.795 2.237   1.00 43.37  ? 724  CYS A SG  1 
ATOM   261 N N   . GLY A 1 37  ? -15.759 -11.271 2.010   1.00 29.97  ? 725  GLY A N   1 
ATOM   262 C CA  . GLY A 1 37  ? -14.500 -11.832 1.563   1.00 28.62  ? 725  GLY A CA  1 
ATOM   263 C C   . GLY A 1 37  ? -14.401 -11.928 0.062   1.00 34.73  ? 725  GLY A C   1 
ATOM   264 O O   . GLY A 1 37  ? -13.413 -12.453 -0.459  1.00 34.49  ? 725  GLY A O   1 
ATOM   265 N N   . ASP A 1 38  ? -15.423 -11.430 -0.635  1.00 32.70  ? 726  ASP A N   1 
ATOM   266 C CA  . ASP A 1 38  ? -15.423 -11.468 -2.109  1.00 33.79  ? 726  ASP A CA  1 
ATOM   267 C C   . ASP A 1 38  ? -14.553 -10.347 -2.664  1.00 37.16  ? 726  ASP A C   1 
ATOM   268 O O   . ASP A 1 38  ? -14.585 -9.241  -2.150  1.00 33.65  ? 726  ASP A O   1 
ATOM   269 C CB  . ASP A 1 38  ? -16.847 -11.304 -2.669  1.00 37.95  ? 726  ASP A CB  1 
ATOM   270 C CG  . ASP A 1 38  ? -17.775 -12.488 -2.429  1.00 46.77  ? 726  ASP A CG  1 
ATOM   271 O OD1 . ASP A 1 38  ? -17.369 -13.629 -2.725  1.00 47.06  ? 726  ASP A OD1 1 
ATOM   272 O OD2 . ASP A 1 38  ? -18.917 -12.261 -2.014  1.00 52.07  ? 726  ASP A OD2 1 
ATOM   273 N N   . LEU A 1 39  ? -13.842 -10.597 -3.770  1.00 36.86  ? 727  LEU A N   1 
ATOM   274 C CA  . LEU A 1 39  ? -13.016 -9.525  -4.358  1.00 37.93  ? 727  LEU A CA  1 
ATOM   275 C C   . LEU A 1 39  ? -13.947 -8.457  -4.926  1.00 43.38  ? 727  LEU A C   1 
ATOM   276 O O   . LEU A 1 39  ? -15.020 -8.824  -5.421  1.00 45.17  ? 727  LEU A O   1 
ATOM   277 C CB  . LEU A 1 39  ? -12.137 -10.075 -5.513  1.00 40.78  ? 727  LEU A CB  1 
ATOM   278 C CG  . LEU A 1 39  ? -11.199 -11.239 -5.206  1.00 46.86  ? 727  LEU A CG  1 
ATOM   279 C CD1 . LEU A 1 39  ? -10.460 -11.663 -6.429  1.00 48.27  ? 727  LEU A CD1 1 
ATOM   280 C CD2 . LEU A 1 39  ? -10.196 -10.865 -4.206  1.00 50.05  ? 727  LEU A CD2 1 
ATOM   281 N N   . LEU A 1 40  ? -13.566 -7.146  -4.853  1.00 41.11  ? 728  LEU A N   1 
ATOM   282 C CA  . LEU A 1 40  ? -14.430 -6.107  -5.423  1.00 43.18  ? 728  LEU A CA  1 
ATOM   283 C C   . LEU A 1 40  ? -14.611 -6.327  -6.920  1.00 50.98  ? 728  LEU A C   1 
ATOM   284 O O   . LEU A 1 40  ? -13.679 -6.789  -7.571  1.00 51.06  ? 728  LEU A O   1 
ATOM   285 C CB  . LEU A 1 40  ? -13.912 -4.694  -5.149  1.00 43.24  ? 728  LEU A CB  1 
ATOM   286 C CG  . LEU A 1 40  ? -13.954 -4.180  -3.720  1.00 47.19  ? 728  LEU A CG  1 
ATOM   287 C CD1 . LEU A 1 40  ? -13.553 -2.722  -3.682  1.00 47.02  ? 728  LEU A CD1 1 
ATOM   288 C CD2 . LEU A 1 40  ? -15.337 -4.336  -3.103  1.00 50.38  ? 728  LEU A CD2 1 
ATOM   289 N N   . SER A 1 41  ? -15.818 -6.029  -7.446  1.00 50.06  ? 729  SER A N   1 
ATOM   290 C CA  . SER A 1 41  ? -16.230 -6.189  -8.853  1.00 85.43  ? 729  SER A CA  1 
ATOM   291 C C   . SER A 1 41  ? -16.194 -7.651  -9.308  1.00 124.34 ? 729  SER A C   1 
ATOM   292 O O   . SER A 1 41  ? -17.242 -8.245  -9.562  1.00 89.16  ? 729  SER A O   1 
ATOM   293 C CB  . SER A 1 41  ? -15.413 -5.296  -9.787  1.00 88.83  ? 729  SER A CB  1 
ATOM   294 O OG  . SER A 1 41  ? -15.699 -5.542  -11.155 1.00 98.76  ? 729  SER A OG  1 
ATOM   295 N N   . THR A 1 70  ? -12.739 4.427   -6.146  1.00 63.71  ? 758  THR A N   1 
ATOM   296 C CA  . THR A 1 70  ? -11.817 4.025   -5.079  1.00 61.51  ? 758  THR A CA  1 
ATOM   297 C C   . THR A 1 70  ? -11.672 5.118   -3.999  1.00 62.57  ? 758  THR A C   1 
ATOM   298 O O   . THR A 1 70  ? -10.672 5.151   -3.270  1.00 60.76  ? 758  THR A O   1 
ATOM   299 C CB  . THR A 1 70  ? -10.472 3.565   -5.665  1.00 72.14  ? 758  THR A CB  1 
ATOM   300 O OG1 . THR A 1 70  ? -9.930  4.600   -6.493  1.00 73.64  ? 758  THR A OG1 1 
ATOM   301 C CG2 . THR A 1 70  ? -10.590 2.258   -6.447  1.00 73.11  ? 758  THR A CG2 1 
ATOM   302 N N   . SER A 1 71  ? -12.708 5.974   -3.866  1.00 58.49  ? 759  SER A N   1 
ATOM   303 C CA  . SER A 1 71  ? -12.797 7.081   -2.900  1.00 57.06  ? 759  SER A CA  1 
ATOM   304 C C   . SER A 1 71  ? -12.732 6.646   -1.424  1.00 56.29  ? 759  SER A C   1 
ATOM   305 O O   . SER A 1 71  ? -12.544 7.492   -0.543  1.00 56.67  ? 759  SER A O   1 
ATOM   306 C CB  . SER A 1 71  ? -14.061 7.901   -3.156  1.00 63.19  ? 759  SER A CB  1 
ATOM   307 O OG  . SER A 1 71  ? -15.212 7.081   -3.285  1.00 72.51  ? 759  SER A OG  1 
ATOM   308 N N   . ASP A 1 72  ? -12.865 5.330   -1.161  1.00 48.69  ? 760  ASP A N   1 
ATOM   309 C CA  . ASP A 1 72  ? -12.832 4.735   0.178   1.00 46.04  ? 760  ASP A CA  1 
ATOM   310 C C   . ASP A 1 72  ? -11.434 4.268   0.590   1.00 43.71  ? 760  ASP A C   1 
ATOM   311 O O   . ASP A 1 72  ? -11.258 3.814   1.722   1.00 43.17  ? 760  ASP A O   1 
ATOM   312 C CB  . ASP A 1 72  ? -13.790 3.526   0.230   1.00 47.99  ? 760  ASP A CB  1 
ATOM   313 C CG  . ASP A 1 72  ? -15.265 3.860   0.133   1.00 55.87  ? 760  ASP A CG  1 
ATOM   314 O OD1 . ASP A 1 72  ? -15.739 4.691   0.936   1.00 55.67  ? 760  ASP A OD1 1 
ATOM   315 O OD2 . ASP A 1 72  ? -15.965 3.221   -0.684  1.00 59.39  ? 760  ASP A OD2 1 
ATOM   316 N N   . VAL A 1 73  ? -10.450 4.353   -0.315  1.00 36.11  ? 761  VAL A N   1 
ATOM   317 C CA  . VAL A 1 73  ? -9.093  3.862   -0.055  1.00 34.07  ? 761  VAL A CA  1 
ATOM   318 C C   . VAL A 1 73  ? -8.092  5.022   0.027   1.00 35.04  ? 761  VAL A C   1 
ATOM   319 O O   . VAL A 1 73  ? -8.052  5.890   -0.847  1.00 34.28  ? 761  VAL A O   1 
ATOM   320 C CB  . VAL A 1 73  ? -8.678  2.794   -1.133  1.00 39.52  ? 761  VAL A CB  1 
ATOM   321 C CG1 . VAL A 1 73  ? -7.235  2.315   -0.938  1.00 39.16  ? 761  VAL A CG1 1 
ATOM   322 C CG2 . VAL A 1 73  ? -9.630  1.606   -1.132  1.00 40.00  ? 761  VAL A CG2 1 
ATOM   323 N N   . GLN A 1 74  ? -7.272  5.021   1.084   1.00 29.68  ? 762  GLN A N   1 
ATOM   324 C CA  . GLN A 1 74  ? -6.223  6.020   1.277   1.00 28.63  ? 762  GLN A CA  1 
ATOM   325 C C   . GLN A 1 74  ? -4.931  5.247   1.504   1.00 31.73  ? 762  GLN A C   1 
ATOM   326 O O   . GLN A 1 74  ? -4.935  4.208   2.160   1.00 31.47  ? 762  GLN A O   1 
ATOM   327 C CB  . GLN A 1 74  ? -6.533  6.877   2.512   1.00 29.52  ? 762  GLN A CB  1 
ATOM   328 C CG  . GLN A 1 74  ? -7.829  7.671   2.399   1.00 39.69  ? 762  GLN A CG  1 
ATOM   329 C CD  . GLN A 1 74  ? -8.022  8.567   3.589   1.00 55.34  ? 762  GLN A CD  1 
ATOM   330 O OE1 . GLN A 1 74  ? -7.668  9.744   3.560   1.00 47.30  ? 762  GLN A OE1 1 
ATOM   331 N NE2 . GLN A 1 74  ? -8.570  8.028   4.666   1.00 49.24  ? 762  GLN A NE2 1 
ATOM   332 N N   . ALA A 1 75  ? -3.830  5.718   0.939   1.00 26.47  ? 763  ALA A N   1 
ATOM   333 C CA  . ALA A 1 75  ? -2.549  5.057   1.167   1.00 24.54  ? 763  ALA A CA  1 
ATOM   334 C C   . ALA A 1 75  ? -1.489  6.130   1.343   1.00 27.31  ? 763  ALA A C   1 
ATOM   335 O O   . ALA A 1 75  ? -1.468  7.104   0.581   1.00 26.99  ? 763  ALA A O   1 
ATOM   336 C CB  . ALA A 1 75  ? -2.197  4.160   -0.009  1.00 25.75  ? 763  ALA A CB  1 
ATOM   337 N N   . PHE A 1 76  ? -0.664  6.001   2.375   1.00 22.31  ? 764  PHE A N   1 
ATOM   338 C CA  . PHE A 1 76  ? 0.438   6.933   2.501   1.00 21.97  ? 764  PHE A CA  1 
ATOM   339 C C   . PHE A 1 76  ? 1.731   6.221   2.817   1.00 24.56  ? 764  PHE A C   1 
ATOM   340 O O   . PHE A 1 76  ? 1.737   5.140   3.398   1.00 22.60  ? 764  PHE A O   1 
ATOM   341 C CB  . PHE A 1 76  ? 0.194   8.095   3.437   1.00 26.92  ? 764  PHE A CB  1 
ATOM   342 C CG  . PHE A 1 76  ? -0.115  7.643   4.810   1.00 29.80  ? 764  PHE A CG  1 
ATOM   343 C CD1 . PHE A 1 76  ? 0.909   7.352   5.710   1.00 35.83  ? 764  PHE A CD1 1 
ATOM   344 C CD2 . PHE A 1 76  ? -1.427  7.611   5.260   1.00 32.32  ? 764  PHE A CD2 1 
ATOM   345 C CE1 . PHE A 1 76  ? 0.612   6.955   7.009   1.00 37.79  ? 764  PHE A CE1 1 
ATOM   346 C CE2 . PHE A 1 76  ? -1.717  7.276   6.571   1.00 36.28  ? 764  PHE A CE2 1 
ATOM   347 C CZ  . PHE A 1 76  ? -0.700  6.940   7.431   1.00 35.51  ? 764  PHE A CZ  1 
ATOM   348 N N   . VAL A 1 77  ? 2.831   6.859   2.450   1.00 21.70  ? 765  VAL A N   1 
ATOM   349 C CA  . VAL A 1 77  ? 4.175   6.372   2.644   1.00 21.68  ? 765  VAL A CA  1 
ATOM   350 C C   . VAL A 1 77  ? 4.955   7.532   3.220   1.00 24.82  ? 765  VAL A C   1 
ATOM   351 O O   . VAL A 1 77  ? 4.817   8.670   2.736   1.00 22.81  ? 765  VAL A O   1 
ATOM   352 C CB  . VAL A 1 77  ? 4.805   5.866   1.337   1.00 24.99  ? 765  VAL A CB  1 
ATOM   353 C CG1 . VAL A 1 77  ? 6.317   5.643   1.474   1.00 25.36  ? 765  VAL A CG1 1 
ATOM   354 C CG2 . VAL A 1 77  ? 4.119   4.592   0.856   1.00 23.92  ? 765  VAL A CG2 1 
ATOM   355 N N   . ILE A 1 78  ? 5.653   7.264   4.326   1.00 24.44  ? 766  ILE A N   1 
ATOM   356 C CA  . ILE A 1 78  ? 6.490   8.244   5.015   1.00 22.93  ? 766  ILE A CA  1 
ATOM   357 C C   . ILE A 1 78  ? 7.904   7.779   4.885   1.00 24.26  ? 766  ILE A C   1 
ATOM   358 O O   . ILE A 1 78  ? 8.200   6.610   5.153   1.00 22.40  ? 766  ILE A O   1 
ATOM   359 C CB  . ILE A 1 78  ? 6.117   8.373   6.497   1.00 25.81  ? 766  ILE A CB  1 
ATOM   360 C CG1 . ILE A 1 78  ? 4.590   8.496   6.653   1.00 28.25  ? 766  ILE A CG1 1 
ATOM   361 C CG2 . ILE A 1 78  ? 6.863   9.540   7.120   1.00 26.22  ? 766  ILE A CG2 1 
ATOM   362 C CD1 . ILE A 1 78  ? 3.896   9.704   5.735   1.00 32.91  ? 766  ILE A CD1 1 
ATOM   363 N N   . SER A 1 79  ? 8.809   8.699   4.516   1.00 23.33  ? 767  SER A N   1 
ATOM   364 C CA  . SER A 1 79  ? 10.189  8.338   4.348   1.00 23.20  ? 767  SER A CA  1 
ATOM   365 C C   . SER A 1 79  ? 10.892  8.285   5.736   1.00 27.95  ? 767  SER A C   1 
ATOM   366 O O   . SER A 1 79  ? 10.263  8.651   6.740   1.00 23.89  ? 767  SER A O   1 
ATOM   367 C CB  . SER A 1 79  ? 10.847  9.338   3.384   1.00 26.58  ? 767  SER A CB  1 
ATOM   368 O OG  . SER A 1 79  ? 11.109  10.528  4.099   1.00 33.89  ? 767  SER A OG  1 
ATOM   369 N N   . PRO A 1 80  ? 12.176  7.819   5.811   1.00 31.14  ? 768  PRO A N   1 
ATOM   370 C CA  . PRO A 1 80  ? 12.873  7.724   7.102   1.00 32.88  ? 768  PRO A CA  1 
ATOM   371 C C   . PRO A 1 80  ? 13.109  9.046   7.845   1.00 35.05  ? 768  PRO A C   1 
ATOM   372 O O   . PRO A 1 80  ? 13.395  9.018   9.045   1.00 37.64  ? 768  PRO A O   1 
ATOM   373 C CB  . PRO A 1 80  ? 14.216  7.061   6.732   1.00 35.03  ? 768  PRO A CB  1 
ATOM   374 C CG  . PRO A 1 80  ? 13.998  6.455   5.410   1.00 38.95  ? 768  PRO A CG  1 
ATOM   375 C CD  . PRO A 1 80  ? 13.029  7.325   4.711   1.00 32.97  ? 768  PRO A CD  1 
ATOM   376 N N   . ASP A 1 81  ? 12.982  10.180  7.139   1.00 31.50  ? 769  ASP A N   1 
ATOM   377 C CA  . ASP A 1 81  ? 13.150  11.517  7.742   1.00 30.80  ? 769  ASP A CA  1 
ATOM   378 C C   . ASP A 1 81  ? 11.790  12.169  8.106   1.00 32.79  ? 769  ASP A C   1 
ATOM   379 O O   . ASP A 1 81  ? 11.750  13.348  8.483   1.00 32.80  ? 769  ASP A O   1 
ATOM   380 C CB  . ASP A 1 81  ? 14.014  12.433  6.839   1.00 32.92  ? 769  ASP A CB  1 
ATOM   381 C CG  . ASP A 1 81  ? 13.368  12.919  5.542   1.00 39.23  ? 769  ASP A CG  1 
ATOM   382 O OD1 . ASP A 1 81  ? 12.173  12.642  5.329   1.00 38.14  ? 769  ASP A OD1 1 
ATOM   383 O OD2 . ASP A 1 81  ? 14.049  13.617  4.763   1.00 48.74  ? 769  ASP A OD2 1 
ATOM   384 N N   . GLY A 1 82  ? 10.697  11.395  8.012   1.00 27.83  ? 770  GLY A N   1 
ATOM   385 C CA  . GLY A 1 82  ? 9.374   11.897  8.355   1.00 27.41  ? 770  GLY A CA  1 
ATOM   386 C C   . GLY A 1 82  ? 8.603   12.632  7.289   1.00 28.32  ? 770  GLY A C   1 
ATOM   387 O O   . GLY A 1 82  ? 7.473   13.070  7.551   1.00 27.58  ? 770  GLY A O   1 
ATOM   388 N N   . SER A 1 83  ? 9.139   12.680  6.051   1.00 25.63  ? 771  SER A N   1 
ATOM   389 C CA  . SER A 1 83  ? 8.494   13.369  4.937   1.00 25.61  ? 771  SER A CA  1 
ATOM   390 C C   . SER A 1 83  ? 7.518   12.442  4.243   1.00 27.40  ? 771  SER A C   1 
ATOM   391 O O   . SER A 1 83  ? 7.798   11.247  4.117   1.00 24.55  ? 771  SER A O   1 
ATOM   392 C CB  . SER A 1 83  ? 9.532   13.829  3.907   1.00 29.17  ? 771  SER A CB  1 
ATOM   393 O OG  . SER A 1 83  ? 10.497  14.705  4.477   1.00 42.40  ? 771  SER A OG  1 
ATOM   394 N N   . THR A 1 84  ? 6.399   13.002  3.754   1.00 24.68  ? 772  THR A N   1 
ATOM   395 C CA  . THR A 1 84  ? 5.397   12.227  2.990   1.00 23.97  ? 772  THR A CA  1 
ATOM   396 C C   . THR A 1 84  ? 5.953   12.032  1.599   1.00 27.29  ? 772  THR A C   1 
ATOM   397 O O   . THR A 1 84  ? 6.666   12.892  1.071   1.00 27.25  ? 772  THR A O   1 
ATOM   398 C CB  . THR A 1 84  ? 4.038   12.942  2.918   1.00 33.22  ? 772  THR A CB  1 
ATOM   399 O OG1 . THR A 1 84  ? 4.194   14.208  2.309   1.00 34.93  ? 772  THR A OG1 1 
ATOM   400 C CG2 . THR A 1 84  ? 3.387   13.121  4.282   1.00 34.59  ? 772  THR A CG2 1 
ATOM   401 N N   . VAL A 1 85  ? 5.637   10.883  1.022   1.00 23.38  ? 773  VAL A N   1 
ATOM   402 C CA  . VAL A 1 85  ? 6.093   10.475  -0.309  1.00 22.82  ? 773  VAL A CA  1 
ATOM   403 C C   . VAL A 1 85  ? 4.820   10.355  -1.092  1.00 26.83  ? 773  VAL A C   1 
ATOM   404 O O   . VAL A 1 85  ? 3.849   9.776   -0.604  1.00 26.62  ? 773  VAL A O   1 
ATOM   405 C CB  . VAL A 1 85  ? 6.882   9.124   -0.167  1.00 26.21  ? 773  VAL A CB  1 
ATOM   406 C CG1 . VAL A 1 85  ? 7.277   8.531   -1.501  1.00 27.59  ? 773  VAL A CG1 1 
ATOM   407 C CG2 . VAL A 1 85  ? 8.120   9.313   0.730   1.00 26.06  ? 773  VAL A CG2 1 
ATOM   408 N N   . GLU A 1 86  ? 4.809   10.864  -2.335  1.00 24.05  ? 774  GLU A N   1 
ATOM   409 C CA  . GLU A 1 86  ? 3.586   10.801  -3.131  1.00 25.75  ? 774  GLU A CA  1 
ATOM   410 C C   . GLU A 1 86  ? 3.275   9.354   -3.541  1.00 28.62  ? 774  GLU A C   1 
ATOM   411 O O   . GLU A 1 86  ? 4.128   8.678   -4.115  1.00 27.28  ? 774  GLU A O   1 
ATOM   412 C CB  . GLU A 1 86  ? 3.724   11.700  -4.373  1.00 27.79  ? 774  GLU A CB  1 
ATOM   413 C CG  . GLU A 1 86  ? 2.476   11.773  -5.250  1.00 37.92  ? 774  GLU A CG  1 
ATOM   414 C CD  . GLU A 1 86  ? 1.270   12.539  -4.726  1.00 56.15  ? 774  GLU A CD  1 
ATOM   415 O OE1 . GLU A 1 86  ? 1.430   13.403  -3.834  1.00 60.79  ? 774  GLU A OE1 1 
ATOM   416 O OE2 . GLU A 1 86  ? 0.165   12.308  -5.263  1.00 53.90  ? 774  GLU A OE2 1 
ATOM   417 N N   . VAL A 1 87  ? 2.070   8.889   -3.218  1.00 24.64  ? 775  VAL A N   1 
ATOM   418 C CA  . VAL A 1 87  ? 1.649   7.520   -3.604  1.00 23.20  ? 775  VAL A CA  1 
ATOM   419 C C   . VAL A 1 87  ? 0.609   7.619   -4.712  1.00 28.73  ? 775  VAL A C   1 
ATOM   420 O O   . VAL A 1 87  ? -0.400  8.282   -4.538  1.00 27.44  ? 775  VAL A O   1 
ATOM   421 C CB  . VAL A 1 87  ? 1.089   6.727   -2.383  1.00 27.59  ? 775  VAL A CB  1 
ATOM   422 C CG1 . VAL A 1 87  ? 0.638   5.322   -2.791  1.00 28.22  ? 775  VAL A CG1 1 
ATOM   423 C CG2 . VAL A 1 87  ? 2.136   6.651   -1.271  1.00 28.00  ? 775  VAL A CG2 1 
ATOM   424 N N   . THR A 1 88  ? 0.832   6.938   -5.842  1.00 27.18  ? 776  THR A N   1 
ATOM   425 C CA  . THR A 1 88  ? -0.147  6.953   -6.916  1.00 27.84  ? 776  THR A CA  1 
ATOM   426 C C   . THR A 1 88  ? -0.946  5.664   -6.825  1.00 32.58  ? 776  THR A C   1 
ATOM   427 O O   . THR A 1 88  ? -0.352  4.590   -6.697  1.00 33.37  ? 776  THR A O   1 
ATOM   428 C CB  . THR A 1 88  ? 0.606   7.075   -8.249  1.00 31.73  ? 776  THR A CB  1 
ATOM   429 O OG1 . THR A 1 88  ? 1.237   8.358   -8.295  1.00 32.47  ? 776  THR A OG1 1 
ATOM   430 C CG2 . THR A 1 88  ? -0.317  6.889   -9.468  1.00 35.89  ? 776  THR A CG2 1 
ATOM   431 N N   . MET A 1 89  ? -2.289  5.758   -6.867  1.00 32.15  ? 777  MET A N   1 
ATOM   432 C CA  . MET A 1 89  ? -3.116  4.568   -6.825  1.00 34.38  ? 777  MET A CA  1 
ATOM   433 C C   . MET A 1 89  ? -3.888  4.426   -8.128  1.00 39.00  ? 777  MET A C   1 
ATOM   434 O O   . MET A 1 89  ? -4.564  5.353   -8.582  1.00 40.24  ? 777  MET A O   1 
ATOM   435 C CB  . MET A 1 89  ? -3.962  4.442   -5.562  1.00 39.27  ? 777  MET A CB  1 
ATOM   436 C CG  . MET A 1 89  ? -5.169  5.317   -5.437  1.00 45.95  ? 777  MET A CG  1 
ATOM   437 S SD  . MET A 1 89  ? -6.151  4.607   -4.079  1.00 51.94  ? 777  MET A SD  1 
ATOM   438 C CE  . MET A 1 89  ? -5.026  4.909   -2.689  1.00 46.94  ? 777  MET A CE  1 
ATOM   439 N N   . THR A 1 90  ? -3.626  3.314   -8.787  1.00 32.88  ? 778  THR A N   1 
ATOM   440 C CA  . THR A 1 90  ? -4.217  2.955   -10.076 1.00 34.46  ? 778  THR A CA  1 
ATOM   441 C C   . THR A 1 90  ? -5.190  1.817   -9.841  1.00 41.21  ? 778  THR A C   1 
ATOM   442 O O   . THR A 1 90  ? -4.740  0.745   -9.410  1.00 39.17  ? 778  THR A O   1 
ATOM   443 C CB  . THR A 1 90  ? -3.086  2.534   -11.039 1.00 41.11  ? 778  THR A CB  1 
ATOM   444 O OG1 . THR A 1 90  ? -2.078  3.537   -11.045 1.00 44.08  ? 778  THR A OG1 1 
ATOM   445 C CG2 . THR A 1 90  ? -3.584  2.273   -12.465 1.00 44.28  ? 778  THR A CG2 1 
ATOM   446 N N   . PRO A 1 91  ? -6.498  1.976   -10.199 1.00 41.76  ? 779  PRO A N   1 
ATOM   447 C CA  . PRO A 1 91  ? -7.425  0.847   -10.044 1.00 42.27  ? 779  PRO A CA  1 
ATOM   448 C C   . PRO A 1 91  ? -7.161  -0.177  -11.137 1.00 45.26  ? 779  PRO A C   1 
ATOM   449 O O   . PRO A 1 91  ? -6.849  0.185   -12.280 1.00 43.22  ? 779  PRO A O   1 
ATOM   450 C CB  . PRO A 1 91  ? -8.812  1.485   -10.208 1.00 45.71  ? 779  PRO A CB  1 
ATOM   451 C CG  . PRO A 1 91  ? -8.578  2.695   -11.049 1.00 50.77  ? 779  PRO A CG  1 
ATOM   452 C CD  . PRO A 1 91  ? -7.180  3.171   -10.748 1.00 44.86  ? 779  PRO A CD  1 
ATOM   453 N N   . ARG A 1 92  ? -7.210  -1.448  -10.762 1.00 42.47  ? 780  ARG A N   1 
ATOM   454 C CA  . ARG A 1 92  ? -7.017  -2.554  -11.698 1.00 43.56  ? 780  ARG A CA  1 
ATOM   455 C C   . ARG A 1 92  ? -8.265  -3.414  -11.667 1.00 47.37  ? 780  ARG A C   1 
ATOM   456 O O   . ARG A 1 92  ? -9.185  -3.133  -10.888 1.00 46.05  ? 780  ARG A O   1 
ATOM   457 C CB  . ARG A 1 92  ? -5.740  -3.351  -11.351 1.00 41.19  ? 780  ARG A CB  1 
ATOM   458 C CG  . ARG A 1 92  ? -4.442  -2.566  -11.601 1.00 47.82  ? 780  ARG A CG  1 
ATOM   459 C CD  . ARG A 1 92  ? -4.089  -2.474  -13.080 1.00 65.19  ? 780  ARG A CD  1 
ATOM   460 N NE  . ARG A 1 92  ? -2.887  -1.670  -13.307 1.00 76.33  ? 780  ARG A NE  1 
ATOM   461 C CZ  . ARG A 1 92  ? -2.783  -0.709  -14.221 1.00 88.90  ? 780  ARG A CZ  1 
ATOM   462 N NH1 . ARG A 1 92  ? -3.818  -0.399  -14.993 1.00 69.75  ? 780  ARG A NH1 1 
ATOM   463 N NH2 . ARG A 1 92  ? -1.650  -0.033  -14.355 1.00 77.26  ? 780  ARG A NH2 1 
ATOM   464 N N   . GLU A 1 93  ? -8.322  -4.447  -12.511 1.00 45.53  ? 781  GLU A N   1 
ATOM   465 C CA  . GLU A 1 93  ? -9.486  -5.303  -12.542 1.00 45.98  ? 781  GLU A CA  1 
ATOM   466 C C   . GLU A 1 93  ? -9.668  -6.092  -11.258 1.00 50.44  ? 781  GLU A C   1 
ATOM   467 O O   . GLU A 1 93  ? -8.707  -6.369  -10.538 1.00 48.49  ? 781  GLU A O   1 
ATOM   468 C CB  . GLU A 1 93  ? -9.403  -6.248  -13.738 1.00 49.25  ? 781  GLU A CB  1 
ATOM   469 C CG  . GLU A 1 93  ? -10.732 -6.442  -14.413 1.00 60.18  ? 781  GLU A CG  1 
ATOM   470 C CD  . GLU A 1 93  ? -10.672 -7.539  -15.448 1.00 69.80  ? 781  GLU A CD  1 
ATOM   471 O OE1 . GLU A 1 93  ? -9.550  -7.958  -15.812 1.00 53.88  ? 781  GLU A OE1 1 
ATOM   472 O OE2 . GLU A 1 93  ? -11.752 -7.980  -15.895 1.00 63.13  ? 781  GLU A OE2 1 
ATOM   473 N N   . ASN A 1 94  ? -10.924 -6.435  -10.976 1.00 49.43  ? 782  ASN A N   1 
ATOM   474 C CA  . ASN A 1 94  ? -11.391 -7.259  -9.873  1.00 48.68  ? 782  ASN A CA  1 
ATOM   475 C C   . ASN A 1 94  ? -10.743 -6.925  -8.503  1.00 48.63  ? 782  ASN A C   1 
ATOM   476 O O   . ASN A 1 94  ? -10.209 -7.796  -7.810  1.00 47.58  ? 782  ASN A O   1 
ATOM   477 C CB  . ASN A 1 94  ? -11.296 -8.759  -10.223 1.00 56.43  ? 782  ASN A CB  1 
ATOM   478 C CG  . ASN A 1 94  ? -9.919  -9.376  -10.250 1.00 93.72  ? 782  ASN A CG  1 
ATOM   479 O OD1 . ASN A 1 94  ? -9.606  -10.216 -9.418  1.00 91.30  ? 782  ASN A OD1 1 
ATOM   480 N ND2 . ASN A 1 94  ? -9.095  -9.049  -11.235 1.00 90.45  ? 782  ASN A ND2 1 
ATOM   481 N N   . GLY A 1 95  ? -10.879 -5.663  -8.111  1.00 41.99  ? 783  GLY A N   1 
ATOM   482 C CA  . GLY A 1 95  ? -10.478 -5.203  -6.785  1.00 39.17  ? 783  GLY A CA  1 
ATOM   483 C C   . GLY A 1 95  ? -9.003  -5.118  -6.454  1.00 40.89  ? 783  GLY A C   1 
ATOM   484 O O   . GLY A 1 95  ? -8.643  -4.989  -5.279  1.00 39.06  ? 783  GLY A O   1 
ATOM   485 N N   . ILE A 1 96  ? -8.134  -5.146  -7.454  1.00 39.33  ? 784  ILE A N   1 
ATOM   486 C CA  . ILE A 1 96  ? -6.700  -4.953  -7.178  1.00 38.45  ? 784  ILE A CA  1 
ATOM   487 C C   . ILE A 1 96  ? -6.434  -3.476  -7.360  1.00 39.25  ? 784  ILE A C   1 
ATOM   488 O O   . ILE A 1 96  ? -6.984  -2.861  -8.282  1.00 38.08  ? 784  ILE A O   1 
ATOM   489 C CB  . ILE A 1 96  ? -5.784  -5.824  -8.099  1.00 44.62  ? 784  ILE A CB  1 
ATOM   490 C CG1 . ILE A 1 96  ? -5.761  -7.305  -7.661  1.00 45.74  ? 784  ILE A CG1 1 
ATOM   491 C CG2 . ILE A 1 96  ? -4.345  -5.247  -8.221  1.00 46.69  ? 784  ILE A CG2 1 
ATOM   492 C CD1 . ILE A 1 96  ? -4.781  -7.706  -6.492  1.00 54.57  ? 784  ILE A CD1 1 
ATOM   493 N N   . VAL A 1 97  ? -5.615  -2.899  -6.459  1.00 31.76  ? 785  VAL A N   1 
ATOM   494 C CA  . VAL A 1 97  ? -5.162  -1.527  -6.577  1.00 33.77  ? 785  VAL A CA  1 
ATOM   495 C C   . VAL A 1 97  ? -3.619  -1.565  -6.568  1.00 35.91  ? 785  VAL A C   1 
ATOM   496 O O   . VAL A 1 97  ? -3.021  -2.204  -5.695  1.00 36.24  ? 785  VAL A O   1 
ATOM   497 C CB  . VAL A 1 97  ? -5.770  -0.547  -5.528  1.00 39.13  ? 785  VAL A CB  1 
ATOM   498 C CG1 . VAL A 1 97  ? -5.430  -0.948  -4.104  1.00 40.16  ? 785  VAL A CG1 1 
ATOM   499 C CG2 . VAL A 1 97  ? -5.349  0.903   -5.794  1.00 39.26  ? 785  VAL A CG2 1 
ATOM   500 N N   . ALA A 1 98  ? -2.993  -0.933  -7.558  1.00 29.88  ? 786  ALA A N   1 
ATOM   501 C CA  . ALA A 1 98  ? -1.532  -0.846  -7.592  1.00 29.73  ? 786  ALA A CA  1 
ATOM   502 C C   . ALA A 1 98  ? -1.149  0.478   -6.929  1.00 32.34  ? 786  ALA A C   1 
ATOM   503 O O   . ALA A 1 98  ? -1.738  1.514   -7.258  1.00 32.95  ? 786  ALA A O   1 
ATOM   504 C CB  . ALA A 1 98  ? -1.036  -0.870  -9.039  1.00 31.86  ? 786  ALA A CB  1 
ATOM   505 N N   . LEU A 1 99  ? -0.236  0.433   -5.923  1.00 26.53  ? 787  LEU A N   1 
ATOM   506 C CA  . LEU A 1 99  ? 0.259   1.599   -5.221  1.00 25.44  ? 787  LEU A CA  1 
ATOM   507 C C   . LEU A 1 99  ? 1.687   1.825   -5.672  1.00 30.62  ? 787  LEU A C   1 
ATOM   508 O O   . LEU A 1 99  ? 2.490   0.897   -5.615  1.00 33.79  ? 787  LEU A O   1 
ATOM   509 C CB  . LEU A 1 99  ? 0.256   1.348   -3.719  1.00 24.78  ? 787  LEU A CB  1 
ATOM   510 C CG  . LEU A 1 99  ? -1.110  1.058   -3.083  1.00 31.49  ? 787  LEU A CG  1 
ATOM   511 C CD1 . LEU A 1 99  ? -0.965  0.958   -1.580  1.00 31.58  ? 787  LEU A CD1 1 
ATOM   512 C CD2 . LEU A 1 99  ? -2.122  2.154   -3.381  1.00 34.41  ? 787  LEU A CD2 1 
ATOM   513 N N   . SER A 1 100 ? 1.975   2.997   -6.222  1.00 25.46  ? 788  SER A N   1 
ATOM   514 C CA  . SER A 1 100 ? 3.307   3.283   -6.733  1.00 25.12  ? 788  SER A CA  1 
ATOM   515 C C   . SER A 1 100 ? 3.944   4.435   -6.004  1.00 27.10  ? 788  SER A C   1 
ATOM   516 O O   . SER A 1 100 ? 3.276   5.421   -5.699  1.00 27.53  ? 788  SER A O   1 
ATOM   517 C CB  . SER A 1 100 ? 3.258   3.587   -8.236  1.00 27.45  ? 788  SER A CB  1 
ATOM   518 O OG  . SER A 1 100 ? 2.972   2.390   -8.932  1.00 46.89  ? 788  SER A OG  1 
ATOM   519 N N   . TYR A 1 101 ? 5.231   4.294   -5.666  1.00 25.22  ? 789  TYR A N   1 
ATOM   520 C CA  . TYR A 1 101 ? 5.958   5.354   -5.000  1.00 23.11  ? 789  TYR A CA  1 
ATOM   521 C C   . TYR A 1 101 ? 7.433   5.343   -5.390  1.00 26.77  ? 789  TYR A C   1 
ATOM   522 O O   . TYR A 1 101 ? 7.940   4.340   -5.894  1.00 26.04  ? 789  TYR A O   1 
ATOM   523 C CB  . TYR A 1 101 ? 5.753   5.299   -3.465  1.00 23.98  ? 789  TYR A CB  1 
ATOM   524 C CG  . TYR A 1 101 ? 6.526   4.184   -2.802  1.00 24.47  ? 789  TYR A CG  1 
ATOM   525 C CD1 . TYR A 1 101 ? 6.042   2.874   -2.802  1.00 26.47  ? 789  TYR A CD1 1 
ATOM   526 C CD2 . TYR A 1 101 ? 7.714   4.441   -2.121  1.00 25.26  ? 789  TYR A CD2 1 
ATOM   527 C CE1 . TYR A 1 101 ? 6.737   1.847   -2.163  1.00 27.60  ? 789  TYR A CE1 1 
ATOM   528 C CE2 . TYR A 1 101 ? 8.454   3.412   -1.548  1.00 24.51  ? 789  TYR A CE2 1 
ATOM   529 C CZ  . TYR A 1 101 ? 7.958   2.116   -1.563  1.00 27.50  ? 789  TYR A CZ  1 
ATOM   530 O OH  . TYR A 1 101 ? 8.658   1.096   -0.977  1.00 29.59  ? 789  TYR A OH  1 
ATOM   531 N N   . TYR A 1 102 ? 8.130   6.454   -5.150  1.00 23.34  ? 790  TYR A N   1 
ATOM   532 C CA  . TYR A 1 102 ? 9.551   6.585   -5.524  1.00 23.62  ? 790  TYR A CA  1 
ATOM   533 C C   . TYR A 1 102 ? 10.362  6.912   -4.275  1.00 26.60  ? 790  TYR A C   1 
ATOM   534 O O   . TYR A 1 102 ? 10.291  8.044   -3.782  1.00 24.88  ? 790  TYR A O   1 
ATOM   535 C CB  . TYR A 1 102 ? 9.692   7.693   -6.545  1.00 25.88  ? 790  TYR A CB  1 
ATOM   536 C CG  . TYR A 1 102 ? 11.085  7.856   -7.099  1.00 26.14  ? 790  TYR A CG  1 
ATOM   537 C CD1 . TYR A 1 102 ? 11.503  7.130   -8.210  1.00 28.86  ? 790  TYR A CD1 1 
ATOM   538 C CD2 . TYR A 1 102 ? 11.959  8.803   -6.571  1.00 26.41  ? 790  TYR A CD2 1 
ATOM   539 C CE1 . TYR A 1 102 ? 12.772  7.311   -8.753  1.00 29.64  ? 790  TYR A CE1 1 
ATOM   540 C CE2 . TYR A 1 102 ? 13.212  9.034   -7.146  1.00 29.12  ? 790  TYR A CE2 1 
ATOM   541 C CZ  . TYR A 1 102 ? 13.606  8.290   -8.247  1.00 32.57  ? 790  TYR A CZ  1 
ATOM   542 O OH  . TYR A 1 102 ? 14.848  8.466   -8.807  1.00 35.30  ? 790  TYR A OH  1 
ATOM   543 N N   . PRO A 1 103 ? 11.071  5.908   -3.705  1.00 25.23  ? 791  PRO A N   1 
ATOM   544 C CA  . PRO A 1 103 ? 11.856  6.164   -2.491  1.00 24.75  ? 791  PRO A CA  1 
ATOM   545 C C   . PRO A 1 103 ? 13.190  6.807   -2.853  1.00 30.08  ? 791  PRO A C   1 
ATOM   546 O O   . PRO A 1 103 ? 14.049  6.128   -3.414  1.00 30.05  ? 791  PRO A O   1 
ATOM   547 C CB  . PRO A 1 103 ? 12.017  4.782   -1.869  1.00 27.75  ? 791  PRO A CB  1 
ATOM   548 C CG  . PRO A 1 103 ? 11.893  3.823   -3.022  1.00 33.07  ? 791  PRO A CG  1 
ATOM   549 C CD  . PRO A 1 103 ? 11.209  4.510   -4.161  1.00 29.59  ? 791  PRO A CD  1 
ATOM   550 N N   . SER A 1 104 ? 13.356  8.109   -2.546  1.00 26.66  ? 792  SER A N   1 
ATOM   551 C CA  . SER A 1 104 ? 14.580  8.838   -2.945  1.00 26.63  ? 792  SER A CA  1 
ATOM   552 C C   . SER A 1 104 ? 15.784  8.556   -2.051  1.00 32.38  ? 792  SER A C   1 
ATOM   553 O O   . SER A 1 104 ? 16.927  8.742   -2.469  1.00 34.27  ? 792  SER A O   1 
ATOM   554 C CB  . SER A 1 104 ? 14.305  10.339  -3.011  1.00 28.48  ? 792  SER A CB  1 
ATOM   555 O OG  . SER A 1 104 ? 14.251  10.927  -1.720  1.00 31.92  ? 792  SER A OG  1 
ATOM   556 N N   . ILE A 1 105 ? 15.530  8.154   -0.804  1.00 30.31  ? 793  ILE A N   1 
ATOM   557 C CA  . ILE A 1 105 ? 16.574  7.921   0.180   1.00 31.47  ? 793  ILE A CA  1 
ATOM   558 C C   . ILE A 1 105 ? 16.486  6.503   0.766   1.00 33.33  ? 793  ILE A C   1 
ATOM   559 O O   . ILE A 1 105 ? 15.410  5.889   0.789   1.00 28.65  ? 793  ILE A O   1 
ATOM   560 C CB  . ILE A 1 105 ? 16.596  9.034   1.263   1.00 34.90  ? 793  ILE A CB  1 
ATOM   561 C CG1 . ILE A 1 105 ? 15.297  9.080   2.103   1.00 33.00  ? 793  ILE A CG1 1 
ATOM   562 C CG2 . ILE A 1 105 ? 16.924  10.398  0.655   1.00 39.05  ? 793  ILE A CG2 1 
ATOM   563 C CD1 . ILE A 1 105 ? 15.406  9.921   3.398   1.00 34.91  ? 793  ILE A CD1 1 
ATOM   564 N N   . GLU A 1 106 ? 17.625  5.997   1.245   1.00 31.60  ? 794  GLU A N   1 
ATOM   565 C CA  . GLU A 1 106 ? 17.694  4.668   1.853   1.00 31.14  ? 794  GLU A CA  1 
ATOM   566 C C   . GLU A 1 106 ? 17.101  4.724   3.242   1.00 33.26  ? 794  GLU A C   1 
ATOM   567 O O   . GLU A 1 106 ? 17.108  5.795   3.853   1.00 34.00  ? 794  GLU A O   1 
ATOM   568 C CB  . GLU A 1 106 ? 19.170  4.204   1.951   1.00 34.09  ? 794  GLU A CB  1 
ATOM   569 C CG  . GLU A 1 106 ? 20.125  5.236   2.541   1.00 46.77  ? 794  GLU A CG  1 
ATOM   570 C CD  . GLU A 1 106 ? 20.833  6.137   1.538   1.00 74.65  ? 794  GLU A CD  1 
ATOM   571 O OE1 . GLU A 1 106 ? 20.173  7.013   0.924   1.00 52.27  ? 794  GLU A OE1 1 
ATOM   572 O OE2 . GLU A 1 106 ? 22.064  5.980   1.385   1.00 75.88  ? 794  GLU A OE2 1 
ATOM   573 N N   . GLY A 1 107 ? 16.678  3.566   3.754   1.00 27.79  ? 795  GLY A N   1 
ATOM   574 C CA  . GLY A 1 107 ? 16.198  3.477   5.129   1.00 27.07  ? 795  GLY A CA  1 
ATOM   575 C C   . GLY A 1 107 ? 14.812  2.931   5.351   1.00 29.53  ? 795  GLY A C   1 
ATOM   576 O O   . GLY A 1 107 ? 14.197  2.315   4.483   1.00 28.45  ? 795  GLY A O   1 
ATOM   577 N N   . SER A 1 108 ? 14.317  3.162   6.560   1.00 26.83  ? 796  SER A N   1 
ATOM   578 C CA  . SER A 1 108 ? 13.073  2.603   7.047   1.00 26.18  ? 796  SER A CA  1 
ATOM   579 C C   . SER A 1 108 ? 11.844  3.453   6.744   1.00 28.14  ? 796  SER A C   1 
ATOM   580 O O   . SER A 1 108 ? 11.627  4.461   7.393   1.00 26.26  ? 796  SER A O   1 
ATOM   581 C CB  . SER A 1 108 ? 13.185  2.342   8.547   1.00 27.26  ? 796  SER A CB  1 
ATOM   582 O OG  . SER A 1 108 ? 12.128  1.509   8.981   1.00 26.95  ? 796  SER A OG  1 
ATOM   583 N N   . TYR A 1 109 ? 11.084  3.069   5.719   1.00 22.97  ? 797  TYR A N   1 
ATOM   584 C CA  . TYR A 1 109 ? 9.846   3.757   5.332   1.00 21.20  ? 797  TYR A CA  1 
ATOM   585 C C   . TYR A 1 109 ? 8.650   3.205   6.094   1.00 25.96  ? 797  TYR A C   1 
ATOM   586 O O   . TYR A 1 109 ? 8.678   2.067   6.565   1.00 26.62  ? 797  TYR A O   1 
ATOM   587 C CB  . TYR A 1 109 ? 9.606   3.577   3.808   1.00 21.08  ? 797  TYR A CB  1 
ATOM   588 C CG  . TYR A 1 109 ? 10.501  4.447   2.949   1.00 22.67  ? 797  TYR A CG  1 
ATOM   589 C CD1 . TYR A 1 109 ? 11.880  4.271   2.941   1.00 23.23  ? 797  TYR A CD1 1 
ATOM   590 C CD2 . TYR A 1 109 ? 9.966   5.429   2.119   1.00 23.55  ? 797  TYR A CD2 1 
ATOM   591 C CE1 . TYR A 1 109 ? 12.708  5.052   2.135   1.00 24.04  ? 797  TYR A CE1 1 
ATOM   592 C CE2 . TYR A 1 109 ? 10.791  6.242   1.335   1.00 21.98  ? 797  TYR A CE2 1 
ATOM   593 C CZ  . TYR A 1 109 ? 12.158  6.046   1.350   1.00 27.78  ? 797  TYR A CZ  1 
ATOM   594 O OH  . TYR A 1 109 ? 12.948  6.798   0.542   1.00 28.04  ? 797  TYR A OH  1 
ATOM   595 N N   . THR A 1 110 ? 7.591   4.002   6.195   1.00 24.09  ? 798  THR A N   1 
ATOM   596 C CA  . THR A 1 110 ? 6.370   3.595   6.866   1.00 22.21  ? 798  THR A CA  1 
ATOM   597 C C   . THR A 1 110 ? 5.279   3.563   5.834   1.00 25.93  ? 798  THR A C   1 
ATOM   598 O O   . THR A 1 110 ? 5.144   4.521   5.081   1.00 25.94  ? 798  THR A O   1 
ATOM   599 C CB  . THR A 1 110 ? 5.986   4.570   7.961   1.00 27.40  ? 798  THR A CB  1 
ATOM   600 O OG1 . THR A 1 110 ? 7.110   4.766   8.813   1.00 29.05  ? 798  THR A OG1 1 
ATOM   601 C CG2 . THR A 1 110 ? 4.820   4.055   8.793   1.00 28.61  ? 798  THR A CG2 1 
ATOM   602 N N   . LEU A 1 111 ? 4.471   2.495   5.836   1.00 24.82  ? 799  LEU A N   1 
ATOM   603 C CA  . LEU A 1 111 ? 3.352   2.377   4.915   1.00 24.37  ? 799  LEU A CA  1 
ATOM   604 C C   . LEU A 1 111 ? 2.096   2.190   5.712   1.00 25.97  ? 799  LEU A C   1 
ATOM   605 O O   . LEU A 1 111 ? 2.081   1.387   6.657   1.00 25.67  ? 799  LEU A O   1 
ATOM   606 C CB  . LEU A 1 111 ? 3.548   1.120   4.052   1.00 25.34  ? 799  LEU A CB  1 
ATOM   607 C CG  . LEU A 1 111 ? 2.371   0.686   3.155   1.00 27.82  ? 799  LEU A CG  1 
ATOM   608 C CD1 . LEU A 1 111 ? 2.069   1.719   2.051   1.00 27.68  ? 799  LEU A CD1 1 
ATOM   609 C CD2 . LEU A 1 111 ? 2.623   -0.683  2.557   1.00 30.07  ? 799  LEU A CD2 1 
ATOM   610 N N   . ASN A 1 112 ? 1.048   2.902   5.339   1.00 23.26  ? 800  ASN A N   1 
ATOM   611 C CA  . ASN A 1 112 ? -0.280  2.653   5.932   1.00 22.10  ? 800  ASN A CA  1 
ATOM   612 C C   . ASN A 1 112 ? -1.332  2.716   4.825   1.00 26.31  ? 800  ASN A C   1 
ATOM   613 O O   . ASN A 1 112 ? -1.252  3.580   3.969   1.00 25.65  ? 800  ASN A O   1 
ATOM   614 C CB  . ASN A 1 112 ? -0.609  3.583   7.131   1.00 21.65  ? 800  ASN A CB  1 
ATOM   615 C CG  . ASN A 1 112 ? -1.646  2.978   8.082   1.00 32.03  ? 800  ASN A CG  1 
ATOM   616 O OD1 . ASN A 1 112 ? -2.182  1.911   7.816   1.00 26.73  ? 800  ASN A OD1 1 
ATOM   617 N ND2 . ASN A 1 112 ? -1.937  3.621   9.233   1.00 28.69  ? 800  ASN A ND2 1 
ATOM   618 N N   . ILE A 1 113 ? -2.295  1.764   4.804   1.00 24.00  ? 801  ILE A N   1 
ATOM   619 C CA  . ILE A 1 113 ? -3.356  1.774   3.802   1.00 23.07  ? 801  ILE A CA  1 
ATOM   620 C C   . ILE A 1 113 ? -4.651  1.647   4.591   1.00 28.65  ? 801  ILE A C   1 
ATOM   621 O O   . ILE A 1 113 ? -4.773  0.737   5.406   1.00 25.93  ? 801  ILE A O   1 
ATOM   622 C CB  . ILE A 1 113 ? -3.202  0.626   2.786   1.00 27.28  ? 801  ILE A CB  1 
ATOM   623 C CG1 . ILE A 1 113 ? -1.796  0.639   2.126   1.00 28.54  ? 801  ILE A CG1 1 
ATOM   624 C CG2 . ILE A 1 113 ? -4.327  0.685   1.719   1.00 28.42  ? 801  ILE A CG2 1 
ATOM   625 C CD1 . ILE A 1 113 ? -1.330  -0.801  1.681   1.00 31.91  ? 801  ILE A CD1 1 
ATOM   626 N N   . LEU A 1 114 ? -5.563  2.623   4.408   1.00 28.28  ? 802  LEU A N   1 
ATOM   627 C CA  . LEU A 1 114 ? -6.820  2.741   5.121   1.00 28.56  ? 802  LEU A CA  1 
ATOM   628 C C   . LEU A 1 114 ? -7.988  2.531   4.197   1.00 32.00  ? 802  LEU A C   1 
ATOM   629 O O   . LEU A 1 114 ? -8.060  3.148   3.137   1.00 32.38  ? 802  LEU A O   1 
ATOM   630 C CB  . LEU A 1 114 ? -6.972  4.136   5.760   1.00 29.02  ? 802  LEU A CB  1 
ATOM   631 C CG  . LEU A 1 114 ? -5.830  4.749   6.579   1.00 35.10  ? 802  LEU A CG  1 
ATOM   632 C CD1 . LEU A 1 114 ? -6.291  6.072   7.190   1.00 37.13  ? 802  LEU A CD1 1 
ATOM   633 C CD2 . LEU A 1 114 ? -5.364  3.855   7.689   1.00 38.31  ? 802  LEU A CD2 1 
ATOM   634 N N   . VAL A 1 115 ? -8.908  1.654   4.599   1.00 29.59  ? 803  VAL A N   1 
ATOM   635 C CA  . VAL A 1 115 ? -10.128 1.418   3.841   1.00 29.28  ? 803  VAL A CA  1 
ATOM   636 C C   . VAL A 1 115 ? -11.237 1.934   4.753   1.00 29.25  ? 803  VAL A C   1 
ATOM   637 O O   . VAL A 1 115 ? -11.352 1.476   5.896   1.00 28.20  ? 803  VAL A O   1 
ATOM   638 C CB  . VAL A 1 115 ? -10.318 -0.084  3.450   1.00 34.74  ? 803  VAL A CB  1 
ATOM   639 C CG1 . VAL A 1 115 ? -11.780 -0.399  3.163   1.00 36.13  ? 803  VAL A CG1 1 
ATOM   640 C CG2 . VAL A 1 115 ? -9.456  -0.430  2.242   1.00 34.60  ? 803  VAL A CG2 1 
ATOM   641 N N   . LYS A 1 116 ? -11.959 2.974   4.290   1.00 27.42  ? 804  LYS A N   1 
ATOM   642 C CA  . LYS A 1 116 ? -13.052 3.637   5.039   1.00 29.43  ? 804  LYS A CA  1 
ATOM   643 C C   . LYS A 1 116 ? -12.539 4.158   6.393   1.00 32.87  ? 804  LYS A C   1 
ATOM   644 O O   . LYS A 1 116 ? -13.237 4.095   7.414   1.00 32.91  ? 804  LYS A O   1 
ATOM   645 C CB  . LYS A 1 116 ? -14.272 2.737   5.206   1.00 33.28  ? 804  LYS A CB  1 
ATOM   646 C CG  . LYS A 1 116 ? -14.929 2.338   3.892   1.00 38.69  ? 804  LYS A CG  1 
ATOM   647 C CD  . LYS A 1 116 ? -16.027 1.321   4.178   1.00 39.00  ? 804  LYS A CD  1 
ATOM   648 C CE  . LYS A 1 116 ? -16.688 0.852   2.909   1.00 46.95  ? 804  LYS A CE  1 
ATOM   649 N NZ  . LYS A 1 116 ? -17.556 -0.329  3.160   1.00 55.41  ? 804  LYS A NZ  1 
ATOM   650 N N   . GLY A 1 117 ? -11.294 4.613   6.383   1.00 29.41  ? 805  GLY A N   1 
ATOM   651 C CA  . GLY A 1 117 ? -10.668 5.178   7.579   1.00 27.79  ? 805  GLY A CA  1 
ATOM   652 C C   . GLY A 1 117 ? -10.077 4.178   8.535   1.00 29.83  ? 805  GLY A C   1 
ATOM   653 O O   . GLY A 1 117 ? -9.650  4.554   9.618   1.00 29.36  ? 805  GLY A O   1 
ATOM   654 N N   . THR A 1 118 ? -10.026 2.907   8.156   1.00 26.17  ? 806  THR A N   1 
ATOM   655 C CA  . THR A 1 118 ? -9.472  1.875   9.030   1.00 25.27  ? 806  THR A CA  1 
ATOM   656 C C   . THR A 1 118 ? -8.272  1.195   8.385   1.00 26.19  ? 806  THR A C   1 
ATOM   657 O O   . THR A 1 118 ? -8.404  0.750   7.252   1.00 24.86  ? 806  THR A O   1 
ATOM   658 C CB  . THR A 1 118 ? -10.561 0.804   9.352   1.00 29.33  ? 806  THR A CB  1 
ATOM   659 O OG1 . THR A 1 118 ? -11.617 1.423   10.080  1.00 31.79  ? 806  THR A OG1 1 
ATOM   660 C CG2 . THR A 1 118 ? -9.989  -0.390  10.141  1.00 27.78  ? 806  THR A CG2 1 
ATOM   661 N N   . PRO A 1 119 ? -7.145  0.995   9.106   1.00 24.78  ? 807  PRO A N   1 
ATOM   662 C CA  . PRO A 1 119 ? -5.992  0.290   8.496   1.00 24.84  ? 807  PRO A CA  1 
ATOM   663 C C   . PRO A 1 119 ? -6.356  -1.104  8.014   1.00 30.04  ? 807  PRO A C   1 
ATOM   664 O O   . PRO A 1 119 ? -7.099  -1.825  8.717   1.00 29.05  ? 807  PRO A O   1 
ATOM   665 C CB  . PRO A 1 119 ? -4.975  0.201   9.635   1.00 26.73  ? 807  PRO A CB  1 
ATOM   666 C CG  . PRO A 1 119 ? -5.317  1.393   10.534  1.00 31.29  ? 807  PRO A CG  1 
ATOM   667 C CD  . PRO A 1 119 ? -6.832  1.464   10.474  1.00 28.04  ? 807  PRO A CD  1 
ATOM   668 N N   . ILE A 1 120 ? -5.848  -1.488  6.823   1.00 25.64  ? 808  ILE A N   1 
ATOM   669 C CA  . ILE A 1 120 ? -6.135  -2.825  6.311   1.00 27.21  ? 808  ILE A CA  1 
ATOM   670 C C   . ILE A 1 120 ? -5.340  -3.855  7.077   1.00 31.09  ? 808  ILE A C   1 
ATOM   671 O O   . ILE A 1 120 ? -4.474  -3.482  7.870   1.00 28.38  ? 808  ILE A O   1 
ATOM   672 C CB  . ILE A 1 120 ? -5.911  -2.931  4.796   1.00 29.32  ? 808  ILE A CB  1 
ATOM   673 C CG1 . ILE A 1 120 ? -4.402  -2.700  4.399   1.00 29.92  ? 808  ILE A CG1 1 
ATOM   674 C CG2 . ILE A 1 120 ? -6.884  -1.986  4.071   1.00 30.53  ? 808  ILE A CG2 1 
ATOM   675 C CD1 . ILE A 1 120 ? -4.037  -3.125  2.969   1.00 29.68  ? 808  ILE A CD1 1 
ATOM   676 N N   . SER A 1 121 ? -5.580  -5.163  6.799   1.00 31.34  ? 809  SER A N   1 
ATOM   677 C CA  . SER A 1 121 ? -4.824  -6.197  7.509   1.00 31.76  ? 809  SER A CA  1 
ATOM   678 C C   . SER A 1 121 ? -3.333  -6.009  7.246   1.00 34.29  ? 809  SER A C   1 
ATOM   679 O O   . SER A 1 121 ? -2.918  -5.785  6.109   1.00 33.79  ? 809  SER A O   1 
ATOM   680 C CB  . SER A 1 121 ? -5.271  -7.590  7.071   1.00 39.69  ? 809  SER A CB  1 
ATOM   681 O OG  . SER A 1 121 ? -4.927  -7.802  5.717   1.00 54.95  ? 809  SER A OG  1 
ATOM   682 N N   . GLY A 1 122 ? -2.554  -6.029  8.303   1.00 31.61  ? 810  GLY A N   1 
ATOM   683 C CA  . GLY A 1 122 ? -1.114  -5.901  8.181   1.00 31.68  ? 810  GLY A CA  1 
ATOM   684 C C   . GLY A 1 122 ? -0.572  -4.491  8.200   1.00 34.90  ? 810  GLY A C   1 
ATOM   685 O O   . GLY A 1 122 ? 0.644   -4.336  8.127   1.00 34.80  ? 810  GLY A O   1 
ATOM   686 N N   . CYS A 1 123 ? -1.444  -3.457  8.322   1.00 30.15  ? 811  CYS A N   1 
ATOM   687 C CA  . CYS A 1 123 ? -0.993  -2.044  8.325   1.00 26.78  ? 811  CYS A CA  1 
ATOM   688 C C   . CYS A 1 123 ? -1.213  -1.339  9.676   1.00 29.94  ? 811  CYS A C   1 
ATOM   689 O O   . CYS A 1 123 ? -2.151  -1.705  10.393  1.00 30.34  ? 811  CYS A O   1 
ATOM   690 C CB  . CYS A 1 123 ? -1.634  -1.261  7.185   1.00 26.15  ? 811  CYS A CB  1 
ATOM   691 S SG  . CYS A 1 123 ? -1.001  -1.703  5.556   1.00 31.04  ? 811  CYS A SG  1 
ATOM   692 N N   . PRO A 1 124 ? -0.364  -0.357  10.064  1.00 25.64  ? 812  PRO A N   1 
ATOM   693 C CA  . PRO A 1 124 ? 0.808   0.167   9.322   1.00 24.10  ? 812  PRO A CA  1 
ATOM   694 C C   . PRO A 1 124 ? 1.981   -0.788  9.410   1.00 28.89  ? 812  PRO A C   1 
ATOM   695 O O   . PRO A 1 124 ? 2.038   -1.634  10.326  1.00 29.50  ? 812  PRO A O   1 
ATOM   696 C CB  . PRO A 1 124 ? 1.145   1.462   10.052  1.00 25.22  ? 812  PRO A CB  1 
ATOM   697 C CG  . PRO A 1 124 ? 0.669   1.215   11.493  1.00 30.81  ? 812  PRO A CG  1 
ATOM   698 C CD  . PRO A 1 124 ? -0.556  0.349   11.347  1.00 27.38  ? 812  PRO A CD  1 
ATOM   699 N N   . THR A 1 125 ? 2.913   -0.646  8.479   1.00 25.86  ? 813  THR A N   1 
ATOM   700 C CA  . THR A 1 125 ? 4.045   -1.537  8.431   1.00 25.82  ? 813  THR A CA  1 
ATOM   701 C C   . THR A 1 125 ? 5.321   -0.816  7.918   1.00 29.61  ? 813  THR A C   1 
ATOM   702 O O   . THR A 1 125 ? 5.251   0.322   7.457   1.00 27.97  ? 813  THR A O   1 
ATOM   703 C CB  . THR A 1 125 ? 3.660   -2.751  7.565   1.00 35.03  ? 813  THR A CB  1 
ATOM   704 O OG1 . THR A 1 125 ? 4.729   -3.686  7.606   1.00 37.34  ? 813  THR A OG1 1 
ATOM   705 C CG2 . THR A 1 125 ? 3.309   -2.354  6.113   1.00 37.63  ? 813  THR A CG2 1 
ATOM   706 N N   . THR A 1 126 ? 6.461   -1.507  8.014   1.00 26.76  ? 814  THR A N   1 
ATOM   707 C CA  . THR A 1 126 ? 7.771   -1.019  7.622   1.00 26.49  ? 814  THR A CA  1 
ATOM   708 C C   . THR A 1 126 ? 8.128   -1.561  6.264   1.00 31.90  ? 814  THR A C   1 
ATOM   709 O O   . THR A 1 126 ? 7.747   -2.688  5.934   1.00 31.22  ? 814  THR A O   1 
ATOM   710 C CB  . THR A 1 126 ? 8.799   -1.437  8.712   1.00 33.41  ? 814  THR A CB  1 
ATOM   711 O OG1 . THR A 1 126 ? 8.541   -0.687  9.917   1.00 33.79  ? 814  THR A OG1 1 
ATOM   712 C CG2 . THR A 1 126 ? 10.270  -1.266  8.300   1.00 33.13  ? 814  THR A CG2 1 
ATOM   713 N N   . MET A 1 127 ? 8.884   -0.749  5.490   1.00 27.14  ? 815  MET A N   1 
ATOM   714 C CA  . MET A 1 127 ? 9.501   -1.151  4.226   1.00 27.41  ? 815  MET A CA  1 
ATOM   715 C C   . MET A 1 127 ? 10.939  -0.699  4.300   1.00 31.43  ? 815  MET A C   1 
ATOM   716 O O   . MET A 1 127 ? 11.200  0.451   4.635   1.00 29.42  ? 815  MET A O   1 
ATOM   717 C CB  . MET A 1 127 ? 8.808   -0.570  2.991   1.00 30.25  ? 815  MET A CB  1 
ATOM   718 C CG  . MET A 1 127 ? 7.297   -0.784  2.989   1.00 33.00  ? 815  MET A CG  1 
ATOM   719 S SD  . MET A 1 127 ? 6.464   -0.035  1.574   1.00 35.74  ? 815  MET A SD  1 
ATOM   720 C CE  . MET A 1 127 ? 6.804   1.713   1.822   1.00 31.57  ? 815  MET A CE  1 
ATOM   721 N N   . ASP A 1 128 ? 11.877  -1.629  4.044   1.00 29.05  ? 816  ASP A N   1 
ATOM   722 C CA  . ASP A 1 128 ? 13.302  -1.336  4.112   1.00 28.70  ? 816  ASP A CA  1 
ATOM   723 C C   . ASP A 1 128 ? 13.812  -1.062  2.723   1.00 32.97  ? 816  ASP A C   1 
ATOM   724 O O   . ASP A 1 128 ? 13.810  -1.958  1.879   1.00 32.72  ? 816  ASP A O   1 
ATOM   725 C CB  . ASP A 1 128 ? 14.057  -2.494  4.768   1.00 32.22  ? 816  ASP A CB  1 
ATOM   726 C CG  . ASP A 1 128 ? 13.717  -2.603  6.237   1.00 40.57  ? 816  ASP A CG  1 
ATOM   727 O OD1 . ASP A 1 128 ? 13.847  -1.588  6.946   1.00 40.90  ? 816  ASP A OD1 1 
ATOM   728 O OD2 . ASP A 1 128 ? 13.230  -3.672  6.658   1.00 42.18  ? 816  ASP A OD2 1 
ATOM   729 N N   . ILE A 1 129 ? 14.231  0.183   2.482   1.00 26.97  ? 817  ILE A N   1 
ATOM   730 C CA  . ILE A 1 129 ? 14.780  0.597   1.174   1.00 25.99  ? 817  ILE A CA  1 
ATOM   731 C C   . ILE A 1 129 ? 16.302  0.598   1.263   1.00 33.96  ? 817  ILE A C   1 
ATOM   732 O O   . ILE A 1 129 ? 16.892  1.278   2.112   1.00 31.68  ? 817  ILE A O   1 
ATOM   733 C CB  . ILE A 1 129 ? 14.219  1.983   0.761   1.00 27.24  ? 817  ILE A CB  1 
ATOM   734 C CG1 . ILE A 1 129 ? 12.673  1.923   0.573   1.00 28.29  ? 817  ILE A CG1 1 
ATOM   735 C CG2 . ILE A 1 129 ? 14.959  2.629   -0.440  1.00 26.76  ? 817  ILE A CG2 1 
ATOM   736 C CD1 . ILE A 1 129 ? 12.148  1.346   -0.563  1.00 49.81  ? 817  ILE A CD1 1 
ATOM   737 N N   . ARG A 1 130 ? 16.930  -0.132  0.342   1.00 33.39  ? 818  ARG A N   1 
ATOM   738 C CA  . ARG A 1 130 ? 18.380  -0.270  0.292   1.00 34.78  ? 818  ARG A CA  1 
ATOM   739 C C   . ARG A 1 130 ? 18.941  0.391   -0.983  1.00 41.30  ? 818  ARG A C   1 
ATOM   740 O O   . ARG A 1 130 ? 18.213  0.543   -1.964  1.00 39.02  ? 818  ARG A O   1 
ATOM   741 C CB  . ARG A 1 130 ? 18.758  -1.773  0.372   1.00 37.39  ? 818  ARG A CB  1 
ATOM   742 C CG  . ARG A 1 130 ? 18.722  -2.521  -0.968  1.00 52.78  ? 818  ARG A CG  1 
ATOM   743 C CD  . ARG A 1 130 ? 18.934  -4.017  -0.853  1.00 64.56  ? 818  ARG A CD  1 
ATOM   744 N NE  . ARG A 1 130 ? 17.662  -4.725  -0.700  1.00 74.92  ? 818  ARG A NE  1 
ATOM   745 C CZ  . ARG A 1 130 ? 16.985  -5.286  -1.698  1.00 81.27  ? 818  ARG A CZ  1 
ATOM   746 N NH1 . ARG A 1 130 ? 17.462  -5.251  -2.935  1.00 53.93  ? 818  ARG A NH1 1 
ATOM   747 N NH2 . ARG A 1 130 ? 15.833  -5.898  -1.462  1.00 71.78  ? 818  ARG A NH2 1 
ATOM   748 N N   . ARG A 1 131 ? 20.237  0.747   -0.981  1.00 43.35  ? 819  ARG A N   1 
ATOM   749 C CA  . ARG A 1 131 ? 20.865  1.348   -2.167  1.00 45.05  ? 819  ARG A CA  1 
ATOM   750 C C   . ARG A 1 131 ? 21.062  0.309   -3.291  1.00 52.24  ? 819  ARG A C   1 
ATOM   751 O O   . ARG A 1 131 ? 21.115  0.688   -4.462  1.00 53.85  ? 819  ARG A O   1 
ATOM   752 C CB  . ARG A 1 131 ? 22.161  2.105   -1.783  1.00 48.04  ? 819  ARG A CB  1 
ATOM   753 C CG  . ARG A 1 131 ? 23.474  1.565   -2.351  1.00 65.47  ? 819  ARG A CG  1 
ATOM   754 C CD  . ARG A 1 131 ? 24.688  2.272   -1.774  1.00 80.53  ? 819  ARG A CD  1 
ATOM   755 N NE  . ARG A 1 131 ? 25.023  1.778   -0.437  1.00 91.35  ? 819  ARG A NE  1 
ATOM   756 C CZ  . ARG A 1 131 ? 24.761  2.424   0.695   1.00 104.93 ? 819  ARG A CZ  1 
ATOM   757 N NH1 . ARG A 1 131 ? 24.166  3.610   0.669   1.00 89.68  ? 819  ARG A NH1 1 
ATOM   758 N NH2 . ARG A 1 131 ? 25.099  1.893   1.861   1.00 93.18  ? 819  ARG A NH2 1 
ATOM   759 N N   . GLY A 1 132 ? 21.134  -0.973  -2.900  1.00 49.40  ? 820  GLY A N   1 
ATOM   760 C CA  . GLY A 1 132 ? 21.340  -2.162  -3.729  1.00 81.57  ? 820  GLY A CA  1 
ATOM   761 C C   . GLY A 1 132 ? 21.146  -2.028  -5.226  1.00 121.11 ? 820  GLY A C   1 
ATOM   762 O O   . GLY A 1 132 ? 20.085  -2.366  -5.750  1.00 85.99  ? 820  GLY A O   1 
HETATM 763 O O   . HOH B 2 .   ? -7.120  -6.382  10.520  1.00 48.89  ? 2001 HOH A O   1 
HETATM 764 O O   . HOH B 2 .   ? 1.044   -7.586  4.856   1.00 42.99  ? 2002 HOH A O   1 
HETATM 765 O O   . HOH B 2 .   ? 18.809  -6.121  6.545   1.00 59.20  ? 2003 HOH A O   1 
HETATM 766 O O   . HOH B 2 .   ? -11.580 8.926   9.111   1.00 52.36  ? 2004 HOH A O   1 
HETATM 767 O O   . HOH B 2 .   ? -1.973  10.816  1.547   1.00 42.62  ? 2005 HOH A O   1 
HETATM 768 O O   . HOH B 2 .   ? 7.395   16.812  9.226   1.00 53.27  ? 2006 HOH A O   1 
HETATM 769 O O   . HOH B 2 .   ? -4.827  -6.351  -13.998 1.00 49.25  ? 2007 HOH A O   1 
HETATM 770 O O   . HOH B 2 .   ? -5.449  -8.024  -16.292 1.00 64.74  ? 2008 HOH A O   1 
HETATM 771 O O   . HOH B 2 .   ? 18.953  12.003  -1.542  1.00 46.82  ? 2009 HOH A O   1 
HETATM 772 O O   . HOH B 2 .   ? 13.013  -2.796  11.244  1.00 44.28  ? 2010 HOH A O   1 
HETATM 773 O O   . HOH B 2 .   ? -18.191 -4.743  2.420   1.00 37.16  ? 2011 HOH A O   1 
HETATM 774 O O   . HOH B 2 .   ? -13.083 -3.756  8.537   1.00 34.42  ? 2012 HOH A O   1 
HETATM 775 O O   . HOH B 2 .   ? -8.283  -4.026  9.755   1.00 38.40  ? 2013 HOH A O   1 
HETATM 776 O O   . HOH B 2 .   ? -7.265  -9.891  5.502   1.00 42.51  ? 2014 HOH A O   1 
HETATM 777 O O   . HOH B 2 .   ? -7.358  -10.047 1.003   1.00 40.68  ? 2015 HOH A O   1 
HETATM 778 O O   . HOH B 2 .   ? -14.395 -11.072 7.772   1.00 32.27  ? 2016 HOH A O   1 
HETATM 779 O O   . HOH B 2 .   ? -2.370  -11.032 1.503   1.00 70.32  ? 2017 HOH A O   1 
HETATM 780 O O   . HOH B 2 .   ? -1.521  -6.998  4.256   1.00 36.50  ? 2018 HOH A O   1 
HETATM 781 O O   . HOH B 2 .   ? 1.040   -9.208  2.606   1.00 52.74  ? 2019 HOH A O   1 
HETATM 782 O O   . HOH B 2 .   ? 2.479   -6.401  -3.815  1.00 35.19  ? 2020 HOH A O   1 
HETATM 783 O O   . HOH B 2 .   ? 4.019   -7.117  -1.630  1.00 52.59  ? 2021 HOH A O   1 
HETATM 784 O O   . HOH B 2 .   ? 5.091   -8.949  6.437   1.00 59.14  ? 2022 HOH A O   1 
HETATM 785 O O   . HOH B 2 .   ? 4.068   -14.081 5.780   1.00 84.26  ? 2023 HOH A O   1 
HETATM 786 O O   . HOH B 2 .   ? 8.895   -3.347  -2.925  1.00 38.89  ? 2024 HOH A O   1 
HETATM 787 O O   . HOH B 2 .   ? 11.283  -7.095  -2.532  1.00 43.14  ? 2025 HOH A O   1 
HETATM 788 O O   . HOH B 2 .   ? 7.900   -1.571  -1.187  1.00 32.78  ? 2026 HOH A O   1 
HETATM 789 O O   . HOH B 2 .   ? 6.230   -3.798  9.886   1.00 55.98  ? 2027 HOH A O   1 
HETATM 790 O O   . HOH B 2 .   ? 13.798  -5.366  -3.629  1.00 55.65  ? 2028 HOH A O   1 
HETATM 791 O O   . HOH B 2 .   ? 18.782  -7.216  4.065   1.00 66.09  ? 2029 HOH A O   1 
HETATM 792 O O   . HOH B 2 .   ? 15.688  -3.640  0.947   1.00 46.41  ? 2030 HOH A O   1 
HETATM 793 O O   . HOH B 2 .   ? 12.302  -0.812  -5.631  1.00 44.31  ? 2031 HOH A O   1 
HETATM 794 O O   . HOH B 2 .   ? 16.380  10.447  -7.852  1.00 37.39  ? 2032 HOH A O   1 
HETATM 795 O O   . HOH B 2 .   ? 10.220  -1.837  -9.450  1.00 59.43  ? 2033 HOH A O   1 
HETATM 796 O O   . HOH B 2 .   ? 8.385   -2.758  -7.644  1.00 41.96  ? 2034 HOH A O   1 
HETATM 797 O O   . HOH B 2 .   ? -0.335  -2.822  -13.080 1.00 85.17  ? 2035 HOH A O   1 
HETATM 798 O O   . HOH B 2 .   ? -7.978  -9.474  -7.597  1.00 56.11  ? 2036 HOH A O   1 
HETATM 799 O O   . HOH B 2 .   ? -6.492  -11.661 -0.980  1.00 63.31  ? 2037 HOH A O   1 
HETATM 800 O O   . HOH B 2 .   ? -12.866 -14.957 -1.220  1.00 49.09  ? 2038 HOH A O   1 
HETATM 801 O O   . HOH B 2 .   ? -20.339 -9.966  -1.973  1.00 47.47  ? 2039 HOH A O   1 
HETATM 802 O O   . HOH B 2 .   ? -16.944 -9.554  7.923   1.00 27.93  ? 2040 HOH A O   1 
HETATM 803 O O   . HOH B 2 .   ? -18.484 -15.274 2.975   1.00 34.79  ? 2041 HOH A O   1 
HETATM 804 O O   . HOH B 2 .   ? -14.451 -13.526 -4.835  1.00 44.48  ? 2042 HOH A O   1 
HETATM 805 O O   . HOH B 2 .   ? -20.846 -14.050 -1.287  1.00 59.99  ? 2043 HOH A O   1 
HETATM 806 O O   . HOH B 2 .   ? -14.930 -10.885 -7.234  1.00 56.04  ? 2044 HOH A O   1 
HETATM 807 O O   . HOH B 2 .   ? -16.924 -9.138  -12.292 1.00 57.37  ? 2045 HOH A O   1 
HETATM 808 O O   . HOH B 2 .   ? -13.009 -5.003  -12.215 1.00 45.89  ? 2046 HOH A O   1 
HETATM 809 O O   . HOH B 2 .   ? -9.674  5.377   4.066   1.00 29.73  ? 2047 HOH A O   1 
HETATM 810 O O   . HOH B 2 .   ? -18.203 1.648   0.007   1.00 66.39  ? 2048 HOH A O   1 
HETATM 811 O O   . HOH B 2 .   ? -9.778  8.646   7.129   1.00 57.15  ? 2049 HOH A O   1 
HETATM 812 O O   . HOH B 2 .   ? -4.345  8.020   -0.806  1.00 40.91  ? 2050 HOH A O   1 
HETATM 813 O O   . HOH B 2 .   ? -2.074  9.384   -0.657  1.00 48.05  ? 2051 HOH A O   1 
HETATM 814 O O   . HOH B 2 .   ? 1.935   9.442   1.180   1.00 23.84  ? 2052 HOH A O   1 
HETATM 815 O O   . HOH B 2 .   ? 9.442   6.014   8.108   1.00 25.90  ? 2053 HOH A O   1 
HETATM 816 O O   . HOH B 2 .   ? 10.963  11.717  1.229   1.00 42.39  ? 2054 HOH A O   1 
HETATM 817 O O   . HOH B 2 .   ? 6.881   14.221  9.915   1.00 31.66  ? 2055 HOH A O   1 
HETATM 818 O O   . HOH B 2 .   ? 6.316   16.053  4.109   1.00 40.86  ? 2056 HOH A O   1 
HETATM 819 O O   . HOH B 2 .   ? 6.798   15.615  1.466   1.00 46.36  ? 2057 HOH A O   1 
HETATM 820 O O   . HOH B 2 .   ? 3.690   8.202   -6.973  1.00 28.94  ? 2058 HOH A O   1 
HETATM 821 O O   . HOH B 2 .   ? 6.721   8.889   -4.922  1.00 24.98  ? 2059 HOH A O   1 
HETATM 822 O O   . HOH B 2 .   ? 0.153   10.508  -1.651  1.00 38.84  ? 2060 HOH A O   1 
HETATM 823 O O   . HOH B 2 .   ? -2.916  8.559   -3.066  1.00 53.91  ? 2061 HOH A O   1 
HETATM 824 O O   . HOH B 2 .   ? 0.022   2.966   -9.247  1.00 35.76  ? 2062 HOH A O   1 
HETATM 825 O O   . HOH B 2 .   ? -3.609  8.373   -7.134  1.00 43.71  ? 2063 HOH A O   1 
HETATM 826 O O   . HOH B 2 .   ? -3.192  6.031   -11.444 1.00 65.43  ? 2064 HOH A O   1 
HETATM 827 O O   . HOH B 2 .   ? -6.701  -3.935  -14.879 1.00 43.48  ? 2065 HOH A O   1 
HETATM 828 O O   . HOH B 2 .   ? -6.579  -7.051  -12.052 1.00 50.16  ? 2066 HOH A O   1 
HETATM 829 O O   . HOH B 2 .   ? -7.139  -9.097  -13.859 1.00 78.14  ? 2067 HOH A O   1 
HETATM 830 O O   . HOH B 2 .   ? 11.421  10.392  -1.046  1.00 44.95  ? 2068 HOH A O   1 
HETATM 831 O O   . HOH B 2 .   ? 16.275  12.850  -1.845  1.00 37.07  ? 2069 HOH A O   1 
HETATM 832 O O   . HOH B 2 .   ? 18.102  7.973   5.199   1.00 55.06  ? 2070 HOH A O   1 
HETATM 833 O O   . HOH B 2 .   ? 15.851  0.192   6.604   1.00 43.79  ? 2071 HOH A O   1 
HETATM 834 O O   . HOH B 2 .   ? 9.304   1.893   9.449   1.00 29.52  ? 2072 HOH A O   1 
HETATM 835 O O   . HOH B 2 .   ? 13.499  -0.888  9.447   1.00 36.96  ? 2073 HOH A O   1 
HETATM 836 O O   . HOH B 2 .   ? -13.614 0.921   8.041   1.00 38.63  ? 2074 HOH A O   1 
HETATM 837 O O   . HOH B 2 .   ? -11.428 5.403   12.241  1.00 49.50  ? 2075 HOH A O   1 
HETATM 838 O O   . HOH B 2 .   ? -9.582  7.187   10.195  1.00 36.66  ? 2076 HOH A O   1 
HETATM 839 O O   . HOH B 2 .   ? -10.309 2.938   12.403  1.00 57.32  ? 2077 HOH A O   1 
HETATM 840 O O   . HOH B 2 .   ? -6.520  -1.835  11.982  1.00 41.64  ? 2078 HOH A O   1 
HETATM 841 O O   . HOH B 2 .   ? 8.767   -2.166  12.175  1.00 41.44  ? 2079 HOH A O   1 
HETATM 842 O O   . HOH B 2 .   ? 21.644  1.851   1.619   1.00 68.26  ? 2080 HOH A O   1 
HETATM 843 O O   . HOH B 2 .   ? 25.551  -0.782  0.575   1.00 82.84  ? 2081 HOH A O   1 
# 
loop_
_atom_site_anisotrop.id 
_atom_site_anisotrop.type_symbol 
_atom_site_anisotrop.pdbx_label_atom_id 
_atom_site_anisotrop.pdbx_label_alt_id 
_atom_site_anisotrop.pdbx_label_comp_id 
_atom_site_anisotrop.pdbx_label_asym_id 
_atom_site_anisotrop.pdbx_label_seq_id 
_atom_site_anisotrop.pdbx_PDB_ins_code 
_atom_site_anisotrop.U[1][1] 
_atom_site_anisotrop.U[2][2] 
_atom_site_anisotrop.U[3][3] 
_atom_site_anisotrop.U[1][2] 
_atom_site_anisotrop.U[1][3] 
_atom_site_anisotrop.U[2][3] 
_atom_site_anisotrop.pdbx_auth_seq_id 
_atom_site_anisotrop.pdbx_auth_comp_id 
_atom_site_anisotrop.pdbx_auth_asym_id 
_atom_site_anisotrop.pdbx_auth_atom_id 
1   N N   . SER A 3   ? 0.6902 0.8583 0.6723 -0.2503 -0.0060 0.0407  691 SER A N   
2   C CA  . SER A 3   ? 0.6633 0.8286 0.6661 -0.2252 0.0028  0.0361  691 SER A CA  
3   C C   . SER A 3   ? 0.6553 0.8041 0.6572 -0.2069 0.0067  0.0267  691 SER A C   
4   O O   . SER A 3   ? 0.6256 0.7722 0.6436 -0.1869 0.0132  0.0227  691 SER A O   
5   C CB  . SER A 3   ? 0.7217 0.8707 0.7092 -0.2239 0.0131  0.0264  691 SER A CB  
6   O OG  . SER A 3   ? 0.8140 0.9629 0.8198 -0.2021 0.0214  0.0226  691 SER A OG  
7   N N   . GLY A 4   ? 0.5939 0.7326 0.5765 -0.2150 0.0028  0.0233  692 GLY A N   
8   C CA  . GLY A 4   ? 0.5646 0.6897 0.5451 -0.2005 0.0053  0.0157  692 GLY A CA  
9   C C   . GLY A 4   ? 0.5520 0.6467 0.5085 -0.1912 0.0171  -0.0012 692 GLY A C   
10  O O   . GLY A 4   ? 0.5372 0.6205 0.4803 -0.1945 0.0239  -0.0069 692 GLY A O   
11  N N   . PRO A 5   ? 0.4827 0.5648 0.4346 -0.1798 0.0195  -0.0080 693 PRO A N   
12  C CA  . PRO A 5   ? 0.4675 0.5228 0.3991 -0.1709 0.0302  -0.0219 693 PRO A CA  
13  C C   . PRO A 5   ? 0.4660 0.5173 0.4077 -0.1550 0.0374  -0.0254 693 PRO A C   
14  O O   . PRO A 5   ? 0.4441 0.5115 0.4102 -0.1466 0.0353  -0.0194 693 PRO A O   
15  C CB  . PRO A 5   ? 0.4921 0.5417 0.4210 -0.1642 0.0287  -0.0250 693 PRO A CB  
16  C CG  . PRO A 5   ? 0.5444 0.6168 0.5011 -0.1601 0.0192  -0.0136 693 PRO A CG  
17  C CD  . PRO A 5   ? 0.4911 0.5835 0.4572 -0.1750 0.0120  -0.0022 693 PRO A CD  
18  N N   . CYS A 6   ? 0.4009 0.4305 0.3238 -0.1521 0.0463  -0.0347 694 CYS A N   
19  C CA  . CYS A 6   ? 0.3896 0.4133 0.3163 -0.1400 0.0533  -0.0382 694 CYS A CA  
20  C C   . CYS A 6   ? 0.4267 0.4327 0.3440 -0.1280 0.0585  -0.0456 694 CYS A C   
21  O O   . CYS A 6   ? 0.4140 0.4027 0.3130 -0.1319 0.0621  -0.0510 694 CYS A O   
22  C CB  . CYS A 6   ? 0.4146 0.4302 0.3281 -0.1500 0.0580  -0.0395 694 CYS A CB  
23  S SG  . CYS A 6   ? 0.4710 0.4750 0.3820 -0.1380 0.0672  -0.0439 694 CYS A SG  
24  N N   . ALA A 7   ? 0.3687 0.3790 0.2991 -0.1136 0.0593  -0.0462 695 ALA A N   
25  C CA  . ALA A 7   ? 0.3627 0.3594 0.2857 -0.1032 0.0627  -0.0514 695 ALA A CA  
26  C C   . ALA A 7   ? 0.4133 0.3903 0.3187 -0.1027 0.0705  -0.0559 695 ALA A C   
27  O O   . ALA A 7   ? 0.4249 0.3885 0.3195 -0.1013 0.0730  -0.0592 695 ALA A O   
28  C CB  . ALA A 7   ? 0.3680 0.3723 0.3056 -0.0904 0.0625  -0.0514 695 ALA A CB  
29  N N   . LYS A 8   ? 0.3834 0.3589 0.2874 -0.1036 0.0744  -0.0554 696 LYS A N   
30  C CA  . LYS A 8   ? 0.3858 0.3425 0.2758 -0.1028 0.0812  -0.0577 696 LYS A CA  
31  C C   . LYS A 8   ? 0.4188 0.3586 0.2930 -0.1126 0.0845  -0.0606 696 LYS A C   
32  O O   . LYS A 8   ? 0.4392 0.3605 0.3039 -0.1093 0.0908  -0.0629 696 LYS A O   
33  C CB  . LYS A 8   ? 0.4343 0.3945 0.3259 -0.1033 0.0843  -0.0554 696 LYS A CB  
34  C CG  . LYS A 8   ? 0.5321 0.5005 0.4249 -0.1153 0.0832  -0.0527 696 LYS A CG  
35  C CD  . LYS A 8   ? 0.6017 0.5779 0.4995 -0.1132 0.0863  -0.0503 696 LYS A CD  
36  C CE  . LYS A 8   ? 0.5243 0.5119 0.4257 -0.1247 0.0855  -0.0464 696 LYS A CE  
37  N NZ  . LYS A 8   ? 0.4995 0.4939 0.4039 -0.1226 0.0898  -0.0444 696 LYS A NZ  
38  N N   . ASN A 9   ? 0.3693 0.3152 0.2408 -0.1257 0.0808  -0.0602 697 ASN A N   
39  C CA  . ASN A 9   ? 0.3807 0.3094 0.2341 -0.1379 0.0846  -0.0646 697 ASN A CA  
40  C C   . ASN A 9   ? 0.4361 0.3604 0.2832 -0.1390 0.0844  -0.0685 697 ASN A C   
41  O O   . ASN A 9   ? 0.4442 0.3516 0.2744 -0.1485 0.0899  -0.0743 697 ASN A O   
42  C CB  . ASN A 9   ? 0.4499 0.3861 0.2990 -0.1556 0.0810  -0.0619 697 ASN A CB  
43  C CG  . ASN A 9   ? 0.4614 0.3983 0.3125 -0.1575 0.0831  -0.0587 697 ASN A CG  
44  O OD1 . ASN A 9   ? 0.4394 0.3679 0.2917 -0.1472 0.0880  -0.0590 697 ASN A OD1 
45  N ND2 . ASN A 9   ? 0.4278 0.3770 0.2799 -0.1716 0.0787  -0.0543 697 ASN A ND2 
46  N N   . SER A 10  ? 0.4025 0.3421 0.2628 -0.1309 0.0785  -0.0657 698 SER A N   
47  C CA  . SER A 10  ? 0.4018 0.3411 0.2582 -0.1314 0.0772  -0.0681 698 SER A CA  
48  C C   . SER A 10  ? 0.4385 0.3646 0.2935 -0.1178 0.0840  -0.0716 698 SER A C   
49  O O   . SER A 10  ? 0.4203 0.3463 0.2837 -0.1058 0.0851  -0.0694 698 SER A O   
50  C CB  . SER A 10  ? 0.4141 0.3766 0.2866 -0.1306 0.0667  -0.0618 698 SER A CB  
51  O OG  . SER A 10  ? 0.3974 0.3731 0.2727 -0.1440 0.0608  -0.0567 698 SER A OG  
52  N N   . SER A 11  ? 0.4421 0.3575 0.2862 -0.1204 0.0890  -0.0767 699 SER A N   
53  C CA  . SER A 11  ? 0.4433 0.3473 0.2886 -0.1074 0.0962  -0.0787 699 SER A CA  
54  C C   . SER A 11  ? 0.5061 0.4094 0.3460 -0.1089 0.0985  -0.0822 699 SER A C   
55  O O   . SER A 11  ? 0.5173 0.4221 0.3463 -0.1229 0.0976  -0.0856 699 SER A O   
56  C CB  . SER A 11  ? 0.5127 0.3931 0.3485 -0.1066 0.1074  -0.0826 699 SER A CB  
57  O OG  . SER A 11  ? 0.6432 0.5102 0.4617 -0.1215 0.1131  -0.0896 699 SER A OG  
58  N N   . ILE A 12  ? 0.4743 0.3745 0.3206 -0.0959 0.1026  -0.0816 700 ILE A N   
59  C CA  . ILE A 12  ? 0.4732 0.3722 0.3152 -0.0960 0.1071  -0.0851 700 ILE A CA  
60  C C   . ILE A 12  ? 0.5622 0.4376 0.3896 -0.1006 0.1217  -0.0936 700 ILE A C   
61  O O   . ILE A 12  ? 0.5718 0.4314 0.3999 -0.0950 0.1290  -0.0940 700 ILE A O   
62  C CB  . ILE A 12  ? 0.4966 0.4030 0.3528 -0.0804 0.1061  -0.0798 700 ILE A CB  
63  C CG1 . ILE A 12  ? 0.4749 0.4015 0.3440 -0.0767 0.0925  -0.0728 700 ILE A CG1 
64  C CG2 . ILE A 12  ? 0.5254 0.4300 0.3781 -0.0797 0.1131  -0.0832 700 ILE A CG2 
65  C CD1 . ILE A 12  ? 0.4903 0.4221 0.3719 -0.0625 0.0906  -0.0669 700 ILE A CD1 
66  N N   . VAL A 13  ? 0.5409 0.4134 0.3549 -0.1117 0.1264  -0.1006 701 VAL A N   
67  C CA  . VAL A 13  ? 0.5870 0.4355 0.3848 -0.1180 0.1422  -0.1112 701 VAL A CA  
68  C C   . VAL A 13  ? 0.6582 0.4984 0.4650 -0.1024 0.1540  -0.1121 701 VAL A C   
69  O O   . VAL A 13  ? 0.6449 0.4977 0.4557 -0.0996 0.1532  -0.1112 701 VAL A O   
70  C CB  . VAL A 13  ? 0.6606 0.5106 0.4377 -0.1387 0.1424  -0.1186 701 VAL A CB  
71  C CG1 . VAL A 13  ? 0.6954 0.5180 0.4530 -0.1464 0.1609  -0.1321 701 VAL A CG1 
72  C CG2 . VAL A 13  ? 0.6610 0.5223 0.4326 -0.1540 0.1297  -0.1147 701 VAL A CG2 
73  N N   . GLY A 14  ? 0.6440 0.4648 0.4560 -0.0925 0.1644  -0.1125 702 GLY A N   
74  C CA  . GLY A 14  ? 0.6591 0.4712 0.4834 -0.0768 0.1766  -0.1115 702 GLY A CA  
75  C C   . GLY A 14  ? 0.6896 0.5213 0.5360 -0.0608 0.1678  -0.0987 702 GLY A C   
76  O O   . GLY A 14  ? 0.6432 0.4929 0.4948 -0.0611 0.1527  -0.0917 702 GLY A O   
77  N N   . ASP A 15  ? 0.6732 0.5011 0.5334 -0.0468 0.1778  -0.0955 703 ASP A N   
78  C CA  . ASP A 15  ? 0.6511 0.4979 0.5319 -0.0328 0.1699  -0.0825 703 ASP A CA  
79  C C   . ASP A 15  ? 0.6668 0.5287 0.5538 -0.0292 0.1717  -0.0818 703 ASP A C   
80  O O   . ASP A 15  ? 0.6381 0.5147 0.5423 -0.0179 0.1671  -0.0711 703 ASP A O   
81  C CB  . ASP A 15  ? 0.6904 0.5267 0.5873 -0.0189 0.1762  -0.0737 703 ASP A CB  
82  C CG  . ASP A 15  ? 0.8903 0.7185 0.7839 -0.0217 0.1704  -0.0706 703 ASP A CG  
83  O OD1 . ASP A 15  ? 0.8993 0.7443 0.7976 -0.0206 0.1566  -0.0624 703 ASP A OD1 
84  O OD2 . ASP A 15  ? 0.9996 0.8042 0.8857 -0.0251 0.1807  -0.0763 703 ASP A OD2 
85  N N   . SER A 16  ? 0.6358 0.4954 0.5077 -0.0405 0.1776  -0.0927 704 SER A N   
86  C CA  . SER A 16  ? 0.6298 0.5048 0.5052 -0.0394 0.1794  -0.0926 704 SER A CA  
87  C C   . SER A 16  ? 0.6436 0.5455 0.5284 -0.0378 0.1608  -0.0819 704 SER A C   
88  O O   . SER A 16  ? 0.6413 0.5579 0.5386 -0.0304 0.1603  -0.0756 704 SER A O   
89  C CB  . SER A 16  ? 0.6996 0.5690 0.5532 -0.0556 0.1866  -0.1059 704 SER A CB  
90  O OG  . SER A 16  ? 0.7775 0.6600 0.6191 -0.0701 0.1708  -0.1057 704 SER A OG  
91  N N   . PHE A 17  ? 0.5786 0.4862 0.4584 -0.0446 0.1461  -0.0799 705 PHE A N   
92  C CA  . PHE A 17  ? 0.5455 0.4744 0.4329 -0.0444 0.1288  -0.0715 705 PHE A CA  
93  C C   . PHE A 17  ? 0.5503 0.4895 0.4560 -0.0305 0.1245  -0.0602 705 PHE A C   
94  O O   . PHE A 17  ? 0.5247 0.4812 0.4367 -0.0302 0.1130  -0.0540 705 PHE A O   
95  C CB  . PHE A 17  ? 0.5689 0.4978 0.4501 -0.0521 0.1179  -0.0719 705 PHE A CB  
96  C CG  . PHE A 17  ? 0.5855 0.5068 0.4724 -0.0451 0.1168  -0.0681 705 PHE A CG  
97  C CD1 . PHE A 17  ? 0.6280 0.5294 0.5085 -0.0457 0.1271  -0.0727 705 PHE A CD1 
98  C CD2 . PHE A 17  ? 0.6021 0.5353 0.4992 -0.0391 0.1058  -0.0600 705 PHE A CD2 
99  C CE1 . PHE A 17  ? 0.6706 0.5663 0.5562 -0.0403 0.1257  -0.0680 705 PHE A CE1 
100 C CE2 . PHE A 17  ? 0.6189 0.5464 0.5196 -0.0342 0.1051  -0.0564 705 PHE A CE2 
101 C CZ  . PHE A 17  ? 0.6310 0.5408 0.5264 -0.0348 0.1147  -0.0597 705 PHE A CZ  
102 N N   . LYS A 18  ? 0.4837 0.4123 0.3979 -0.0204 0.1326  -0.0565 706 LYS A N   
103 C CA  . LYS A 18  ? 0.4747 0.4139 0.4060 -0.0088 0.1279  -0.0439 706 LYS A CA  
104 C C   . LYS A 18  ? 0.4772 0.4318 0.4205 -0.0029 0.1294  -0.0377 706 LYS A C   
105 O O   . LYS A 18  ? 0.4515 0.4207 0.4070 0.0029  0.1212  -0.0265 706 LYS A O   
106 C CB  . LYS A 18  ? 0.5397 0.4641 0.4784 -0.0001 0.1369  -0.0397 706 LYS A CB  
107 C CG  . LYS A 18  ? 0.6464 0.5591 0.5759 -0.0051 0.1333  -0.0424 706 LYS A CG  
108 C CD  . LYS A 18  ? 0.7278 0.6545 0.6598 -0.0055 0.1181  -0.0348 706 LYS A CD  
109 C CE  . LYS A 18  ? 0.7199 0.6568 0.6670 0.0041  0.1148  -0.0210 706 LYS A CE  
110 N NZ  . LYS A 18  ? 0.6290 0.5814 0.5749 0.0009  0.1003  -0.0163 706 LYS A NZ  
111 N N   . LYS A 19  ? 0.4414 0.3934 0.3807 -0.0056 0.1401  -0.0448 707 LYS A N   
112 C CA  . LYS A 19  ? 0.4496 0.4162 0.4004 -0.0002 0.1441  -0.0397 707 LYS A CA  
113 C C   . LYS A 19  ? 0.5103 0.4836 0.4485 -0.0116 0.1438  -0.0477 707 LYS A C   
114 O O   . LYS A 19  ? 0.5408 0.5008 0.4626 -0.0208 0.1511  -0.0596 707 LYS A O   
115 C CB  . LYS A 19  ? 0.5123 0.4682 0.4759 0.0112  0.1630  -0.0387 707 LYS A CB  
116 C CG  . LYS A 19  ? 0.5623 0.5168 0.5436 0.0232  0.1619  -0.0259 707 LYS A CG  
117 C CD  . LYS A 19  ? 0.6615 0.6062 0.6603 0.0359  0.1809  -0.0229 707 LYS A CD  
118 C CE  . LYS A 19  ? 0.8276 0.7714 0.8447 0.0467  0.1784  -0.0080 707 LYS A CE  
119 N NZ  . LYS A 19  ? 0.9270 0.8974 0.9566 0.0491  0.1620  0.0085  707 LYS A NZ  
120 N N   . ALA A 20  ? 0.4406 0.4348 0.3856 -0.0121 0.1351  -0.0407 708 ALA A N   
121 C CA  . ALA A 20  ? 0.4353 0.4389 0.3698 -0.0232 0.1333  -0.0457 708 ALA A CA  
122 C C   . ALA A 20  ? 0.4553 0.4801 0.4025 -0.0196 0.1319  -0.0371 708 ALA A C   
123 O O   . ALA A 20  ? 0.4123 0.4466 0.3772 -0.0089 0.1303  -0.0260 708 ALA A O   
124 C CB  . ALA A 20  ? 0.4359 0.4419 0.3583 -0.0352 0.1172  -0.0476 708 ALA A CB  
125 N N   . ILE A 21  ? 0.4191 0.4520 0.3573 -0.0294 0.1340  -0.0418 709 ILE A N   
126 C CA  . ILE A 21  ? 0.4210 0.4747 0.3695 -0.0278 0.1342  -0.0345 709 ILE A CA  
127 C C   . ILE A 21  ? 0.4293 0.4992 0.3744 -0.0379 0.1150  -0.0285 709 ILE A C   
128 O O   . ILE A 21  ? 0.4107 0.4775 0.3407 -0.0504 0.1079  -0.0341 709 ILE A O   
129 C CB  . ILE A 21  ? 0.4799 0.5321 0.4231 -0.0302 0.1541  -0.0436 709 ILE A CB  
130 C CG1 . ILE A 21  ? 0.4937 0.5267 0.4439 -0.0181 0.1746  -0.0490 709 ILE A CG1 
131 C CG2 . ILE A 21  ? 0.5060 0.5825 0.4602 -0.0296 0.1547  -0.0357 709 ILE A CG2 
132 C CD1 . ILE A 21  ? 0.6050 0.6282 0.5456 -0.0216 0.1979  -0.0628 709 ILE A CD1 
133 N N   . ARG A 22  ? 0.3767 0.4641 0.3367 -0.0329 0.1066  -0.0164 710 ARG A N   
134 C CA  . ARG A 22  ? 0.3770 0.4793 0.3364 -0.0415 0.0890  -0.0094 710 ARG A CA  
135 C C   . ARG A 22  ? 0.4083 0.5185 0.3560 -0.0545 0.0902  -0.0137 710 ARG A C   
136 O O   . ARG A 22  ? 0.4079 0.5216 0.3538 -0.0548 0.1056  -0.0183 710 ARG A O   
137 C CB  . ARG A 22  ? 0.4218 0.5423 0.3987 -0.0347 0.0834  0.0042  710 ARG A CB  
138 C CG  . ARG A 22  ? 0.4865 0.6189 0.4636 -0.0428 0.0641  0.0121  710 ARG A CG  
139 C CD  . ARG A 22  ? 0.4841 0.6354 0.4772 -0.0380 0.0596  0.0256  710 ARG A CD  
140 N NE  . ARG A 22  ? 0.5749 0.7426 0.5763 -0.0362 0.0711  0.0292  710 ARG A NE  
141 C CZ  . ARG A 22  ? 0.7875 0.9758 0.8048 -0.0326 0.0692  0.0419  710 ARG A CZ  
142 N NH1 . ARG A 22  ? 0.6042 0.7982 0.6284 -0.0318 0.0554  0.0523  710 ARG A NH1 
143 N NH2 . ARG A 22  ? 0.6895 0.8934 0.7153 -0.0307 0.0815  0.0444  710 ARG A NH2 
144 N N   . GLU A 23  ? 0.3553 0.4685 0.2959 -0.0656 0.0743  -0.0118 711 GLU A N   
145 C CA  . GLU A 23  ? 0.3503 0.4743 0.2809 -0.0802 0.0705  -0.0121 711 GLU A CA  
146 C C   . GLU A 23  ? 0.4400 0.5557 0.3534 -0.0888 0.0840  -0.0241 711 GLU A C   
147 O O   . GLU A 23  ? 0.4335 0.5602 0.3385 -0.0992 0.0888  -0.0256 711 GLU A O   
148 C CB  . GLU A 23  ? 0.3624 0.5081 0.3023 -0.0808 0.0698  -0.0031 711 GLU A CB  
149 C CG  . GLU A 23  ? 0.3998 0.5541 0.3528 -0.0775 0.0534  0.0089  711 GLU A CG  
150 C CD  . GLU A 23  ? 0.6840 0.8605 0.6472 -0.0784 0.0519  0.0192  711 GLU A CD  
151 O OE1 . GLU A 23  ? 0.6330 0.8219 0.5902 -0.0896 0.0503  0.0208  711 GLU A OE1 
152 O OE2 . GLU A 23  ? 0.6705 0.8535 0.6476 -0.0688 0.0511  0.0269  711 GLU A OE2 
153 N N   . ARG A 24  ? 0.4119 0.5082 0.3184 -0.0860 0.0903  -0.0328 712 ARG A N   
154 C CA  . ARG A 24  ? 0.4320 0.5178 0.3194 -0.0963 0.1020  -0.0448 712 ARG A CA  
155 C C   . ARG A 24  ? 0.4593 0.5340 0.3398 -0.1021 0.0909  -0.0464 712 ARG A C   
156 O O   . ARG A 24  ? 0.4089 0.4755 0.2992 -0.0918 0.0857  -0.0439 712 ARG A O   
157 C CB  . ARG A 24  ? 0.4711 0.5417 0.3588 -0.0860 0.1240  -0.0544 712 ARG A CB  
158 C CG  . ARG A 24  ? 0.5363 0.6179 0.4365 -0.0765 0.1372  -0.0516 712 ARG A CG  
159 C CD  . ARG A 24  ? 0.6788 0.7609 0.5649 -0.0855 0.1552  -0.0622 712 ARG A CD  
160 N NE  . ARG A 24  ? 0.8486 0.9405 0.7511 -0.0735 0.1702  -0.0596 712 ARG A NE  
161 C CZ  . ARG A 24  ? 1.0038 1.0820 0.9131 -0.0615 0.1917  -0.0666 712 ARG A CZ  
162 N NH1 . ARG A 24  ? 0.7951 0.8475 0.6939 -0.0610 0.2006  -0.0776 712 ARG A NH1 
163 N NH2 . ARG A 24  ? 0.8534 0.9437 0.7814 -0.0500 0.2046  -0.0619 712 ARG A NH2 
164 N N   . GLN A 25  ? 0.4287 0.5057 0.2938 -0.1193 0.0862  -0.0491 713 GLN A N   
165 C CA  . GLN A 25  ? 0.4309 0.4997 0.2907 -0.1258 0.0765  -0.0497 713 GLN A CA  
166 C C   . GLN A 25  ? 0.4676 0.5150 0.3211 -0.1196 0.0905  -0.0604 713 GLN A C   
167 O O   . GLN A 25  ? 0.4968 0.5355 0.3381 -0.1223 0.1075  -0.0705 713 GLN A O   
168 C CB  . GLN A 25  ? 0.4806 0.5583 0.3243 -0.1473 0.0704  -0.0494 713 GLN A CB  
169 C CG  . GLN A 25  ? 0.4980 0.5942 0.3518 -0.1533 0.0513  -0.0357 713 GLN A CG  
170 C CD  . GLN A 25  ? 0.8306 0.9365 0.6719 -0.1744 0.0421  -0.0320 713 GLN A CD  
171 O OE1 . GLN A 25  ? 0.8061 0.9129 0.6271 -0.1889 0.0514  -0.0393 713 GLN A OE1 
172 N NE2 . GLN A 25  ? 0.6871 0.8014 0.5412 -0.1775 0.0236  -0.0200 713 GLN A NE2 
173 N N   . THR A 26  ? 0.4013 0.4399 0.2640 -0.1106 0.0843  -0.0582 714 THR A N   
174 C CA  . THR A 26  ? 0.3972 0.4163 0.2579 -0.1023 0.0955  -0.0657 714 THR A CA  
175 C C   . THR A 26  ? 0.4541 0.4656 0.3063 -0.1116 0.0894  -0.0682 714 THR A C   
176 O O   . THR A 26  ? 0.4368 0.4576 0.2961 -0.1146 0.0739  -0.0606 714 THR A O   
177 C CB  . THR A 26  ? 0.4260 0.4444 0.3057 -0.0842 0.0931  -0.0592 714 THR A CB  
178 O OG1 . THR A 26  ? 0.4583 0.4876 0.3469 -0.0775 0.0974  -0.0549 714 THR A OG1 
179 C CG2 . THR A 26  ? 0.4801 0.4797 0.3605 -0.0746 0.1037  -0.0643 714 THR A CG2 
180 N N   . VAL A 27  ? 0.4451 0.4395 0.2832 -0.1160 0.1017  -0.0783 715 VAL A N   
181 C CA  . VAL A 27  ? 0.4478 0.4353 0.2766 -0.1263 0.0970  -0.0807 715 VAL A CA  
182 C C   . VAL A 27  ? 0.5024 0.4713 0.3344 -0.1159 0.1039  -0.0847 715 VAL A C   
183 O O   . VAL A 27  ? 0.5114 0.4655 0.3415 -0.1081 0.1192  -0.0911 715 VAL A O   
184 C CB  . VAL A 27  ? 0.5247 0.5093 0.3294 -0.1471 0.1032  -0.0890 715 VAL A CB  
185 C CG1 . VAL A 27  ? 0.5357 0.5166 0.3318 -0.1598 0.0962  -0.0892 715 VAL A CG1 
186 C CG2 . VAL A 27  ? 0.5229 0.5272 0.3236 -0.1589 0.0961  -0.0841 715 VAL A CG2 
187 N N   . ILE A 28  ? 0.4425 0.4126 0.2802 -0.1161 0.0934  -0.0802 716 ILE A N   
188 C CA  . ILE A 28  ? 0.4512 0.4055 0.2904 -0.1089 0.0985  -0.0831 716 ILE A CA  
189 C C   . ILE A 28  ? 0.5082 0.4604 0.3357 -0.1244 0.0943  -0.0852 716 ILE A C   
190 O O   . ILE A 28  ? 0.4934 0.4615 0.3245 -0.1329 0.0811  -0.0787 716 ILE A O   
191 C CB  . ILE A 28  ? 0.4701 0.4297 0.3282 -0.0940 0.0903  -0.0750 716 ILE A CB  
192 C CG1 . ILE A 28  ? 0.4706 0.4362 0.3404 -0.0811 0.0920  -0.0707 716 ILE A CG1 
193 C CG2 . ILE A 28  ? 0.4798 0.4247 0.3383 -0.0884 0.0953  -0.0771 716 ILE A CG2 
194 C CD1 . ILE A 28  ? 0.4977 0.4726 0.3834 -0.0711 0.0805  -0.0624 716 ILE A CD1 
195 N N   . TYR A 29  ? 0.4868 0.4199 0.3018 -0.1284 0.1051  -0.0933 717 TYR A N   
196 C CA  . TYR A 29  ? 0.4896 0.4208 0.2925 -0.1447 0.1011  -0.0950 717 TYR A CA  
197 C C   . TYR A 29  ? 0.5133 0.4398 0.3257 -0.1375 0.0980  -0.0917 717 TYR A C   
198 O O   . TYR A 29  ? 0.5176 0.4304 0.3348 -0.1244 0.1062  -0.0937 717 TYR A O   
199 C CB  . TYR A 29  ? 0.5361 0.4487 0.3146 -0.1585 0.1150  -0.1072 717 TYR A CB  
200 C CG  . TYR A 29  ? 0.5739 0.4938 0.3394 -0.1704 0.1176  -0.1109 717 TYR A CG  
201 C CD1 . TYR A 29  ? 0.5901 0.5275 0.3473 -0.1894 0.1056  -0.1062 717 TYR A CD1 
202 C CD2 . TYR A 29  ? 0.6104 0.5222 0.3740 -0.1625 0.1315  -0.1175 717 TYR A CD2 
203 C CE1 . TYR A 29  ? 0.6065 0.5517 0.3498 -0.2024 0.1078  -0.1091 717 TYR A CE1 
204 C CE2 . TYR A 29  ? 0.6332 0.5530 0.3842 -0.1740 0.1346  -0.1212 717 TYR A CE2 
205 C CZ  . TYR A 29  ? 0.7539 0.6904 0.4936 -0.1945 0.1225  -0.1171 717 TYR A CZ  
206 O OH  . TYR A 29  ? 0.7589 0.7045 0.4842 -0.2081 0.1252  -0.1202 717 TYR A OH  
207 N N   . VAL A 30  ? 0.4776 0.4175 0.2948 -0.1454 0.0857  -0.0852 718 VAL A N   
208 C CA  . VAL A 30  ? 0.4537 0.3934 0.2807 -0.1404 0.0819  -0.0814 718 VAL A CA  
209 C C   . VAL A 30  ? 0.5272 0.4647 0.3416 -0.1583 0.0807  -0.0828 718 VAL A C   
210 O O   . VAL A 30  ? 0.5232 0.4729 0.3314 -0.1741 0.0736  -0.0801 718 VAL A O   
211 C CB  . VAL A 30  ? 0.4809 0.4401 0.3300 -0.1310 0.0693  -0.0716 718 VAL A CB  
212 C CG1 . VAL A 30  ? 0.4719 0.4321 0.3308 -0.1264 0.0669  -0.0684 718 VAL A CG1 
213 C CG2 . VAL A 30  ? 0.4696 0.4301 0.3288 -0.1155 0.0703  -0.0703 718 VAL A CG2 
214 N N   . GLN A 31  ? 0.4672 0.3892 0.2768 -0.1570 0.0875  -0.0865 719 GLN A N   
215 C CA  . GLN A 31  ? 0.4793 0.3977 0.2760 -0.1745 0.0867  -0.0878 719 GLN A CA  
216 C C   . GLN A 31  ? 0.5259 0.4606 0.3402 -0.1714 0.0768  -0.0784 719 GLN A C   
217 O O   . GLN A 31  ? 0.5254 0.4555 0.3500 -0.1575 0.0795  -0.0774 719 GLN A O   
218 C CB  . GLN A 31  ? 0.5189 0.4086 0.3002 -0.1750 0.1012  -0.0976 719 GLN A CB  
219 C CG  . GLN A 31  ? 0.6975 0.5784 0.4607 -0.1953 0.1025  -0.1011 719 GLN A CG  
220 C CD  . GLN A 31  ? 1.0725 0.9557 0.8156 -0.2167 0.1016  -0.1055 719 GLN A CD  
221 O OE1 . GLN A 31  ? 1.0182 0.9248 0.7645 -0.2288 0.0887  -0.0973 719 GLN A OE1 
222 N NE2 . GLN A 31  ? 1.0139 0.8725 0.7354 -0.2232 0.1158  -0.1182 719 GLN A NE2 
223 N N   . LEU A 32  ? 0.4540 0.4092 0.2730 -0.1842 0.0656  -0.0707 720 LEU A N   
224 C CA  . LEU A 32  ? 0.4342 0.4068 0.2726 -0.1817 0.0571  -0.0612 720 LEU A CA  
225 C C   . LEU A 32  ? 0.4687 0.4361 0.2957 -0.1964 0.0588  -0.0619 720 LEU A C   
226 O O   . LEU A 32  ? 0.4657 0.4293 0.2735 -0.2162 0.0588  -0.0645 720 LEU A O   
227 C CB  . LEU A 32  ? 0.4297 0.4290 0.2846 -0.1864 0.0438  -0.0501 720 LEU A CB  
228 C CG  . LEU A 32  ? 0.4607 0.4673 0.3280 -0.1742 0.0400  -0.0478 720 LEU A CG  
229 C CD1 . LEU A 32  ? 0.4777 0.5088 0.3602 -0.1817 0.0267  -0.0356 720 LEU A CD1 
230 C CD2 . LEU A 32  ? 0.4375 0.4417 0.3219 -0.1524 0.0426  -0.0481 720 LEU A CD2 
231 N N   . ARG A 33  ? 0.4147 0.3814 0.2517 -0.1882 0.0606  -0.0600 721 ARG A N   
232 C CA  . ARG A 33  ? 0.4024 0.3657 0.2314 -0.2010 0.0618  -0.0593 721 ARG A CA  
233 C C   . ARG A 33  ? 0.4290 0.4154 0.2820 -0.1961 0.0547  -0.0490 721 ARG A C   
234 O O   . ARG A 33  ? 0.4154 0.4091 0.2870 -0.1784 0.0543  -0.0468 721 ARG A O   
235 C CB  . ARG A 33  ? 0.4302 0.3655 0.2458 -0.1956 0.0740  -0.0680 721 ARG A CB  
236 C CG  . ARG A 33  ? 0.5248 0.4337 0.3170 -0.2005 0.0840  -0.0794 721 ARG A CG  
237 C CD  . ARG A 33  ? 0.5476 0.4283 0.3299 -0.1952 0.0960  -0.0861 721 ARG A CD  
238 N NE  . ARG A 33  ? 0.6076 0.4625 0.3727 -0.1960 0.1078  -0.0970 721 ARG A NE  
239 C CZ  . ARG A 33  ? 0.8206 0.6548 0.5622 -0.2131 0.1151  -0.1056 721 ARG A CZ  
240 N NH1 . ARG A 33  ? 0.6789 0.5161 0.4104 -0.2323 0.1104  -0.1037 721 ARG A NH1 
241 N NH2 . ARG A 33  ? 0.7829 0.5934 0.5109 -0.2120 0.1277  -0.1163 721 ARG A NH2 
242 N N   . ASP A 34  ? 0.4210 0.4186 0.2736 -0.2120 0.0500  -0.0428 722 ASP A N   
243 C CA  . ASP A 34  ? 0.4118 0.4324 0.2888 -0.2075 0.0451  -0.0328 722 ASP A CA  
244 C C   . ASP A 34  ? 0.4593 0.4678 0.3352 -0.1989 0.0534  -0.0367 722 ASP A C   
245 O O   . ASP A 34  ? 0.4564 0.4392 0.3149 -0.1952 0.0619  -0.0458 722 ASP A O   
246 C CB  . ASP A 34  ? 0.4492 0.4900 0.3287 -0.2283 0.0362  -0.0226 722 ASP A CB  
247 C CG  . ASP A 34  ? 0.5281 0.5528 0.3799 -0.2492 0.0393  -0.0273 722 ASP A CG  
248 O OD1 . ASP A 34  ? 0.4840 0.4840 0.3214 -0.2450 0.0493  -0.0365 722 ASP A OD1 
249 O OD2 . ASP A 34  ? 0.6176 0.6540 0.4621 -0.2704 0.0318  -0.0214 722 ASP A OD2 
250 N N   . ALA A 35  ? 0.4182 0.4462 0.3141 -0.1955 0.0514  -0.0290 723 ALA A N   
251 C CA  . ALA A 35  ? 0.4208 0.4422 0.3173 -0.1887 0.0585  -0.0310 723 ALA A CA  
252 C C   . ALA A 35  ? 0.4475 0.4477 0.3194 -0.2029 0.0634  -0.0353 723 ALA A C   
253 O O   . ALA A 35  ? 0.4377 0.4234 0.3036 -0.1967 0.0704  -0.0390 723 ALA A O   
254 C CB  . ALA A 35  ? 0.4291 0.4786 0.3511 -0.1865 0.0555  -0.0215 723 ALA A CB  
255 N N   . CYS A 36  ? 0.4420 0.4406 0.2994 -0.2231 0.0593  -0.0344 724 CYS A N   
256 C CA  . CYS A 36  ? 0.4818 0.4582 0.3143 -0.2393 0.0639  -0.0393 724 CYS A CA  
257 C C   . CYS A 36  ? 0.5103 0.4526 0.3192 -0.2380 0.0724  -0.0518 724 CYS A C   
258 O O   . CYS A 36  ? 0.5463 0.4637 0.3343 -0.2486 0.0788  -0.0578 724 CYS A O   
259 C CB  . CYS A 36  ? 0.5317 0.5229 0.3586 -0.2639 0.0556  -0.0325 724 CYS A CB  
260 S SG  . CYS A 36  ? 0.5855 0.6185 0.4440 -0.2654 0.0468  -0.0159 724 CYS A SG  
261 N N   . GLY A 37  ? 0.4615 0.4026 0.2746 -0.2254 0.0730  -0.0554 725 GLY A N   
262 C CA  . GLY A 37  ? 0.4601 0.3726 0.2548 -0.2225 0.0817  -0.0664 725 GLY A CA  
263 C C   . GLY A 37  ? 0.5453 0.4531 0.3214 -0.2404 0.0803  -0.0710 725 GLY A C   
264 O O   . GLY A 37  ? 0.5560 0.4394 0.3151 -0.2404 0.0891  -0.0813 725 GLY A O   
265 N N   . ASP A 38  ? 0.5103 0.4422 0.2900 -0.2564 0.0696  -0.0629 726 ASP A N   
266 C CA  . ASP A 38  ? 0.5307 0.4623 0.2911 -0.2771 0.0666  -0.0658 726 ASP A CA  
267 C C   . ASP A 38  ? 0.5672 0.5093 0.3355 -0.2680 0.0632  -0.0654 726 ASP A C   
268 O O   . ASP A 38  ? 0.5069 0.4707 0.3010 -0.2531 0.0565  -0.0568 726 ASP A O   
269 C CB  . ASP A 38  ? 0.5739 0.5312 0.3368 -0.2990 0.0545  -0.0543 726 ASP A CB  
270 C CG  . ASP A 38  ? 0.6934 0.6407 0.4428 -0.3151 0.0567  -0.0547 726 ASP A CG  
271 O OD1 . ASP A 38  ? 0.7171 0.6319 0.4390 -0.3247 0.0667  -0.0671 726 ASP A OD1 
272 O OD2 . ASP A 38  ? 0.7469 0.7184 0.5133 -0.3191 0.0486  -0.0425 726 ASP A OD2 
273 N N   . LEU A 39  ? 0.5755 0.5037 0.3215 -0.2789 0.0676  -0.0743 727 LEU A N   
274 C CA  . LEU A 39  ? 0.5828 0.5227 0.3356 -0.2720 0.0639  -0.0730 727 LEU A CA  
275 C C   . LEU A 39  ? 0.6349 0.6101 0.4031 -0.2827 0.0476  -0.0579 727 LEU A C   
276 O O   . LEU A 39  ? 0.6571 0.6419 0.4174 -0.3041 0.0413  -0.0525 727 LEU A O   
277 C CB  . LEU A 39  ? 0.6357 0.5546 0.3592 -0.2844 0.0730  -0.0860 727 LEU A CB  
278 C CG  . LEU A 39  ? 0.7305 0.6123 0.4377 -0.2765 0.0908  -0.1013 727 LEU A CG  
279 C CD1 . LEU A 39  ? 0.7632 0.6276 0.4433 -0.2900 0.1002  -0.1139 727 LEU A CD1 
280 C CD2 . LEU A 39  ? 0.7656 0.6434 0.4926 -0.2484 0.0955  -0.1013 727 LEU A CD2 
281 N N   . LEU A 40  ? 0.5921 0.5868 0.3831 -0.2688 0.0402  -0.0502 728 LEU A N   
282 C CA  . LEU A 40  ? 0.6013 0.6291 0.4102 -0.2783 0.0248  -0.0342 728 LEU A CA  
283 C C   . LEU A 40  ? 0.7065 0.7391 0.4915 -0.3064 0.0198  -0.0334 728 LEU A C   
284 O O   . LEU A 40  ? 0.7226 0.7353 0.4822 -0.3120 0.0282  -0.0460 728 LEU A O   
285 C CB  . LEU A 40  ? 0.5877 0.6316 0.4237 -0.2593 0.0189  -0.0269 728 LEU A CB  
286 C CG  . LEU A 40  ? 0.6278 0.6745 0.4908 -0.2346 0.0210  -0.0245 728 LEU A CG  
287 C CD1 . LEU A 40  ? 0.6121 0.6749 0.4997 -0.2211 0.0138  -0.0168 728 LEU A CD1 
288 C CD2 . LEU A 40  ? 0.6578 0.7196 0.5367 -0.2375 0.0171  -0.0156 728 LEU A CD2 
289 N N   . SER A 41  ? 0.6832 0.7426 0.4763 -0.3247 0.0064  -0.0185 729 SER A N   
290 C CA  . SER A 41  ? 1.1349 1.2050 0.9061 -0.3556 -0.0016 -0.0140 729 SER A CA  
291 C C   . SER A 41  ? 1.6505 1.6923 1.3814 -0.3762 0.0092  -0.0296 729 SER A C   
292 O O   . SER A 41  ? 1.2059 1.2543 0.9274 -0.3974 0.0042  -0.0246 729 SER A O   
293 C CB  . SER A 41  ? 1.1756 1.2548 0.9448 -0.3580 -0.0065 -0.0116 729 SER A CB  
294 O OG  . SER A 41  ? 1.3075 1.3946 1.0504 -0.3898 -0.0127 -0.0092 729 SER A OG  
295 N N   . THR A 70  ? 0.7559 0.9096 0.7553 -0.2044 -0.0414 0.0452  758 THR A N   
296 C CA  . THR A 70  ? 0.7398 0.8689 0.7282 -0.1870 -0.0281 0.0278  758 THR A CA  
297 C C   . THR A 70  ? 0.7443 0.8723 0.7609 -0.1647 -0.0271 0.0290  758 THR A C   
298 O O   . THR A 70  ? 0.7294 0.8402 0.7388 -0.1511 -0.0194 0.0177  758 THR A O   
299 C CB  . THR A 70  ? 0.8897 1.0031 0.8482 -0.1915 -0.0227 0.0164  758 THR A CB  
300 O OG1 . THR A 70  ? 0.9029 1.0270 0.8681 -0.1951 -0.0320 0.0251  758 THR A OG1 
301 C CG2 . THR A 70  ? 0.9149 1.0215 0.8417 -0.2112 -0.0183 0.0095  758 THR A CG2 
302 N N   . SER A 71  ? 0.6757 0.8219 0.7248 -0.1615 -0.0343 0.0430  759 SER A N   
303 C CA  . SER A 71  ? 0.6477 0.7936 0.7267 -0.1419 -0.0327 0.0449  759 SER A CA  
304 C C   . SER A 71  ? 0.6443 0.7742 0.7204 -0.1265 -0.0195 0.0306  759 SER A C   
305 O O   . SER A 71  ? 0.6452 0.7696 0.7383 -0.1109 -0.0159 0.0278  759 SER A O   
306 C CB  . SER A 71  ? 0.7052 0.8750 0.8207 -0.1433 -0.0416 0.0635  759 SER A CB  
307 O OG  . SER A 71  ? 0.8186 1.0016 0.9347 -0.1542 -0.0422 0.0690  759 SER A OG  
308 N N   . ASP A 72  ? 0.5583 0.6801 0.6116 -0.1321 -0.0123 0.0218  760 ASP A N   
309 C CA  . ASP A 72  ? 0.5315 0.6393 0.5787 -0.1207 -0.0005 0.0096  760 ASP A CA  
310 C C   . ASP A 72  ? 0.5175 0.6034 0.5398 -0.1146 0.0067  -0.0042 760 ASP A C   
311 O O   . ASP A 72  ? 0.5166 0.5909 0.5329 -0.1054 0.0158  -0.0133 760 ASP A O   
312 C CB  . ASP A 72  ? 0.5580 0.6696 0.5957 -0.1310 0.0027  0.0095  760 ASP A CB  
313 C CG  . ASP A 72  ? 0.6410 0.7758 0.7060 -0.1351 -0.0025 0.0230  760 ASP A CG  
314 O OD1 . ASP A 72  ? 0.6273 0.7687 0.7192 -0.1216 0.0001  0.0258  760 ASP A OD1 
315 O OD2 . ASP A 72  ? 0.6841 0.8300 0.7425 -0.1521 -0.0079 0.0303  760 ASP A OD2 
316 N N   . VAL A 73  ? 0.4274 0.5090 0.4357 -0.1203 0.0030  -0.0048 761 VAL A N   
317 C CA  . VAL A 73  ? 0.4148 0.4781 0.4015 -0.1153 0.0098  -0.0160 761 VAL A CA  
318 C C   . VAL A 73  ? 0.4249 0.4865 0.4199 -0.1061 0.0064  -0.0153 761 VAL A C   
319 O O   . VAL A 73  ? 0.4085 0.4807 0.4133 -0.1111 -0.0025 -0.0066 761 VAL A O   
320 C CB  . VAL A 73  ? 0.4947 0.5520 0.4548 -0.1299 0.0114  -0.0196 761 VAL A CB  
321 C CG1 . VAL A 73  ? 0.5020 0.5419 0.4438 -0.1237 0.0193  -0.0297 761 VAL A CG1 
322 C CG2 . VAL A 73  ? 0.5049 0.5605 0.4545 -0.1398 0.0154  -0.0213 761 VAL A CG2 
323 N N   . GLN A 74  ? 0.3627 0.4115 0.3532 -0.0939 0.0130  -0.0236 762 GLN A N   
324 C CA  . GLN A 74  ? 0.3491 0.3945 0.3443 -0.0860 0.0105  -0.0241 762 GLN A CA  
325 C C   . GLN A 74  ? 0.3996 0.4321 0.3739 -0.0833 0.0169  -0.0321 762 GLN A C   
326 O O   . GLN A 74  ? 0.4031 0.4266 0.3662 -0.0811 0.0248  -0.0383 762 GLN A O   
327 C CB  . GLN A 74  ? 0.3553 0.3987 0.3675 -0.0740 0.0123  -0.0259 762 GLN A CB  
328 C CG  . GLN A 74  ? 0.4715 0.5274 0.5092 -0.0740 0.0079  -0.0176 762 GLN A CG  
329 C CD  . GLN A 74  ? 0.6660 0.7173 0.7194 -0.0620 0.0120  -0.0214 762 GLN A CD  
330 O OE1 . GLN A 74  ? 0.5604 0.6103 0.6266 -0.0576 0.0079  -0.0189 762 GLN A OE1 
331 N NE2 . GLN A 74  ? 0.5905 0.6384 0.6420 -0.0573 0.0207  -0.0280 762 GLN A NE2 
332 N N   . ALA A 75  ? 0.3344 0.3667 0.3047 -0.0838 0.0137  -0.0310 763 ALA A N   
333 C CA  . ALA A 75  ? 0.3184 0.3408 0.2732 -0.0800 0.0201  -0.0369 763 ALA A CA  
334 C C   . ALA A 75  ? 0.3511 0.3748 0.3118 -0.0743 0.0156  -0.0348 763 ALA A C   
335 O O   . ALA A 75  ? 0.3414 0.3734 0.3107 -0.0786 0.0073  -0.0285 763 ALA A O   
336 C CB  . ALA A 75  ? 0.3395 0.3609 0.2781 -0.0899 0.0232  -0.0384 763 ALA A CB  
337 N N   . PHE A 76  ? 0.2915 0.3077 0.2484 -0.0657 0.0200  -0.0389 764 PHE A N   
338 C CA  . PHE A 76  ? 0.2857 0.3033 0.2458 -0.0623 0.0155  -0.0365 764 PHE A CA  
339 C C   . PHE A 76  ? 0.3235 0.3369 0.2727 -0.0583 0.0211  -0.0387 764 PHE A C   
340 O O   . PHE A 76  ? 0.3034 0.3101 0.2452 -0.0551 0.0287  -0.0424 764 PHE A O   
341 C CB  . PHE A 76  ? 0.3449 0.3610 0.3170 -0.0569 0.0114  -0.0365 764 PHE A CB  
342 C CG  . PHE A 76  ? 0.3848 0.3938 0.3539 -0.0510 0.0179  -0.0422 764 PHE A CG  
343 C CD1 . PHE A 76  ? 0.4657 0.4700 0.4257 -0.0467 0.0209  -0.0444 764 PHE A CD1 
344 C CD2 . PHE A 76  ? 0.4143 0.4230 0.3907 -0.0501 0.0203  -0.0443 764 PHE A CD2 
345 C CE1 . PHE A 76  ? 0.4936 0.4927 0.4496 -0.0429 0.0262  -0.0488 764 PHE A CE1 
346 C CE2 . PHE A 76  ? 0.4675 0.4706 0.4404 -0.0454 0.0264  -0.0497 764 PHE A CE2 
347 C CZ  . PHE A 76  ? 0.4631 0.4613 0.4248 -0.0425 0.0291  -0.0520 764 PHE A CZ  
348 N N   . VAL A 77  ? 0.2854 0.3035 0.2355 -0.0586 0.0171  -0.0351 765 VAL A N   
349 C CA  . VAL A 77  ? 0.2873 0.3052 0.2312 -0.0547 0.0213  -0.0346 765 VAL A CA  
350 C C   . VAL A 77  ? 0.3241 0.3453 0.2738 -0.0525 0.0142  -0.0310 765 VAL A C   
351 O O   . VAL A 77  ? 0.2947 0.3203 0.2516 -0.0564 0.0061  -0.0278 765 VAL A O   
352 C CB  . VAL A 77  ? 0.3298 0.3523 0.2677 -0.0597 0.0247  -0.0336 765 VAL A CB  
353 C CG1 . VAL A 77  ? 0.3336 0.3595 0.2705 -0.0549 0.0282  -0.0310 765 VAL A CG1 
354 C CG2 . VAL A 77  ? 0.3215 0.3373 0.2502 -0.0630 0.0334  -0.0388 765 VAL A CG2 
355 N N   . ILE A 78  ? 0.3209 0.3397 0.2681 -0.0470 0.0167  -0.0311 766 ILE A N   
356 C CA  . ILE A 78  ? 0.3001 0.3216 0.2498 -0.0464 0.0104  -0.0278 766 ILE A CA  
357 C C   . ILE A 78  ? 0.3150 0.3439 0.2630 -0.0446 0.0123  -0.0225 766 ILE A C   
358 O O   . ILE A 78  ? 0.2928 0.3205 0.2378 -0.0402 0.0200  -0.0223 766 ILE A O   
359 C CB  . ILE A 78  ? 0.3395 0.3543 0.2869 -0.0437 0.0109  -0.0315 766 ILE A CB  
360 C CG1 . ILE A 78  ? 0.3715 0.3796 0.3222 -0.0438 0.0126  -0.0373 766 ILE A CG1 
361 C CG2 . ILE A 78  ? 0.3441 0.3600 0.2920 -0.0460 0.0038  -0.0294 766 ILE A CG2 
362 C CD1 . ILE A 78  ? 0.4263 0.4359 0.3883 -0.0476 0.0058  -0.0363 766 ILE A CD1 
363 N N   . SER A 79  ? 0.2994 0.3362 0.2506 -0.0478 0.0055  -0.0172 767 SER A N   
364 C CA  . SER A 79  ? 0.2942 0.3410 0.2464 -0.0461 0.0073  -0.0107 767 SER A CA  
365 C C   . SER A 79  ? 0.3542 0.4025 0.3054 -0.0433 0.0057  -0.0069 767 SER A C   
366 O O   . SER A 79  ? 0.3065 0.3471 0.2541 -0.0442 0.0031  -0.0108 767 SER A O   
367 C CB  . SER A 79  ? 0.3325 0.3889 0.2885 -0.0519 0.0003  -0.0057 767 SER A CB  
368 O OG  . SER A 79  ? 0.4248 0.4808 0.3822 -0.0551 -0.0092 -0.0033 767 SER A OG  
369 N N   . PRO A 80  ? 0.3897 0.4489 0.3446 -0.0407 0.0076  0.0011  768 PRO A N   
370 C CA  . PRO A 80  ? 0.4103 0.4739 0.3649 -0.0397 0.0049  0.0074  768 PRO A CA  
371 C C   . PRO A 80  ? 0.4388 0.5034 0.3893 -0.0472 -0.0061 0.0085  768 PRO A C   
372 O O   . PRO A 80  ? 0.4728 0.5384 0.4188 -0.0490 -0.0087 0.0115  768 PRO A O   
373 C CB  . PRO A 80  ? 0.4297 0.5079 0.3933 -0.0354 0.0089  0.0177  768 PRO A CB  
374 C CG  . PRO A 80  ? 0.4791 0.5555 0.4453 -0.0323 0.0178  0.0134  768 PRO A CG  
375 C CD  . PRO A 80  ? 0.4077 0.4769 0.3681 -0.0386 0.0131  0.0056  768 PRO A CD  
376 N N   . ASP A 81  ? 0.3941 0.4574 0.3455 -0.0525 -0.0123 0.0065  769 ASP A N   
377 C CA  . ASP A 81  ? 0.3875 0.4478 0.3348 -0.0604 -0.0222 0.0062  769 ASP A CA  
378 C C   . ASP A 81  ? 0.4197 0.4629 0.3632 -0.0618 -0.0225 -0.0048 769 ASP A C   
379 O O   . ASP A 81  ? 0.4229 0.4592 0.3639 -0.0680 -0.0289 -0.0073 769 ASP A O   
380 C CB  . ASP A 81  ? 0.4094 0.4794 0.3619 -0.0658 -0.0294 0.0129  769 ASP A CB  
381 C CG  . ASP A 81  ? 0.4887 0.5556 0.4461 -0.0669 -0.0303 0.0099  769 ASP A CG  
382 O OD1 . ASP A 81  ? 0.4785 0.5351 0.4357 -0.0639 -0.0259 0.0025  769 ASP A OD1 
383 O OD2 . ASP A 81  ? 0.6050 0.6805 0.5664 -0.0720 -0.0362 0.0160  769 ASP A OD2 
384 N N   . GLY A 82  ? 0.3593 0.3953 0.3030 -0.0563 -0.0150 -0.0111 770 GLY A N   
385 C CA  . GLY A 82  ? 0.3586 0.3809 0.3017 -0.0565 -0.0138 -0.0205 770 GLY A CA  
386 C C   . GLY A 82  ? 0.3685 0.3870 0.3205 -0.0574 -0.0164 -0.0224 770 GLY A C   
387 O O   . GLY A 82  ? 0.3615 0.3697 0.3167 -0.0566 -0.0150 -0.0290 770 GLY A O   
388 N N   . SER A 83  ? 0.3296 0.3575 0.2866 -0.0590 -0.0195 -0.0160 771 SER A N   
389 C CA  . SER A 83  ? 0.3267 0.3541 0.2923 -0.0617 -0.0236 -0.0149 771 SER A CA  
390 C C   . SER A 83  ? 0.3486 0.3767 0.3158 -0.0592 -0.0174 -0.0173 771 SER A C   
391 O O   . SER A 83  ? 0.3130 0.3452 0.2745 -0.0564 -0.0105 -0.0176 771 SER A O   
392 C CB  . SER A 83  ? 0.3670 0.4060 0.3353 -0.0669 -0.0297 -0.0065 771 SER A CB  
393 O OG  . SER A 83  ? 0.5349 0.5744 0.5016 -0.0709 -0.0363 -0.0030 771 SER A OG  
394 N N   . THR A 84  ? 0.3125 0.3369 0.2883 -0.0606 -0.0201 -0.0182 772 THR A N   
395 C CA  . THR A 84  ? 0.3022 0.3289 0.2795 -0.0608 -0.0160 -0.0191 772 THR A CA  
396 C C   . THR A 84  ? 0.3413 0.3790 0.3167 -0.0667 -0.0182 -0.0132 772 THR A C   
397 O O   . THR A 84  ? 0.3376 0.3812 0.3164 -0.0712 -0.0254 -0.0071 772 THR A O   
398 C CB  . THR A 84  ? 0.4167 0.4388 0.4068 -0.0611 -0.0189 -0.0195 772 THR A CB  
399 O OG1 . THR A 84  ? 0.4342 0.4582 0.4348 -0.0653 -0.0282 -0.0130 772 THR A OG1 
400 C CG2 . THR A 84  ? 0.4371 0.4482 0.4292 -0.0554 -0.0146 -0.0270 772 THR A CG2 
401 N N   . VAL A 85  ? 0.2931 0.3334 0.2619 -0.0677 -0.0114 -0.0153 773 VAL A N   
402 C CA  . VAL A 85  ? 0.2846 0.3345 0.2479 -0.0743 -0.0104 -0.0122 773 VAL A CA  
403 C C   . VAL A 85  ? 0.3344 0.3856 0.2995 -0.0805 -0.0121 -0.0117 773 VAL A C   
404 O O   . VAL A 85  ? 0.3339 0.3787 0.2989 -0.0777 -0.0077 -0.0162 773 VAL A O   
405 C CB  . VAL A 85  ? 0.3314 0.3803 0.2839 -0.0700 0.0009  -0.0164 773 VAL A CB  
406 C CG1 . VAL A 85  ? 0.3491 0.4053 0.2939 -0.0767 0.0057  -0.0161 773 VAL A CG1 
407 C CG2 . VAL A 85  ? 0.3287 0.3790 0.2826 -0.0640 0.0008  -0.0141 773 VAL A CG2 
408 N N   . GLU A 86  ? 0.2953 0.3566 0.2618 -0.0903 -0.0185 -0.0051 774 GLU A N   
409 C CA  . GLU A 86  ? 0.3146 0.3802 0.2837 -0.0983 -0.0218 -0.0022 774 GLU A CA  
410 C C   . GLU A 86  ? 0.3568 0.4203 0.3105 -0.1021 -0.0116 -0.0090 774 GLU A C   
411 O O   . GLU A 86  ? 0.3434 0.4088 0.2843 -0.1052 -0.0049 -0.0122 774 GLU A O   
412 C CB  . GLU A 86  ? 0.3348 0.4132 0.3080 -0.1097 -0.0321 0.0082  774 GLU A CB  
413 C CG  . GLU A 86  ? 0.4587 0.5452 0.4366 -0.1201 -0.0382 0.0146  774 GLU A CG  
414 C CD  . GLU A 86  ? 0.6834 0.7679 0.6822 -0.1159 -0.0450 0.0200  774 GLU A CD  
415 O OE1 . GLU A 86  ? 0.7404 0.8173 0.7523 -0.1065 -0.0474 0.0202  774 GLU A OE1 
416 O OE2 . GLU A 86  ? 0.6512 0.7426 0.6541 -0.1231 -0.0477 0.0246  774 GLU A OE2 
417 N N   . VAL A 87  ? 0.3070 0.3662 0.2629 -0.1016 -0.0099 -0.0115 775 VAL A N   
418 C CA  . VAL A 87  ? 0.2952 0.3504 0.2358 -0.1068 -0.0008 -0.0180 775 VAL A CA  
419 C C   . VAL A 87  ? 0.3620 0.4272 0.3023 -0.1212 -0.0073 -0.0122 775 VAL A C   
420 O O   . VAL A 87  ? 0.3389 0.4090 0.2947 -0.1216 -0.0152 -0.0055 775 VAL A O   
421 C CB  . VAL A 87  ? 0.3547 0.3979 0.2954 -0.0973 0.0067  -0.0250 775 VAL A CB  
422 C CG1 . VAL A 87  ? 0.3701 0.4072 0.2952 -0.1036 0.0159  -0.0315 775 VAL A CG1 
423 C CG2 . VAL A 87  ? 0.3625 0.3981 0.3035 -0.0849 0.0117  -0.0288 775 VAL A CG2 
424 N N   . THR A 88  ? 0.3471 0.4157 0.2699 -0.1337 -0.0034 -0.0143 776 THR A N   
425 C CA  . THR A 88  ? 0.3530 0.4325 0.2725 -0.1503 -0.0101 -0.0082 776 THR A CA  
426 C C   . THR A 88  ? 0.4202 0.4909 0.3267 -0.1546 -0.0016 -0.0161 776 THR A C   
427 O O   . THR A 88  ? 0.4398 0.4977 0.3303 -0.1520 0.0112  -0.0271 776 THR A O   
428 C CB  . THR A 88  ? 0.4036 0.4929 0.3092 -0.1643 -0.0113 -0.0059 776 THR A CB  
429 O OG1 . THR A 88  ? 0.4051 0.5034 0.3250 -0.1610 -0.0209 0.0033  776 THR A OG1 
430 C CG2 . THR A 88  ? 0.4556 0.5566 0.3514 -0.1854 -0.0172 -0.0003 776 THR A CG2 
431 N N   . MET A 89  ? 0.4097 0.4871 0.3247 -0.1608 -0.0085 -0.0097 777 MET A N   
432 C CA  . MET A 89  ? 0.4444 0.5147 0.3470 -0.1671 -0.0017 -0.0161 777 MET A CA  
433 C C   . MET A 89  ? 0.5020 0.5853 0.3944 -0.1896 -0.0084 -0.0097 777 MET A C   
434 O O   . MET A 89  ? 0.5068 0.6077 0.4146 -0.1965 -0.0218 0.0042  777 MET A O   
435 C CB  . MET A 89  ? 0.5033 0.5682 0.4205 -0.1551 -0.0005 -0.0168 777 MET A CB  
436 C CG  . MET A 89  ? 0.5753 0.6547 0.5161 -0.1560 -0.0118 -0.0044 777 MET A CG  
437 S SD  . MET A 89  ? 0.6518 0.7222 0.5995 -0.1456 -0.0048 -0.0099 777 MET A SD  
438 C CE  . MET A 89  ? 0.5918 0.6475 0.5443 -0.1241 0.0024  -0.0182 777 MET A CE  
439 N N   . THR A 90  ? 0.4365 0.5109 0.3019 -0.2012 0.0014  -0.0199 778 THR A N   
440 C CA  . THR A 90  ? 0.4594 0.5432 0.3066 -0.2259 -0.0024 -0.0171 778 THR A CA  
441 C C   . THR A 90  ? 0.5517 0.6260 0.3880 -0.2327 0.0033  -0.0231 778 THR A C   
442 O O   . THR A 90  ? 0.5379 0.5910 0.3593 -0.2267 0.0178  -0.0373 778 THR A O   
443 C CB  . THR A 90  ? 0.5540 0.6325 0.3757 -0.2356 0.0069  -0.0265 778 THR A CB  
444 O OG1 . THR A 90  ? 0.5852 0.6711 0.4187 -0.2264 0.0030  -0.0216 778 THR A OG1 
445 C CG2 . THR A 90  ? 0.5979 0.6872 0.3972 -0.2642 0.0028  -0.0240 778 THR A CG2 
446 N N   . PRO A 91  ? 0.5514 0.6413 0.3939 -0.2467 -0.0081 -0.0117 779 PRO A N   
447 C CA  . PRO A 91  ? 0.5648 0.6464 0.3949 -0.2558 -0.0030 -0.0171 779 PRO A CA  
448 C C   . PRO A 91  ? 0.6182 0.6898 0.4118 -0.2776 0.0055  -0.0282 779 PRO A C   
449 O O   . PRO A 91  ? 0.5927 0.6757 0.3738 -0.2941 0.0008  -0.0247 779 PRO A O   
450 C CB  . PRO A 91  ? 0.5933 0.6993 0.4439 -0.2651 -0.0190 0.0009  779 PRO A CB  
451 C CG  . PRO A 91  ? 0.6468 0.7738 0.5084 -0.2718 -0.0320 0.0150  779 PRO A CG  
452 C CD  . PRO A 91  ? 0.5750 0.6914 0.4382 -0.2550 -0.0259 0.0077  779 PRO A CD  
453 N N   . ARG A 92  ? 0.5962 0.6452 0.3722 -0.2774 0.0190  -0.0423 780 ARG A N   
454 C CA  . ARG A 92  ? 0.6271 0.6611 0.3670 -0.2978 0.0300  -0.0556 780 ARG A CA  
455 C C   . ARG A 92  ? 0.6798 0.7103 0.4096 -0.3130 0.0287  -0.0557 780 ARG A C   
456 O O   . ARG A 92  ? 0.6521 0.6931 0.4047 -0.3056 0.0202  -0.0452 780 ARG A O   
457 C CB  . ARG A 92  ? 0.6107 0.6166 0.3380 -0.2834 0.0498  -0.0735 780 ARG A CB  
458 C CG  . ARG A 92  ? 0.6908 0.7022 0.4241 -0.2730 0.0514  -0.0735 780 ARG A CG  
459 C CD  . ARG A 92  ? 0.9162 0.9355 0.6252 -0.2962 0.0520  -0.0759 780 ARG A CD  
460 N NE  . ARG A 92  ? 1.0521 1.0794 0.7687 -0.2867 0.0526  -0.0742 780 ARG A NE  
461 C CZ  . ARG A 92  ? 1.2039 1.2537 0.9203 -0.2996 0.0410  -0.0637 780 ARG A CZ  
462 N NH1 . ARG A 92  ? 0.9570 1.0253 0.6678 -0.3226 0.0269  -0.0526 780 ARG A NH1 
463 N NH2 . ARG A 92  ? 1.0520 1.1080 0.7755 -0.2902 0.0424  -0.0626 780 ARG A NH2 
464 N N   . GLU A 93  ? 0.6727 0.6889 0.3683 -0.3350 0.0376  -0.0674 781 GLU A N   
465 C CA  . GLU A 93  ? 0.6840 0.6960 0.3671 -0.3523 0.0363  -0.0678 781 GLU A CA  
466 C C   . GLU A 93  ? 0.7446 0.7356 0.4364 -0.3340 0.0457  -0.0746 781 GLU A C   
467 O O   . GLU A 93  ? 0.7250 0.6962 0.4212 -0.3122 0.0582  -0.0845 781 GLU A O   
468 C CB  . GLU A 93  ? 0.7442 0.7418 0.3852 -0.3811 0.0455  -0.0811 781 GLU A CB  
469 C CG  . GLU A 93  ? 0.8815 0.8951 0.5100 -0.4112 0.0330  -0.0716 781 GLU A CG  
470 C CD  . GLU A 93  ? 1.0251 1.0186 0.6082 -0.4403 0.0445  -0.0879 781 GLU A CD  
471 O OE1 . GLU A 93  ? 0.8377 0.8087 0.4008 -0.4375 0.0615  -0.1055 781 GLU A OE1 
472 O OE2 . GLU A 93  ? 0.9436 0.9437 0.5113 -0.4664 0.0370  -0.0834 781 GLU A OE2 
473 N N   . ASN A 94  ? 0.7283 0.7262 0.4237 -0.3438 0.0386  -0.0674 782 ASN A N   
474 C CA  . ASN A 94  ? 0.7224 0.7040 0.4231 -0.3333 0.0451  -0.0717 782 ASN A CA  
475 C C   . ASN A 94  ? 0.7152 0.6901 0.4423 -0.3000 0.0502  -0.0722 782 ASN A C   
476 O O   . ASN A 94  ? 0.7128 0.6613 0.4338 -0.2878 0.0639  -0.0839 782 ASN A O   
477 C CB  . ASN A 94  ? 0.8432 0.7923 0.5088 -0.3484 0.0605  -0.0892 782 ASN A CB  
478 C CG  . ASN A 94  ? 1.3307 1.2490 0.9812 -0.3371 0.0797  -0.1073 782 ASN A CG  
479 O OD1 . ASN A 94  ? 1.3084 1.2015 0.9593 -0.3230 0.0920  -0.1162 782 ASN A OD1 
480 N ND2 . ASN A 94  ? 1.2936 1.2131 0.9300 -0.3441 0.0832  -0.1126 782 ASN A ND2 
481 N N   . GLY A 95  ? 0.6129 0.6125 0.3700 -0.2870 0.0382  -0.0585 783 GLY A N   
482 C CA  . GLY A 95  ? 0.5693 0.5670 0.3520 -0.2587 0.0403  -0.0571 783 GLY A CA  
483 C C   . GLY A 95  ? 0.5964 0.5784 0.3788 -0.2400 0.0505  -0.0663 783 GLY A C   
484 O O   . GLY A 95  ? 0.5697 0.5462 0.3683 -0.2188 0.0540  -0.0668 783 GLY A O   
485 N N   . ILE A 96  ? 0.5843 0.5609 0.3491 -0.2480 0.0551  -0.0728 784 ILE A N   
486 C CA  . ILE A 96  ? 0.5757 0.5416 0.3437 -0.2299 0.0639  -0.0794 784 ILE A CA  
487 C C   . ILE A 96  ? 0.5713 0.5612 0.3589 -0.2242 0.0513  -0.0680 784 ILE A C   
488 O O   . ILE A 96  ? 0.5504 0.5596 0.3371 -0.2405 0.0401  -0.0592 784 ILE A O   
489 C CB  . ILE A 96  ? 0.6700 0.6155 0.4098 -0.2393 0.0787  -0.0939 784 ILE A CB  
490 C CG1 . ILE A 96  ? 0.6992 0.6145 0.4243 -0.2380 0.0943  -0.1066 784 ILE A CG1 
491 C CG2 . ILE A 96  ? 0.6940 0.6404 0.4397 -0.2256 0.0834  -0.0963 784 ILE A CG2 
492 C CD1 . ILE A 96  ? 0.8126 0.7103 0.5507 -0.2121 0.1055  -0.1110 784 ILE A CD1 
493 N N   . VAL A 97  ? 0.4707 0.4597 0.2765 -0.2020 0.0526  -0.0669 785 VAL A N   
494 C CA  . VAL A 97  ? 0.4842 0.4914 0.3074 -0.1952 0.0425  -0.0576 785 VAL A CA  
495 C C   . VAL A 97  ? 0.5164 0.5130 0.3350 -0.1838 0.0522  -0.0651 785 VAL A C   
496 O O   . VAL A 97  ? 0.5256 0.5060 0.3452 -0.1694 0.0626  -0.0719 785 VAL A O   
497 C CB  . VAL A 97  ? 0.5381 0.5583 0.3904 -0.1814 0.0324  -0.0472 785 VAL A CB  
498 C CG1 . VAL A 97  ? 0.5533 0.5593 0.4131 -0.1620 0.0405  -0.0527 785 VAL A CG1 
499 C CG2 . VAL A 97  ? 0.5284 0.5655 0.3978 -0.1770 0.0216  -0.0374 785 VAL A CG2 
500 N N   . ALA A 98  ? 0.4381 0.4453 0.2521 -0.1914 0.0488  -0.0628 786 ALA A N   
501 C CA  . ALA A 98  ? 0.4386 0.4400 0.2509 -0.1810 0.0570  -0.0679 786 ALA A CA  
502 C C   . ALA A 98  ? 0.4589 0.4739 0.2958 -0.1666 0.0464  -0.0578 786 ALA A C   
503 O O   . ALA A 98  ? 0.4571 0.4896 0.3052 -0.1727 0.0325  -0.0469 786 ALA A O   
504 C CB  . ALA A 98  ? 0.4705 0.4767 0.2632 -0.1983 0.0600  -0.0714 786 ALA A CB  
505 N N   . LEU A 99  ? 0.3851 0.3917 0.2313 -0.1478 0.0525  -0.0605 787 LEU A N   
506 C CA  . LEU A 99  ? 0.3614 0.3775 0.2276 -0.1349 0.0441  -0.0529 787 LEU A CA  
507 C C   . LEU A 99  ? 0.4274 0.4456 0.2904 -0.1318 0.0487  -0.0542 787 LEU A C   
508 O O   . LEU A 99  ? 0.4743 0.4806 0.3287 -0.1268 0.0620  -0.0621 787 LEU A O   
509 C CB  . LEU A 99  ? 0.3527 0.3592 0.2297 -0.1183 0.0473  -0.0543 787 LEU A CB  
510 C CG  . LEU A 99  ? 0.4371 0.4412 0.3184 -0.1194 0.0448  -0.0536 787 LEU A CG  
511 C CD1 . LEU A 99  ? 0.4372 0.4340 0.3285 -0.1037 0.0476  -0.0545 787 LEU A CD1 
512 C CD2 . LEU A 99  ? 0.4642 0.4847 0.3586 -0.1260 0.0311  -0.0441 787 LEU A CD2 
513 N N   . SER A 100 ? 0.3544 0.3883 0.2245 -0.1359 0.0381  -0.0461 788 SER A N   
514 C CA  . SER A 100 ? 0.3493 0.3884 0.2168 -0.1348 0.0416  -0.0461 788 SER A CA  
515 C C   . SER A 100 ? 0.3657 0.4125 0.2516 -0.1234 0.0329  -0.0382 788 SER A C   
516 O O   . SER A 100 ? 0.3645 0.4180 0.2635 -0.1232 0.0204  -0.0305 788 SER A O   
517 C CB  . SER A 100 ? 0.3788 0.4301 0.2340 -0.1537 0.0380  -0.0437 788 SER A CB  
518 O OG  . SER A 100 ? 0.6355 0.6770 0.4692 -0.1649 0.0495  -0.0538 788 SER A OG  
519 N N   . TYR A 101 ? 0.3419 0.3869 0.2295 -0.1136 0.0398  -0.0400 789 TYR A N   
520 C CA  . TYR A 101 ? 0.3078 0.3601 0.2103 -0.1047 0.0317  -0.0328 789 TYR A CA  
521 C C   . TYR A 101 ? 0.3524 0.4113 0.2534 -0.1023 0.0378  -0.0321 789 TYR A C   
522 O O   . TYR A 101 ? 0.3481 0.4026 0.2388 -0.1032 0.0512  -0.0390 789 TYR A O   
523 C CB  . TYR A 101 ? 0.3185 0.3617 0.2311 -0.0911 0.0312  -0.0332 789 TYR A CB  
524 C CG  . TYR A 101 ? 0.3288 0.3624 0.2385 -0.0806 0.0441  -0.0384 789 TYR A CG  
525 C CD1 . TYR A 101 ? 0.3615 0.3823 0.2619 -0.0807 0.0552  -0.0460 789 TYR A CD1 
526 C CD2 . TYR A 101 ? 0.3347 0.3722 0.2527 -0.0711 0.0444  -0.0343 789 TYR A CD2 
527 C CE1 . TYR A 101 ? 0.3789 0.3900 0.2797 -0.0704 0.0667  -0.0490 789 TYR A CE1 
528 C CE2 . TYR A 101 ? 0.3272 0.3581 0.2459 -0.0615 0.0557  -0.0365 789 TYR A CE2 
529 C CZ  . TYR A 101 ? 0.3723 0.3894 0.2833 -0.0606 0.0670  -0.0436 789 TYR A CZ  
530 O OH  . TYR A 101 ? 0.4002 0.4098 0.3144 -0.0505 0.0781  -0.0443 789 TYR A OH  
531 N N   . TYR A 102 ? 0.3020 0.3709 0.2139 -0.0995 0.0285  -0.0242 790 TYR A N   
532 C CA  . TYR A 102 ? 0.3019 0.3808 0.2147 -0.0981 0.0326  -0.0215 790 TYR A CA  
533 C C   . TYR A 102 ? 0.3354 0.4145 0.2607 -0.0853 0.0303  -0.0171 790 TYR A C   
534 O O   . TYR A 102 ? 0.3095 0.3923 0.2435 -0.0851 0.0177  -0.0106 790 TYR A O   
535 C CB  . TYR A 102 ? 0.3255 0.4195 0.2383 -0.1103 0.0220  -0.0140 790 TYR A CB  
536 C CG  . TYR A 102 ? 0.3246 0.4314 0.2373 -0.1114 0.0263  -0.0109 790 TYR A CG  
537 C CD1 . TYR A 102 ? 0.3619 0.4731 0.2617 -0.1188 0.0385  -0.0164 790 TYR A CD1 
538 C CD2 . TYR A 102 ? 0.3210 0.4366 0.2458 -0.1066 0.0179  -0.0023 790 TYR A CD2 
539 C CE1 . TYR A 102 ? 0.3667 0.4918 0.2676 -0.1200 0.0434  -0.0133 790 TYR A CE1 
540 C CE2 . TYR A 102 ? 0.3501 0.4805 0.2760 -0.1091 0.0208  0.0021  790 TYR A CE2 
541 C CZ  . TYR A 102 ? 0.3955 0.5316 0.3102 -0.1153 0.0337  -0.0032 790 TYR A CZ  
542 O OH  . TYR A 102 ? 0.4242 0.5762 0.3407 -0.1172 0.0384  0.0008  790 TYR A OH  
543 N N   . PRO A 103 ? 0.3193 0.3934 0.2460 -0.0750 0.0422  -0.0202 791 PRO A N   
544 C CA  . PRO A 103 ? 0.3086 0.3851 0.2467 -0.0645 0.0392  -0.0143 791 PRO A CA  
545 C C   . PRO A 103 ? 0.3684 0.4616 0.3129 -0.0655 0.0366  -0.0065 791 PRO A C   
546 O O   . PRO A 103 ? 0.3660 0.4651 0.3107 -0.0634 0.0482  -0.0072 791 PRO A O   
547 C CB  . PRO A 103 ? 0.3500 0.4161 0.2883 -0.0545 0.0525  -0.0186 791 PRO A CB  
548 C CG  . PRO A 103 ? 0.4224 0.4836 0.3505 -0.0590 0.0659  -0.0266 791 PRO A CG  
549 C CD  . PRO A 103 ? 0.3798 0.4459 0.2983 -0.0732 0.0591  -0.0283 791 PRO A CD  
550 N N   . SER A 104 ? 0.3209 0.4210 0.2710 -0.0690 0.0225  0.0008  792 SER A N   
551 C CA  . SER A 104 ? 0.3130 0.4301 0.2687 -0.0721 0.0183  0.0093  792 SER A CA  
552 C C   . SER A 104 ? 0.3802 0.5047 0.3455 -0.0631 0.0214  0.0154  792 SER A C   
553 O O   . SER A 104 ? 0.3968 0.5373 0.3679 -0.0639 0.0228  0.0221  792 SER A O   
554 C CB  . SER A 104 ? 0.3346 0.4549 0.2927 -0.0805 0.0019  0.0150  792 SER A CB  
555 O OG  . SER A 104 ? 0.3785 0.4924 0.3419 -0.0763 -0.0064 0.0173  792 SER A OG  
556 N N   . ILE A 105 ? 0.3563 0.4711 0.3241 -0.0552 0.0214  0.0146  793 ILE A N   
557 C CA  . ILE A 105 ? 0.3653 0.4880 0.3426 -0.0480 0.0220  0.0225  793 ILE A CA  
558 C C   . ILE A 105 ? 0.3908 0.5050 0.3706 -0.0375 0.0344  0.0196  793 ILE A C   
559 O O   . ILE A 105 ? 0.3392 0.4377 0.3115 -0.0364 0.0393  0.0108  793 ILE A O   
560 C CB  . ILE A 105 ? 0.4085 0.5310 0.3867 -0.0514 0.0072  0.0275  793 ILE A CB  
561 C CG1 . ILE A 105 ? 0.3929 0.4970 0.3640 -0.0509 0.0041  0.0198  793 ILE A CG1 
562 C CG2 . ILE A 105 ? 0.4580 0.5893 0.4362 -0.0614 -0.0043 0.0322  793 ILE A CG2 
563 C CD1 . ILE A 105 ? 0.4180 0.5199 0.3884 -0.0533 -0.0067 0.0231  793 ILE A CD1 
564 N N   . GLU A 106 ? 0.3611 0.4865 0.3529 -0.0302 0.0392  0.0287  794 GLU A N   
565 C CA  . GLU A 106 ? 0.3555 0.4742 0.3535 -0.0196 0.0504  0.0291  794 GLU A CA  
566 C C   . GLU A 106 ? 0.3864 0.4963 0.3811 -0.0187 0.0423  0.0302  794 GLU A C   
567 O O   . GLU A 106 ? 0.3953 0.5094 0.3869 -0.0250 0.0290  0.0336  794 GLU A O   
568 C CB  . GLU A 106 ? 0.3808 0.5176 0.3967 -0.0118 0.0569  0.0415  794 GLU A CB  
569 C CG  . GLU A 106 ? 0.5324 0.6888 0.5558 -0.0162 0.0432  0.0547  794 GLU A CG  
570 C CD  . GLU A 106 ? 0.8795 1.0522 0.9046 -0.0232 0.0398  0.0579  794 GLU A CD  
571 O OE1 . GLU A 106 ? 0.6022 0.7692 0.6147 -0.0327 0.0326  0.0509  794 GLU A OE1 
572 O OE2 . GLU A 106 ? 0.8833 1.0759 0.9237 -0.0194 0.0438  0.0689  794 GLU A OE2 
573 N N   . GLY A 107 ? 0.3207 0.4189 0.3162 -0.0115 0.0510  0.0279  795 GLY A N   
574 C CA  . GLY A 107 ? 0.3147 0.4064 0.3074 -0.0108 0.0448  0.0300  795 GLY A CA  
575 C C   . GLY A 107 ? 0.3561 0.4281 0.3379 -0.0109 0.0483  0.0192  795 GLY A C   
576 O O   . GLY A 107 ? 0.3475 0.4087 0.3246 -0.0102 0.0576  0.0102  795 GLY A O   
577 N N   . SER A 108 ? 0.3248 0.3930 0.3017 -0.0129 0.0409  0.0202  796 SER A N   
578 C CA  . SER A 108 ? 0.3247 0.3770 0.2930 -0.0127 0.0439  0.0123  796 SER A CA  
579 C C   . SER A 108 ? 0.3560 0.3997 0.3134 -0.0198 0.0385  0.0013  796 SER A C   
580 O O   . SER A 108 ? 0.3330 0.3782 0.2865 -0.0247 0.0292  0.0010  796 SER A O   
581 C CB  . SER A 108 ? 0.3378 0.3918 0.3063 -0.0117 0.0397  0.0196  796 SER A CB  
582 O OG  . SER A 108 ? 0.3406 0.3804 0.3031 -0.0101 0.0451  0.0137  796 SER A OG  
583 N N   . TYR A 109 ? 0.2948 0.3298 0.2482 -0.0208 0.0449  -0.0070 797 TYR A N   
584 C CA  . TYR A 109 ? 0.2768 0.3053 0.2232 -0.0272 0.0403  -0.0154 797 TYR A CA  
585 C C   . TYR A 109 ? 0.3429 0.3597 0.2838 -0.0266 0.0426  -0.0207 797 TYR A C   
586 O O   . TYR A 109 ? 0.3531 0.3644 0.2940 -0.0220 0.0499  -0.0196 797 TYR A O   
587 C CB  . TYR A 109 ? 0.2766 0.3040 0.2203 -0.0310 0.0452  -0.0203 797 TYR A CB  
588 C CG  . TYR A 109 ? 0.2913 0.3314 0.2386 -0.0345 0.0406  -0.0161 797 TYR A CG  
589 C CD1 . TYR A 109 ? 0.2926 0.3430 0.2471 -0.0302 0.0434  -0.0087 797 TYR A CD1 
590 C CD2 . TYR A 109 ? 0.3023 0.3450 0.2474 -0.0425 0.0333  -0.0180 797 TYR A CD2 
591 C CE1 . TYR A 109 ? 0.2974 0.3608 0.2552 -0.0342 0.0396  -0.0045 797 TYR A CE1 
592 C CE2 . TYR A 109 ? 0.2775 0.3323 0.2255 -0.0468 0.0286  -0.0132 797 TYR A CE2 
593 C CZ  . TYR A 109 ? 0.3456 0.4106 0.2993 -0.0429 0.0319  -0.0069 797 TYR A CZ  
594 O OH  . TYR A 109 ? 0.3436 0.4217 0.3000 -0.0478 0.0277  -0.0021 797 TYR A OH  
595 N N   . THR A 110 ? 0.3211 0.3349 0.2593 -0.0313 0.0370  -0.0260 798 THR A N   
596 C CA  . THR A 110 ? 0.3016 0.3065 0.2357 -0.0315 0.0393  -0.0310 798 THR A CA  
597 C C   . THR A 110 ? 0.3504 0.3516 0.2830 -0.0360 0.0406  -0.0366 798 THR A C   
598 O O   . THR A 110 ? 0.3478 0.3541 0.2837 -0.0403 0.0347  -0.0366 798 THR A O   
599 C CB  . THR A 110 ? 0.3674 0.3727 0.3012 -0.0330 0.0328  -0.0323 798 THR A CB  
600 O OG1 . THR A 110 ? 0.3863 0.3974 0.3198 -0.0317 0.0297  -0.0262 798 THR A OG1 
601 C CG2 . THR A 110 ? 0.3863 0.3845 0.3161 -0.0328 0.0367  -0.0371 798 THR A CG2 
602 N N   . LEU A 111 ? 0.3406 0.3336 0.2688 -0.0362 0.0474  -0.0404 799 LEU A N   
603 C CA  . LEU A 111 ? 0.3365 0.3270 0.2624 -0.0424 0.0482  -0.0448 799 LEU A CA  
604 C C   . LEU A 111 ? 0.3583 0.3446 0.2838 -0.0430 0.0486  -0.0477 799 LEU A C   
605 O O   . LEU A 111 ? 0.3573 0.3381 0.2797 -0.0393 0.0534  -0.0478 799 LEU A O   
606 C CB  . LEU A 111 ? 0.3534 0.3371 0.2722 -0.0441 0.0574  -0.0472 799 LEU A CB  
607 C CG  . LEU A 111 ? 0.3884 0.3680 0.3008 -0.0528 0.0593  -0.0520 799 LEU A CG  
608 C CD1 . LEU A 111 ? 0.3825 0.3721 0.2970 -0.0609 0.0514  -0.0507 799 LEU A CD1 
609 C CD2 . LEU A 111 ? 0.4238 0.3921 0.3266 -0.0545 0.0705  -0.0560 799 LEU A CD2 
610 N N   . ASN A 112 ? 0.3210 0.3114 0.2513 -0.0475 0.0439  -0.0491 800 ASN A N   
611 C CA  . ASN A 112 ? 0.3066 0.2949 0.2383 -0.0487 0.0455  -0.0517 800 ASN A CA  
612 C C   . ASN A 112 ? 0.3577 0.3500 0.2920 -0.0565 0.0431  -0.0515 800 ASN A C   
613 O O   . ASN A 112 ? 0.3451 0.3445 0.2851 -0.0600 0.0370  -0.0486 800 ASN A O   
614 C CB  . ASN A 112 ? 0.2979 0.2885 0.2363 -0.0448 0.0427  -0.0526 800 ASN A CB  
615 C CG  . ASN A 112 ? 0.4308 0.4186 0.3677 -0.0444 0.0477  -0.0555 800 ASN A CG  
616 O OD1 . ASN A 112 ? 0.3665 0.3508 0.2984 -0.0473 0.0521  -0.0560 800 ASN A OD1 
617 N ND2 . ASN A 112 ? 0.3872 0.3759 0.3270 -0.0415 0.0478  -0.0579 800 ASN A ND2 
618 N N   . ILE A 113 ? 0.3311 0.3199 0.2610 -0.0607 0.0475  -0.0535 801 ILE A N   
619 C CA  . ILE A 113 ? 0.3167 0.3115 0.2486 -0.0701 0.0445  -0.0519 801 ILE A CA  
620 C C   . ILE A 113 ? 0.3843 0.3816 0.3228 -0.0700 0.0457  -0.0521 801 ILE A C   
621 O O   . ILE A 113 ? 0.3546 0.3444 0.2862 -0.0678 0.0519  -0.0549 801 ILE A O   
622 C CB  . ILE A 113 ? 0.3771 0.3649 0.2943 -0.0784 0.0495  -0.0543 801 ILE A CB  
623 C CG1 . ILE A 113 ? 0.3963 0.3812 0.3070 -0.0771 0.0513  -0.0552 801 ILE A CG1 
624 C CG2 . ILE A 113 ? 0.3887 0.3849 0.3063 -0.0913 0.0447  -0.0516 801 ILE A CG2 
625 C CD1 . ILE A 113 ? 0.4486 0.4197 0.3440 -0.0801 0.0619  -0.0605 801 ILE A CD1 
626 N N   . LEU A 114 ? 0.3707 0.3793 0.3244 -0.0716 0.0397  -0.0481 802 LEU A N   
627 C CA  . LEU A 114 ? 0.3686 0.3831 0.3334 -0.0704 0.0409  -0.0474 802 LEU A CA  
628 C C   . LEU A 114 ? 0.4069 0.4316 0.3773 -0.0807 0.0373  -0.0420 802 LEU A C   
629 O O   . LEU A 114 ? 0.4067 0.4401 0.3837 -0.0864 0.0301  -0.0362 802 LEU A O   
630 C CB  . LEU A 114 ? 0.3667 0.3866 0.3493 -0.0625 0.0383  -0.0465 802 LEU A CB  
631 C CG  . LEU A 114 ? 0.4472 0.4598 0.4266 -0.0544 0.0393  -0.0506 802 LEU A CG  
632 C CD1 . LEU A 114 ? 0.4660 0.4820 0.4629 -0.0487 0.0382  -0.0512 802 LEU A CD1 
633 C CD2 . LEU A 114 ? 0.4956 0.4993 0.4607 -0.0512 0.0462  -0.0557 802 LEU A CD2 
634 N N   . VAL A 115 ? 0.3773 0.4023 0.3449 -0.0843 0.0417  -0.0428 803 VAL A N   
635 C CA  . VAL A 115 ? 0.3675 0.4041 0.3409 -0.0953 0.0379  -0.0367 803 VAL A CA  
636 C C   . VAL A 115 ? 0.3567 0.4043 0.3506 -0.0895 0.0394  -0.0341 803 VAL A C   
637 O O   . VAL A 115 ? 0.3465 0.3884 0.3364 -0.0841 0.0467  -0.0393 803 VAL A O   
638 C CB  . VAL A 115 ? 0.4466 0.4743 0.3993 -0.1063 0.0420  -0.0396 803 VAL A CB  
639 C CG1 . VAL A 115 ? 0.4573 0.4981 0.4173 -0.1169 0.0393  -0.0334 803 VAL A CG1 
640 C CG2 . VAL A 115 ? 0.4527 0.4730 0.3888 -0.1145 0.0406  -0.0414 803 VAL A CG2 
641 N N   . LYS A 116 ? 0.3205 0.3841 0.3373 -0.0899 0.0330  -0.0257 804 LYS A N   
642 C CA  . LYS A 116 ? 0.3336 0.4095 0.3753 -0.0833 0.0353  -0.0223 804 LYS A CA  
643 C C   . LYS A 116 ? 0.3799 0.4459 0.4231 -0.0697 0.0429  -0.0313 804 LYS A C   
644 O O   . LYS A 116 ? 0.3771 0.4460 0.4273 -0.0650 0.0502  -0.0342 804 LYS A O   
645 C CB  . LYS A 116 ? 0.3788 0.4639 0.4219 -0.0906 0.0380  -0.0191 804 LYS A CB  
646 C CG  . LYS A 116 ? 0.4431 0.5406 0.4864 -0.1061 0.0296  -0.0091 804 LYS A CG  
647 C CD  . LYS A 116 ? 0.4456 0.5500 0.4863 -0.1144 0.0329  -0.0071 804 LYS A CD  
648 C CE  . LYS A 116 ? 0.5433 0.6597 0.5807 -0.1326 0.0243  0.0026  804 LYS A CE  
649 N NZ  . LYS A 116 ? 0.6530 0.7714 0.6809 -0.1428 0.0277  0.0029  804 LYS A NZ  
650 N N   . GLY A 117 ? 0.3429 0.3975 0.3770 -0.0652 0.0414  -0.0357 805 GLY A N   
651 C CA  . GLY A 117 ? 0.3262 0.3711 0.3587 -0.0548 0.0472  -0.0438 805 GLY A CA  
652 C C   . GLY A 117 ? 0.3632 0.3967 0.3735 -0.0539 0.0539  -0.0514 805 GLY A C   
653 O O   . GLY A 117 ? 0.3604 0.3876 0.3675 -0.0476 0.0587  -0.0577 805 GLY A O   
654 N N   . THR A 118 ? 0.3233 0.3532 0.3180 -0.0610 0.0544  -0.0506 806 THR A N   
655 C CA  . THR A 118 ? 0.3219 0.3406 0.2975 -0.0602 0.0604  -0.0557 806 THR A CA  
656 C C   . THR A 118 ? 0.3428 0.3504 0.3017 -0.0626 0.0587  -0.0560 806 THR A C   
657 O O   . THR A 118 ? 0.3270 0.3350 0.2824 -0.0699 0.0557  -0.0532 806 THR A O   
658 C CB  . THR A 118 ? 0.3733 0.3953 0.3460 -0.0660 0.0650  -0.0547 806 THR A CB  
659 O OG1 . THR A 118 ? 0.3952 0.4286 0.3843 -0.0627 0.0684  -0.0548 806 THR A OG1 
660 C CG2 . THR A 118 ? 0.3643 0.3738 0.3176 -0.0664 0.0704  -0.0579 806 THR A CG2 
661 N N   . PRO A 119 ? 0.3318 0.3299 0.2798 -0.0574 0.0612  -0.0591 807 PRO A N   
662 C CA  . PRO A 119 ? 0.3401 0.3285 0.2754 -0.0584 0.0610  -0.0586 807 PRO A CA  
663 C C   . PRO A 119 ? 0.4118 0.3930 0.3365 -0.0653 0.0649  -0.0585 807 PRO A C   
664 O O   . PRO A 119 ? 0.4005 0.3805 0.3227 -0.0672 0.0691  -0.0587 807 PRO A O   
665 C CB  . PRO A 119 ? 0.3682 0.3506 0.2968 -0.0519 0.0636  -0.0598 807 PRO A CB  
666 C CG  . PRO A 119 ? 0.4207 0.4099 0.3581 -0.0481 0.0626  -0.0621 807 PRO A CG  
667 C CD  . PRO A 119 ? 0.3737 0.3706 0.3212 -0.0511 0.0642  -0.0625 807 PRO A CD  
668 N N   . ILE A 120 ? 0.3600 0.3362 0.2779 -0.0700 0.0642  -0.0584 808 ILE A N   
669 C CA  . ILE A 120 ? 0.3874 0.3533 0.2931 -0.0776 0.0692  -0.0598 808 ILE A CA  
670 C C   . ILE A 120 ? 0.4442 0.3959 0.3411 -0.0723 0.0761  -0.0610 808 ILE A C   
671 O O   . ILE A 120 ? 0.4087 0.3609 0.3087 -0.0636 0.0759  -0.0596 808 ILE A O   
672 C CB  . ILE A 120 ? 0.4169 0.3810 0.3160 -0.0861 0.0677  -0.0609 808 ILE A CB  
673 C CG1 . ILE A 120 ? 0.4274 0.3864 0.3233 -0.0802 0.0689  -0.0621 808 ILE A CG1 
674 C CG2 . ILE A 120 ? 0.4233 0.4039 0.3328 -0.0932 0.0595  -0.0569 808 ILE A CG2 
675 C CD1 . ILE A 120 ? 0.4298 0.3833 0.3145 -0.0891 0.0711  -0.0650 808 ILE A CD1 
676 N N   . SER A 121 ? 0.4554 0.3939 0.3415 -0.0783 0.0820  -0.0626 809 SER A N   
677 C CA  . SER A 121 ? 0.4674 0.3914 0.3480 -0.0728 0.0888  -0.0619 809 SER A CA  
678 C C   . SER A 121 ? 0.5003 0.4204 0.3822 -0.0647 0.0904  -0.0613 809 SER A C   
679 O O   . SER A 121 ? 0.4950 0.4144 0.3745 -0.0675 0.0906  -0.0642 809 SER A O   
680 C CB  . SER A 121 ? 0.5770 0.4846 0.4463 -0.0809 0.0955  -0.0643 809 SER A CB  
681 O OG  . SER A 121 ? 0.7756 0.6754 0.6370 -0.0868 0.0982  -0.0691 809 SER A OG  
682 N N   . GLY A 122 ? 0.4648 0.3852 0.3510 -0.0559 0.0909  -0.0569 810 GLY A N   
683 C CA  . GLY A 122 ? 0.4650 0.3840 0.3547 -0.0480 0.0922  -0.0543 810 GLY A CA  
684 C C   . GLY A 122 ? 0.4986 0.4323 0.3952 -0.0444 0.0847  -0.0530 810 GLY A C   
685 O O   . GLY A 122 ? 0.4956 0.4306 0.3960 -0.0384 0.0851  -0.0499 810 GLY A O   
686 N N   . CYS A 123 ? 0.4335 0.3784 0.3334 -0.0477 0.0781  -0.0549 811 CYS A N   
687 C CA  . CYS A 123 ? 0.3847 0.3413 0.2916 -0.0450 0.0711  -0.0540 811 CYS A CA  
688 C C   . CYS A 123 ? 0.4213 0.3847 0.3315 -0.0421 0.0678  -0.0530 811 CYS A C   
689 O O   . CYS A 123 ? 0.4270 0.3900 0.3356 -0.0442 0.0700  -0.0541 811 CYS A O   
690 C CB  . CYS A 123 ? 0.3734 0.3365 0.2836 -0.0508 0.0666  -0.0566 811 CYS A CB  
691 S SG  . CYS A 123 ? 0.4391 0.3973 0.3431 -0.0554 0.0694  -0.0581 811 CYS A SG  
692 N N   . PRO A 124 ? 0.3637 0.3333 0.2773 -0.0384 0.0631  -0.0512 812 PRO A N   
693 C CA  . PRO A 124 ? 0.3423 0.3147 0.2587 -0.0363 0.0599  -0.0490 812 PRO A CA  
694 C C   . PRO A 124 ? 0.4051 0.3731 0.3195 -0.0319 0.0641  -0.0438 812 PRO A C   
695 O O   . PRO A 124 ? 0.4150 0.3789 0.3269 -0.0301 0.0675  -0.0404 812 PRO A O   
696 C CB  . PRO A 124 ? 0.3530 0.3325 0.2726 -0.0351 0.0537  -0.0486 812 PRO A CB  
697 C CG  . PRO A 124 ? 0.4255 0.4043 0.3406 -0.0352 0.0559  -0.0493 812 PRO A CG  
698 C CD  . PRO A 124 ? 0.3841 0.3585 0.2979 -0.0377 0.0609  -0.0520 812 PRO A CD  
699 N N   . THR A 125 ? 0.3654 0.3351 0.2823 -0.0304 0.0640  -0.0422 813 THR A N   
700 C CA  . THR A 125 ? 0.3653 0.3316 0.2840 -0.0253 0.0695  -0.0369 813 THR A CA  
701 C C   . THR A 125 ? 0.4083 0.3839 0.3328 -0.0226 0.0662  -0.0329 813 THR A C   
702 O O   . THR A 125 ? 0.3849 0.3675 0.3103 -0.0260 0.0598  -0.0349 813 THR A O   
703 C CB  . THR A 125 ? 0.4877 0.4411 0.4021 -0.0267 0.0789  -0.0411 813 THR A CB  
704 O OG1 . THR A 125 ? 0.5173 0.4655 0.4360 -0.0202 0.0861  -0.0359 813 THR A OG1 
705 C CG2 . THR A 125 ? 0.5216 0.4757 0.4324 -0.0332 0.0788  -0.0474 813 THR A CG2 
706 N N   . THR A 126 ? 0.3703 0.3463 0.3003 -0.0167 0.0709  -0.0261 814 THR A N   
707 C CA  . THR A 126 ? 0.3610 0.3473 0.2983 -0.0135 0.0692  -0.0204 814 THR A CA  
708 C C   . THR A 126 ? 0.4307 0.4125 0.3689 -0.0127 0.0781  -0.0241 814 THR A C   
709 O O   . THR A 126 ? 0.4276 0.3961 0.3626 -0.0118 0.0878  -0.0281 814 THR A O   
710 C CB  . THR A 126 ? 0.4439 0.4364 0.3893 -0.0074 0.0687  -0.0085 814 THR A CB  
711 O OG1 . THR A 126 ? 0.4478 0.4466 0.3893 -0.0112 0.0593  -0.0062 814 THR A OG1 
712 C CG2 . THR A 126 ? 0.4326 0.4369 0.3893 -0.0028 0.0692  -0.0002 814 THR A CG2 
713 N N   . MET A 127 ? 0.3658 0.3583 0.3071 -0.0139 0.0751  -0.0229 815 MET A N   
714 C CA  . MET A 127 ? 0.3692 0.3608 0.3116 -0.0134 0.0841  -0.0255 815 MET A CA  
715 C C   . MET A 127 ? 0.4110 0.4180 0.3652 -0.0084 0.0822  -0.0160 815 MET A C   
716 O O   . MET A 127 ? 0.3810 0.4000 0.3368 -0.0113 0.0708  -0.0117 815 MET A O   
717 C CB  . MET A 127 ? 0.4083 0.4001 0.3411 -0.0230 0.0821  -0.0338 815 MET A CB  
718 C CG  . MET A 127 ? 0.4500 0.4311 0.3729 -0.0296 0.0808  -0.0410 815 MET A CG  
719 S SD  . MET A 127 ? 0.4863 0.4713 0.4002 -0.0426 0.0760  -0.0472 815 MET A SD  
720 C CE  . MET A 127 ? 0.4251 0.4267 0.3475 -0.0433 0.0610  -0.0404 815 MET A CE  
721 N N   . ASP A 128 ? 0.3781 0.3841 0.3416 -0.0007 0.0936  -0.0123 816 ASP A N   
722 C CA  . ASP A 128 ? 0.3634 0.3859 0.3411 0.0049  0.0931  -0.0014 816 ASP A CA  
723 C C   . ASP A 128 ? 0.4159 0.4442 0.3927 0.0021  0.0990  -0.0059 816 ASP A C   
724 O O   . ASP A 128 ? 0.4170 0.4347 0.3917 0.0037  0.1134  -0.0131 816 ASP A O   
725 C CB  . ASP A 128 ? 0.4036 0.4242 0.3965 0.0161  0.1023  0.0080  816 ASP A CB  
726 C CG  . ASP A 128 ? 0.5090 0.5293 0.5031 0.0171  0.0938  0.0156  816 ASP A CG  
727 O OD1 . ASP A 128 ? 0.5096 0.5426 0.5019 0.0125  0.0804  0.0210  816 ASP A OD1 
728 O OD2 . ASP A 128 ? 0.5342 0.5402 0.5283 0.0208  0.1006  0.0149  816 ASP A OD2 
729 N N   . ILE A 129 ? 0.3344 0.3787 0.3116 -0.0033 0.0883  -0.0023 817 ILE A N   
730 C CA  . ILE A 129 ? 0.3193 0.3727 0.2954 -0.0076 0.0921  -0.0049 817 ILE A CA  
731 C C   . ILE A 129 ? 0.4086 0.4796 0.4023 -0.0003 0.0955  0.0067  817 ILE A C   
732 O O   . ILE A 129 ? 0.3723 0.4569 0.3744 0.0006  0.0842  0.0179  817 ILE A O   
733 C CB  . ILE A 129 ? 0.3363 0.3960 0.3026 -0.0192 0.0779  -0.0073 817 ILE A CB  
734 C CG1 . ILE A 129 ? 0.3595 0.4038 0.3114 -0.0262 0.0756  -0.0176 817 ILE A CG1 
735 C CG2 . ILE A 129 ? 0.3254 0.3994 0.2919 -0.0250 0.0783  -0.0063 817 ILE A CG2 
736 C CD1 . ILE A 129 ? 0.6385 0.6743 0.5798 -0.0319 0.0849  -0.0272 817 ILE A CD1 
737 N N   . ARG A 130 ? 0.3996 0.4708 0.3983 0.0038  0.1112  0.0038  818 ARG A N   
738 C CA  . ARG A 130 ? 0.4047 0.4934 0.4233 0.0120  0.1177  0.0148  818 ARG A CA  
739 C C   . ARG A 130 ? 0.4837 0.5862 0.4991 0.0051  0.1202  0.0121  818 ARG A C   
740 O O   . ARG A 130 ? 0.4636 0.5578 0.4614 -0.0045 0.1224  0.0000  818 ARG A O   
741 C CB  . ARG A 130 ? 0.4372 0.5148 0.4689 0.0248  0.1368  0.0149  818 ARG A CB  
742 C CG  . ARG A 130 ? 0.6383 0.7039 0.6630 0.0242  0.1567  0.0010  818 ARG A CG  
743 C CD  . ARG A 130 ? 0.7892 0.8379 0.8258 0.0366  0.1765  -0.0010 818 ARG A CD  
744 N NE  . ARG A 130 ? 0.9349 0.9567 0.9550 0.0330  0.1789  -0.0124 818 ARG A NE  
745 C CZ  . ARG A 130 ? 1.0280 1.0302 1.0297 0.0260  0.1914  -0.0292 818 ARG A CZ  
746 N NH1 . ARG A 130 ? 0.6824 0.6882 0.6788 0.0217  0.2037  -0.0376 818 ARG A NH1 
747 N NH2 . ARG A 130 ? 0.9202 0.8997 0.9076 0.0219  0.1918  -0.0378 818 ARG A NH2 
748 N N   . ARG A 131 ? 0.4965 0.6217 0.5291 0.0092  0.1200  0.0242  819 ARG A N   
749 C CA  . ARG A 131 ? 0.5134 0.6541 0.5443 0.0025  0.1231  0.0230  819 ARG A CA  
750 C C   . ARG A 131 ? 0.6075 0.7401 0.6372 0.0059  0.1467  0.0118  819 ARG A C   
751 O O   . ARG A 131 ? 0.6300 0.7679 0.6483 -0.0037 0.1507  0.0047  819 ARG A O   
752 C CB  . ARG A 131 ? 0.5357 0.7045 0.5851 0.0045  0.1146  0.0401  819 ARG A CB  
753 C CG  . ARG A 131 ? 0.7441 0.9299 0.8137 0.0131  0.1311  0.0463  819 ARG A CG  
754 C CD  . ARG A 131 ? 0.9184 1.1333 1.0080 0.0148  0.1205  0.0657  819 ARG A CD  
755 N NE  . ARG A 131 ? 1.0486 1.2661 1.1560 0.0251  0.1167  0.0792  819 ARG A NE  
756 C CZ  . ARG A 131 ? 1.2215 1.4405 1.3248 0.0202  0.0975  0.0870  819 ARG A CZ  
757 N NH1 . ARG A 131 ? 1.0356 1.2521 1.1196 0.0066  0.0810  0.0823  819 ARG A NH1 
758 N NH2 . ARG A 131 ? 1.0663 1.2891 1.1850 0.0282  0.0949  0.0998  819 ARG A NH2 
759 N N   . GLY A 132 ? 0.5729 0.6912 0.6130 0.0184  0.1618  0.0103  820 GLY A N   
760 C CA  . GLY A 132 ? 0.9842 1.0892 1.0259 0.0242  0.1870  -0.0005 820 GLY A CA  
761 C C   . GLY A 132 ? 1.4923 1.5952 1.5142 0.0120  0.1971  -0.0155 820 GLY A C   
762 O O   . GLY A 132 ? 1.0621 1.1442 1.0609 0.0028  0.2005  -0.0304 820 GLY A O   
# 
